data_7PHW
#
_entry.id   7PHW
#
_cell.length_a   103.057
_cell.length_b   80.316
_cell.length_c   114.910
_cell.angle_alpha   90.000
_cell.angle_beta   115.230
_cell.angle_gamma   90.000
#
_symmetry.space_group_name_H-M   'P 1 21 1'
#
loop_
_entity.id
_entity.type
_entity.pdbx_description
1 polymer 'Cysteine-rich protective antigen'
2 polymer 'Monoclonal antibody Cy.004 heavy chain'
3 polymer 'Monoclonal antibody Cy.004 light chain'
4 non-polymer 'CALCIUM ION'
#
loop_
_entity_poly.entity_id
_entity_poly.type
_entity_poly.pdbx_seq_one_letter_code
_entity_poly.pdbx_strand_id
1 'polypeptide(L)'
;DSRHVFIRTELSFIKNNVPCIRDMFFIYKRELYNICLDDLKGEEDETHIYVQKKVKDSWITLNDLFKETDLTGRPHIFAY
VDVEEIIILLCEDEEFSNRKKDMTCHRFYSNDGKEYNNAEITISDYILKDKLLSSYVSLPLKIENREYFLICGVSPYKFK
DDNKKDDILCMASHDKGETWGTKIVIKYDNYKLGVQYFFLRPYISKNDLSFHFYVGDNINNVKNVNFIECTHEKDLEFVC
SNRDFLKDNKVLQDVSTLNDEYIVSYGNDNNFAECYIFFNNENSILIKPEKYGNTAAGCYGGTFVKIDENRALFIYSSSQ
GIYNIHTIYYANYEGGGGSEPEA
;
A,D
2 'polypeptide(L)'
;AVTLDESGGGLQTPGGALSLVCKASGFDFSSYAMGWVRQAPGKGLEYVAGIRNDGSFTLYTPAVKGRATISRDNGQSTVR
LQLNNLRAEDTATYFCTKSADDGGHYSDFSGEIDAWGHGTEVIVSSASTKGPSVFPLAPSSKSTSGGTAALGCLVKDYFP
EPVTVSWNSGALTSGVHTFPAVLQSSGLYSLSSVVTVPSSSLGTQTYICNVNHKPSNTKVDKKVEPKSCDKTHTCPPCPA
PELLGGPSVFLFPPKPKDTLMISRTPEVTCVVVDVSHEDPEVKFNWYVDGVEVHNAKTKPREEQYNSTYRVVSVLTVLHQ
D
;
B,E
3 'polypeptide(L)'
;ALTQPSSVSANPGETVKITCSGSTYNYGWYQQKSPGSAPVTVIYYNDKRPSDIPSRFSGSKSGSTGTLTITGVQAEDEAV
YYCGNSDSRNVAFGAGTTLTVLRTVAAPSVFIFPPSDEQLKSGTASVVCLLNNFYPREAKVQWKVDNALQSGNSQESVTE
QDSKDSTYSLSSTLTLSKADYEKHKVYACEVTHQGLSSPVTKSFNRGEC
;
C,F
#
# COMPACT_ATOMS: atom_id res chain seq x y z
N ARG A 3 -40.54 40.91 21.91
CA ARG A 3 -41.71 41.27 22.73
C ARG A 3 -42.61 40.08 23.07
N HIS A 4 -42.58 39.05 22.24
CA HIS A 4 -43.35 37.86 22.44
C HIS A 4 -42.52 36.77 21.84
N VAL A 5 -41.86 35.96 22.66
CA VAL A 5 -41.04 34.87 22.15
C VAL A 5 -41.54 33.58 22.75
N PHE A 6 -41.67 32.56 21.91
CA PHE A 6 -42.15 31.27 22.36
C PHE A 6 -41.16 30.19 21.94
N ILE A 7 -40.78 29.33 22.87
CA ILE A 7 -39.87 28.23 22.59
C ILE A 7 -40.44 27.00 23.26
N ARG A 8 -40.58 25.94 22.49
CA ARG A 8 -41.08 24.69 23.02
C ARG A 8 -40.25 23.56 22.42
N THR A 9 -39.65 22.72 23.28
CA THR A 9 -38.83 21.61 22.86
C THR A 9 -39.40 20.29 23.37
N GLU A 10 -39.34 19.23 22.55
CA GLU A 10 -39.85 17.94 22.96
C GLU A 10 -38.88 16.85 22.56
N LEU A 11 -38.37 16.08 23.52
CA LEU A 11 -37.45 14.99 23.22
C LEU A 11 -38.24 13.71 23.02
N SER A 12 -37.88 12.93 21.99
CA SER A 12 -38.50 11.65 21.76
C SER A 12 -37.48 10.60 21.26
N PHE A 13 -37.83 9.31 21.31
CA PHE A 13 -36.90 8.27 20.88
C PHE A 13 -37.47 7.38 19.80
N ILE A 14 -36.72 7.21 18.71
CA ILE A 14 -37.17 6.36 17.60
C ILE A 14 -36.19 5.18 17.47
N LYS A 15 -36.70 3.93 17.50
CA LYS A 15 -35.87 2.74 17.34
C LYS A 15 -35.59 2.49 15.84
N ASN A 16 -34.55 1.73 15.53
CA ASN A 16 -34.27 1.33 14.15
C ASN A 16 -33.66 -0.09 14.09
N ASN A 17 -34.31 -0.99 13.35
CA ASN A 17 -33.87 -2.36 13.18
C ASN A 17 -32.61 -2.49 12.29
N VAL A 18 -32.29 -1.42 11.51
CA VAL A 18 -31.14 -1.36 10.59
C VAL A 18 -30.00 -0.49 11.18
N PRO A 19 -28.77 -1.04 11.23
CA PRO A 19 -27.63 -0.24 11.71
C PRO A 19 -27.02 0.60 10.58
N CYS A 20 -27.66 1.72 10.23
CA CYS A 20 -27.22 2.61 9.15
C CYS A 20 -25.86 3.19 9.44
N ILE A 21 -24.96 3.11 8.46
CA ILE A 21 -23.62 3.71 8.53
C ILE A 21 -23.81 5.25 8.59
N ARG A 22 -24.70 5.77 7.74
CA ARG A 22 -25.04 7.16 7.66
C ARG A 22 -26.55 7.29 7.44
N ASP A 23 -27.12 8.32 8.08
CA ASP A 23 -28.52 8.70 7.96
C ASP A 23 -28.64 9.92 7.02
N MET A 24 -29.81 10.16 6.45
CA MET A 24 -30.06 11.27 5.55
C MET A 24 -31.51 11.59 5.67
N PHE A 25 -31.84 12.46 6.59
CA PHE A 25 -33.21 12.80 6.89
C PHE A 25 -33.80 13.79 5.91
N PHE A 26 -35.10 13.68 5.68
CA PHE A 26 -35.81 14.61 4.81
C PHE A 26 -37.31 14.70 5.16
N ILE A 27 -37.89 15.86 4.93
CA ILE A 27 -39.30 16.09 5.22
C ILE A 27 -40.06 16.00 3.91
N TYR A 28 -41.09 15.15 3.87
CA TYR A 28 -41.91 15.00 2.68
C TYR A 28 -43.32 14.96 3.16
N LYS A 29 -44.20 15.84 2.65
CA LYS A 29 -45.60 15.93 3.06
C LYS A 29 -45.74 16.01 4.58
N ARG A 30 -44.95 16.93 5.18
CA ARG A 30 -44.87 17.18 6.62
C ARG A 30 -44.42 15.95 7.45
N GLU A 31 -43.76 14.95 6.86
CA GLU A 31 -43.34 13.76 7.61
C GLU A 31 -41.85 13.45 7.49
N LEU A 32 -41.27 12.81 8.53
CA LEU A 32 -39.85 12.50 8.56
C LEU A 32 -39.51 11.22 7.85
N TYR A 33 -38.49 11.27 6.97
CA TYR A 33 -37.99 10.13 6.23
C TYR A 33 -36.46 10.01 6.45
N ASN A 34 -35.84 8.92 5.95
CA ASN A 34 -34.41 8.71 6.11
C ASN A 34 -33.89 7.86 4.97
N ILE A 35 -32.80 8.28 4.31
CA ILE A 35 -32.16 7.45 3.29
C ILE A 35 -31.01 6.77 4.01
N CYS A 36 -31.27 5.54 4.47
CA CYS A 36 -30.38 4.73 5.28
C CYS A 36 -29.42 3.89 4.48
N LEU A 37 -28.13 4.10 4.66
CA LEU A 37 -27.12 3.28 3.99
C LEU A 37 -26.76 2.14 4.94
N ASP A 38 -26.99 0.91 4.51
CA ASP A 38 -26.64 -0.27 5.30
C ASP A 38 -25.52 -1.03 4.60
N ASP A 39 -24.26 -0.87 5.04
CA ASP A 39 -23.15 -1.59 4.43
C ASP A 39 -22.27 -2.19 5.54
N LEU A 40 -22.81 -3.14 6.33
CA LEU A 40 -22.01 -3.71 7.41
C LEU A 40 -21.25 -4.93 6.89
N LYS A 41 -19.93 -4.97 7.12
CA LYS A 41 -19.10 -6.04 6.58
C LYS A 41 -19.31 -7.34 7.33
N GLY A 42 -19.63 -8.38 6.58
CA GLY A 42 -19.90 -9.70 7.13
C GLY A 42 -20.07 -10.76 6.06
N GLU A 43 -20.00 -12.03 6.47
CA GLU A 43 -20.10 -13.18 5.58
C GLU A 43 -21.45 -13.22 4.85
N GLU A 44 -22.53 -12.81 5.53
CA GLU A 44 -23.86 -12.82 4.90
C GLU A 44 -24.50 -11.42 4.77
N ASP A 45 -23.73 -10.34 5.02
CA ASP A 45 -24.27 -8.97 4.95
C ASP A 45 -24.12 -8.28 3.60
N GLU A 46 -25.25 -7.87 2.99
CA GLU A 46 -25.23 -7.21 1.69
C GLU A 46 -25.34 -5.68 1.85
N THR A 47 -24.99 -4.91 0.80
CA THR A 47 -25.15 -3.46 0.85
C THR A 47 -26.58 -3.13 0.47
N HIS A 48 -27.25 -2.23 1.20
CA HIS A 48 -28.62 -1.79 0.92
C HIS A 48 -28.73 -0.28 1.12
N ILE A 49 -29.70 0.35 0.47
CA ILE A 49 -30.01 1.77 0.64
C ILE A 49 -31.53 1.87 0.82
N TYR A 50 -31.94 1.97 2.06
CA TYR A 50 -33.35 1.95 2.41
C TYR A 50 -33.99 3.32 2.52
N VAL A 51 -35.18 3.52 1.93
CA VAL A 51 -35.93 4.75 2.16
C VAL A 51 -36.81 4.36 3.35
N GLN A 52 -36.68 5.06 4.48
CA GLN A 52 -37.42 4.73 5.69
C GLN A 52 -38.37 5.87 6.07
N LYS A 53 -39.35 5.59 6.94
CA LYS A 53 -40.29 6.60 7.37
C LYS A 53 -40.51 6.50 8.86
N LYS A 54 -40.36 7.61 9.58
CA LYS A 54 -40.55 7.62 11.00
C LYS A 54 -42.05 7.50 11.30
N VAL A 55 -42.45 6.42 11.95
CA VAL A 55 -43.83 6.23 12.38
C VAL A 55 -43.78 5.96 13.90
N LYS A 56 -44.59 6.69 14.70
CA LYS A 56 -44.62 6.54 16.16
C LYS A 56 -43.17 6.52 16.78
N ASP A 57 -42.75 5.40 17.40
CA ASP A 57 -41.43 5.29 17.98
C ASP A 57 -40.54 4.30 17.19
N SER A 58 -40.67 4.30 15.86
CA SER A 58 -39.92 3.38 15.03
C SER A 58 -39.67 3.90 13.62
N TRP A 59 -38.65 3.35 12.97
CA TRP A 59 -38.31 3.63 11.59
C TRP A 59 -38.91 2.49 10.74
N ILE A 60 -39.77 2.85 9.79
CA ILE A 60 -40.43 1.86 8.95
C ILE A 60 -39.70 1.78 7.59
N THR A 61 -39.14 0.60 7.24
CA THR A 61 -38.43 0.48 5.98
C THR A 61 -39.43 0.34 4.85
N LEU A 62 -39.39 1.26 3.89
CA LEU A 62 -40.32 1.23 2.76
C LEU A 62 -39.74 0.53 1.52
N ASN A 63 -38.65 1.06 1.01
CA ASN A 63 -38.07 0.57 -0.22
C ASN A 63 -36.59 0.37 -0.05
N ASP A 64 -36.01 -0.50 -0.87
CA ASP A 64 -34.58 -0.64 -0.95
C ASP A 64 -34.25 -0.22 -2.37
N LEU A 65 -33.58 0.92 -2.52
CA LEU A 65 -33.29 1.44 -3.83
C LEU A 65 -32.07 0.78 -4.45
N PHE A 66 -31.11 0.33 -3.65
CA PHE A 66 -29.87 -0.28 -4.14
C PHE A 66 -30.12 -1.52 -4.99
N LYS A 67 -31.08 -2.39 -4.59
CA LYS A 67 -31.39 -3.61 -5.32
C LYS A 67 -31.85 -3.36 -6.77
N GLU A 68 -32.34 -2.14 -7.07
CA GLU A 68 -32.76 -1.78 -8.43
C GLU A 68 -31.62 -1.15 -9.26
N THR A 69 -30.40 -1.07 -8.72
CA THR A 69 -29.25 -0.48 -9.42
C THR A 69 -28.18 -1.55 -9.81
N ASP A 70 -27.13 -1.14 -10.54
CA ASP A 70 -26.07 -2.05 -10.88
C ASP A 70 -24.78 -1.81 -10.05
N LEU A 71 -24.75 -0.79 -9.17
CA LEU A 71 -23.62 -0.43 -8.31
C LEU A 71 -23.14 -1.52 -7.38
N THR A 72 -21.82 -1.72 -7.24
CA THR A 72 -21.28 -2.75 -6.34
C THR A 72 -21.02 -2.21 -4.94
N GLY A 73 -20.69 -0.93 -4.80
CA GLY A 73 -20.39 -0.37 -3.50
C GLY A 73 -21.07 0.94 -3.17
N ARG A 74 -20.65 1.60 -2.08
CA ARG A 74 -21.28 2.83 -1.57
C ARG A 74 -21.25 4.01 -2.53
N PRO A 75 -22.44 4.51 -2.89
CA PRO A 75 -22.52 5.64 -3.85
C PRO A 75 -22.68 6.99 -3.17
N HIS A 76 -22.64 8.08 -3.96
CA HIS A 76 -22.94 9.41 -3.47
C HIS A 76 -24.44 9.54 -3.64
N ILE A 77 -25.17 9.88 -2.59
CA ILE A 77 -26.60 10.06 -2.69
C ILE A 77 -26.97 11.54 -2.74
N PHE A 78 -27.70 11.96 -3.74
CA PHE A 78 -28.18 13.33 -3.87
C PHE A 78 -29.71 13.27 -3.98
N ALA A 79 -30.38 13.70 -2.92
CA ALA A 79 -31.84 13.70 -2.87
C ALA A 79 -32.42 15.10 -2.99
N TYR A 80 -33.30 15.29 -3.97
CA TYR A 80 -33.94 16.58 -4.19
C TYR A 80 -35.43 16.46 -3.93
N VAL A 81 -35.97 17.28 -3.03
CA VAL A 81 -37.40 17.23 -2.73
C VAL A 81 -38.17 18.48 -3.15
N ASP A 82 -39.22 18.29 -3.95
CA ASP A 82 -40.07 19.42 -4.40
C ASP A 82 -41.43 19.43 -3.69
N VAL A 83 -42.43 20.11 -4.25
CA VAL A 83 -43.75 20.13 -3.59
C VAL A 83 -44.16 18.72 -3.16
N GLU A 84 -44.38 17.85 -4.16
CA GLU A 84 -44.78 16.47 -3.89
C GLU A 84 -43.83 15.43 -4.50
N GLU A 85 -42.71 15.90 -5.04
CA GLU A 85 -41.70 15.00 -5.67
C GLU A 85 -40.49 14.72 -4.98
N ILE A 86 -40.06 13.52 -5.27
CA ILE A 86 -38.82 13.06 -4.63
C ILE A 86 -37.92 12.56 -5.75
N ILE A 87 -36.68 13.06 -5.79
CA ILE A 87 -35.73 12.67 -6.81
C ILE A 87 -34.44 12.22 -6.12
N ILE A 88 -34.11 10.93 -6.20
CA ILE A 88 -32.92 10.42 -5.52
C ILE A 88 -31.91 9.92 -6.53
N LEU A 89 -30.63 10.38 -6.46
CA LEU A 89 -29.62 9.91 -7.40
C LEU A 89 -28.56 9.11 -6.65
N LEU A 90 -28.19 7.95 -7.17
CA LEU A 90 -27.14 7.14 -6.53
C LEU A 90 -25.95 7.12 -7.46
N CYS A 91 -24.97 7.99 -7.23
CA CYS A 91 -23.81 8.07 -8.10
C CYS A 91 -22.63 7.21 -7.68
N GLU A 92 -21.89 6.73 -8.68
CA GLU A 92 -20.73 5.89 -8.43
C GLU A 92 -19.58 6.73 -7.87
N ASP A 93 -19.10 6.34 -6.70
CA ASP A 93 -17.99 7.00 -6.03
C ASP A 93 -16.69 6.57 -6.67
N GLU A 94 -16.24 7.34 -7.65
CA GLU A 94 -15.01 7.03 -8.37
C GLU A 94 -13.83 7.65 -7.63
N GLU A 95 -12.82 6.84 -7.31
CA GLU A 95 -11.58 7.25 -6.64
C GLU A 95 -10.92 8.38 -7.47
N PHE A 96 -10.35 9.40 -6.81
CA PHE A 96 -9.77 10.54 -7.53
C PHE A 96 -8.80 10.17 -8.67
N SER A 97 -7.82 9.31 -8.38
CA SER A 97 -6.82 8.88 -9.37
C SER A 97 -7.46 8.15 -10.56
N ASN A 98 -8.46 7.29 -10.29
CA ASN A 98 -9.12 6.51 -11.33
C ASN A 98 -10.48 7.09 -11.73
N ARG A 99 -10.51 8.41 -11.97
CA ARG A 99 -11.72 9.13 -12.35
C ARG A 99 -11.87 9.21 -13.88
N LYS A 100 -12.88 8.53 -14.40
CA LYS A 100 -13.20 8.50 -15.83
C LYS A 100 -13.98 9.80 -16.21
N LYS A 101 -13.93 10.24 -17.47
CA LYS A 101 -14.54 11.51 -17.87
C LYS A 101 -16.08 11.63 -17.72
N ASP A 102 -16.82 10.52 -17.66
CA ASP A 102 -18.29 10.59 -17.50
C ASP A 102 -18.71 10.08 -16.10
N MET A 103 -19.87 10.52 -15.57
CA MET A 103 -20.37 10.02 -14.28
C MET A 103 -21.67 9.20 -14.40
N THR A 104 -21.65 7.94 -13.94
CA THR A 104 -22.84 7.10 -13.99
C THR A 104 -23.61 7.14 -12.68
N CYS A 105 -24.87 7.58 -12.73
CA CYS A 105 -25.77 7.65 -11.57
C CYS A 105 -26.99 6.81 -11.83
N HIS A 106 -27.68 6.38 -10.77
CA HIS A 106 -28.95 5.67 -10.95
C HIS A 106 -30.03 6.59 -10.34
N ARG A 107 -30.84 7.23 -11.20
CA ARG A 107 -31.90 8.16 -10.80
C ARG A 107 -33.17 7.42 -10.37
N PHE A 108 -33.91 8.01 -9.42
CA PHE A 108 -35.15 7.50 -8.87
C PHE A 108 -36.11 8.65 -8.77
N TYR A 109 -37.32 8.51 -9.28
CA TYR A 109 -38.32 9.56 -9.23
C TYR A 109 -39.60 9.02 -8.61
N SER A 110 -40.28 9.79 -7.75
CA SER A 110 -41.58 9.40 -7.17
C SER A 110 -42.42 10.65 -6.94
N ASN A 111 -43.75 10.56 -7.12
CA ASN A 111 -44.62 11.68 -6.77
C ASN A 111 -45.64 11.32 -5.65
N ASP A 112 -45.40 10.23 -4.92
CA ASP A 112 -46.26 9.83 -3.81
C ASP A 112 -45.49 9.52 -2.54
N GLY A 113 -44.20 9.22 -2.68
CA GLY A 113 -43.35 8.85 -1.55
C GLY A 113 -43.48 7.39 -1.19
N LYS A 114 -43.98 6.56 -2.14
CA LYS A 114 -44.22 5.13 -2.00
C LYS A 114 -43.56 4.34 -3.15
N GLU A 115 -43.96 4.58 -4.41
CA GLU A 115 -43.39 3.86 -5.56
C GLU A 115 -42.41 4.76 -6.31
N TYR A 116 -41.30 4.19 -6.86
CA TYR A 116 -40.32 4.96 -7.59
C TYR A 116 -39.99 4.38 -8.97
N ASN A 117 -40.01 5.24 -10.01
CA ASN A 117 -39.52 4.93 -11.36
C ASN A 117 -37.99 4.98 -11.22
N ASN A 118 -37.26 4.09 -11.89
CA ASN A 118 -35.81 4.17 -11.82
C ASN A 118 -35.16 3.89 -13.13
N ALA A 119 -34.15 4.64 -13.42
CA ALA A 119 -33.39 4.50 -14.64
C ALA A 119 -31.99 4.98 -14.38
N GLU A 120 -31.03 4.34 -15.01
CA GLU A 120 -29.63 4.75 -14.91
C GLU A 120 -29.41 5.91 -15.90
N ILE A 121 -28.59 6.88 -15.51
CA ILE A 121 -28.23 8.04 -16.32
C ILE A 121 -26.70 8.19 -16.34
N THR A 122 -26.18 8.90 -17.35
CA THR A 122 -24.75 9.10 -17.48
C THR A 122 -24.50 10.54 -17.82
N ILE A 123 -23.82 11.26 -16.92
CA ILE A 123 -23.45 12.65 -17.14
C ILE A 123 -22.11 12.65 -17.89
N SER A 124 -22.18 12.76 -19.22
CA SER A 124 -21.00 12.76 -20.06
C SER A 124 -20.15 14.02 -19.88
N ASP A 125 -18.82 13.86 -19.88
CA ASP A 125 -17.83 14.92 -19.73
C ASP A 125 -18.18 15.88 -18.60
N TYR A 126 -18.61 15.31 -17.45
CA TYR A 126 -19.11 16.06 -16.31
C TYR A 126 -18.12 17.05 -15.76
N ILE A 127 -18.67 18.15 -15.26
CA ILE A 127 -18.05 19.35 -14.72
C ILE A 127 -17.25 19.12 -13.43
N LEU A 128 -17.70 18.14 -12.61
CA LEU A 128 -17.06 17.92 -11.31
C LEU A 128 -16.05 16.76 -11.30
N LYS A 129 -15.34 16.53 -12.39
CA LYS A 129 -14.31 15.48 -12.44
C LYS A 129 -13.17 15.84 -11.44
N ASP A 130 -12.72 17.12 -11.41
CA ASP A 130 -11.66 17.55 -10.50
C ASP A 130 -12.19 17.96 -9.09
N LYS A 131 -13.39 17.53 -8.69
CA LYS A 131 -13.96 17.90 -7.41
C LYS A 131 -14.34 16.69 -6.54
N LEU A 132 -14.34 16.84 -5.22
CA LEU A 132 -14.75 15.79 -4.30
C LEU A 132 -16.21 16.02 -3.95
N LEU A 133 -16.99 14.96 -3.98
CA LEU A 133 -18.40 15.04 -3.67
C LEU A 133 -18.70 14.41 -2.30
N SER A 134 -19.83 14.80 -1.71
CA SER A 134 -20.33 14.26 -0.44
C SER A 134 -21.85 14.23 -0.50
N SER A 135 -22.49 13.18 0.02
CA SER A 135 -23.95 13.03 -0.04
C SER A 135 -24.76 14.04 0.80
N TYR A 136 -25.91 14.50 0.27
CA TYR A 136 -26.82 15.40 0.98
C TYR A 136 -28.25 15.40 0.40
N VAL A 137 -29.20 15.92 1.18
CA VAL A 137 -30.60 16.10 0.82
C VAL A 137 -30.77 17.59 0.49
N SER A 138 -31.49 17.90 -0.57
CA SER A 138 -31.62 19.28 -1.02
C SER A 138 -33.03 19.58 -1.63
N LEU A 139 -33.20 20.73 -2.27
CA LEU A 139 -34.46 21.12 -2.87
C LEU A 139 -34.18 22.08 -4.05
N PRO A 140 -35.22 22.47 -4.83
CA PRO A 140 -34.98 23.37 -5.97
C PRO A 140 -34.42 24.75 -5.63
N LEU A 141 -33.59 25.30 -6.53
CA LEU A 141 -33.09 26.67 -6.38
C LEU A 141 -33.56 27.46 -7.59
N LYS A 142 -34.32 28.54 -7.37
CA LYS A 142 -34.81 29.36 -8.48
C LYS A 142 -33.77 30.39 -8.85
N ILE A 143 -33.42 30.50 -10.15
CA ILE A 143 -32.42 31.47 -10.56
C ILE A 143 -32.96 32.36 -11.66
N GLU A 144 -33.15 31.97 -12.94
CA GLU A 144 -33.66 32.98 -13.91
C GLU A 144 -35.09 32.64 -14.33
N ASN A 145 -36.02 32.64 -13.32
CA ASN A 145 -37.41 32.15 -13.44
C ASN A 145 -37.28 30.65 -13.83
N ARG A 146 -36.40 29.91 -13.14
CA ARG A 146 -36.15 28.49 -13.45
C ARG A 146 -35.68 27.76 -12.20
N GLU A 147 -36.17 26.53 -11.98
CA GLU A 147 -35.79 25.74 -10.80
C GLU A 147 -34.68 24.76 -11.14
N TYR A 148 -33.68 24.63 -10.25
CA TYR A 148 -32.55 23.72 -10.50
C TYR A 148 -32.23 22.83 -9.31
N PHE A 149 -31.84 21.59 -9.57
CA PHE A 149 -31.30 20.70 -8.55
C PHE A 149 -29.78 20.91 -8.64
N LEU A 150 -29.06 20.84 -7.50
CA LEU A 150 -27.64 21.12 -7.51
C LEU A 150 -26.78 20.02 -6.99
N ILE A 151 -25.75 19.66 -7.76
CA ILE A 151 -24.75 18.71 -7.28
C ILE A 151 -23.47 19.49 -7.20
N CYS A 152 -23.01 19.78 -5.97
CA CYS A 152 -21.82 20.60 -5.75
C CYS A 152 -20.62 19.84 -5.20
N GLY A 153 -19.45 20.18 -5.73
CA GLY A 153 -18.21 19.58 -5.33
C GLY A 153 -17.19 20.57 -4.84
N VAL A 154 -16.09 20.06 -4.32
CA VAL A 154 -15.05 20.92 -3.76
C VAL A 154 -13.65 20.50 -4.21
N SER A 155 -12.70 21.44 -4.27
CA SER A 155 -11.32 21.11 -4.67
C SER A 155 -10.46 20.52 -3.56
N PRO A 156 -9.67 19.48 -3.88
CA PRO A 156 -8.75 18.93 -2.87
C PRO A 156 -7.42 19.71 -2.79
N TYR A 157 -6.72 19.58 -1.65
CA TYR A 157 -5.40 20.18 -1.43
C TYR A 157 -4.61 19.26 -0.50
N LYS A 164 -6.32 27.28 -8.23
CA LYS A 164 -6.36 28.74 -8.05
C LYS A 164 -7.78 29.27 -8.29
N LYS A 165 -8.48 28.74 -9.30
CA LYS A 165 -9.84 29.22 -9.61
C LYS A 165 -10.94 28.20 -9.31
N ASP A 166 -12.10 28.70 -8.79
CA ASP A 166 -13.32 27.98 -8.43
C ASP A 166 -13.10 26.78 -7.51
N ASP A 167 -12.94 27.04 -6.20
CA ASP A 167 -12.83 25.96 -5.20
C ASP A 167 -14.14 25.17 -5.17
N ILE A 168 -15.29 25.87 -5.10
CA ILE A 168 -16.62 25.28 -5.09
C ILE A 168 -17.17 25.34 -6.50
N LEU A 169 -17.86 24.29 -6.92
CA LEU A 169 -18.44 24.24 -8.25
C LEU A 169 -19.68 23.37 -8.24
N CYS A 170 -20.77 23.87 -8.84
CA CYS A 170 -22.03 23.12 -8.89
C CYS A 170 -22.40 22.78 -10.32
N MET A 171 -23.07 21.62 -10.46
CA MET A 171 -23.71 21.08 -11.65
C MET A 171 -25.20 21.25 -11.41
N ALA A 172 -25.96 21.70 -12.40
CA ALA A 172 -27.38 21.88 -12.21
C ALA A 172 -28.24 21.16 -13.22
N SER A 173 -29.47 20.80 -12.79
CA SER A 173 -30.46 20.15 -13.61
C SER A 173 -31.78 20.87 -13.49
N HIS A 174 -32.26 21.46 -14.58
CA HIS A 174 -33.58 22.11 -14.56
C HIS A 174 -34.69 21.13 -15.04
N ASP A 175 -34.34 19.88 -15.43
CA ASP A 175 -35.33 18.92 -15.89
C ASP A 175 -35.58 17.79 -14.90
N LYS A 176 -35.54 18.08 -13.61
CA LYS A 176 -35.85 17.10 -12.56
C LYS A 176 -34.82 15.99 -12.42
N GLY A 177 -33.55 16.30 -12.69
CA GLY A 177 -32.46 15.35 -12.53
C GLY A 177 -32.16 14.47 -13.71
N GLU A 178 -32.70 14.80 -14.89
CA GLU A 178 -32.47 14.00 -16.09
C GLU A 178 -31.12 14.34 -16.70
N THR A 179 -30.81 15.62 -16.83
CA THR A 179 -29.55 16.11 -17.40
C THR A 179 -28.91 17.16 -16.50
N TRP A 180 -27.60 17.05 -16.30
CA TRP A 180 -26.86 17.92 -15.43
C TRP A 180 -25.93 18.80 -16.23
N GLY A 181 -26.49 19.47 -17.24
CA GLY A 181 -25.75 20.31 -18.15
C GLY A 181 -25.35 21.69 -17.63
N THR A 182 -26.21 22.29 -16.82
CA THR A 182 -26.01 23.63 -16.28
C THR A 182 -24.78 23.73 -15.35
N LYS A 183 -24.03 24.85 -15.41
CA LYS A 183 -22.85 25.05 -14.55
C LYS A 183 -23.03 26.28 -13.68
N ILE A 184 -23.18 26.08 -12.37
CA ILE A 184 -23.35 27.19 -11.45
C ILE A 184 -22.01 27.51 -10.80
N VAL A 185 -21.49 28.71 -11.05
CA VAL A 185 -20.19 29.14 -10.55
C VAL A 185 -20.32 29.73 -9.15
N ILE A 186 -19.40 29.37 -8.26
CA ILE A 186 -19.41 29.87 -6.90
C ILE A 186 -18.08 30.58 -6.61
N LYS A 187 -18.17 31.86 -6.23
CA LYS A 187 -17.05 32.73 -5.95
C LYS A 187 -16.84 32.90 -4.44
N TYR A 188 -15.98 32.06 -3.86
CA TYR A 188 -15.62 32.20 -2.45
C TYR A 188 -14.22 32.79 -2.41
N ASP A 189 -14.12 34.11 -2.13
CA ASP A 189 -12.84 34.80 -2.11
C ASP A 189 -11.95 34.41 -0.92
N ASN A 190 -12.55 33.91 0.19
CA ASN A 190 -11.77 33.48 1.35
C ASN A 190 -11.36 31.99 1.28
N TYR A 191 -11.07 31.53 0.07
CA TYR A 191 -10.55 30.19 -0.15
C TYR A 191 -9.09 30.18 0.38
N LYS A 192 -8.55 29.00 0.80
CA LYS A 192 -7.16 28.99 1.28
C LYS A 192 -6.32 27.85 0.74
N LEU A 193 -5.02 28.14 0.55
CA LEU A 193 -4.05 27.14 0.12
C LEU A 193 -3.57 26.41 1.37
N GLY A 194 -3.24 25.12 1.21
CA GLY A 194 -2.81 24.30 2.32
C GLY A 194 -3.94 23.80 3.21
N VAL A 195 -5.20 24.11 2.87
CA VAL A 195 -6.35 23.67 3.65
C VAL A 195 -7.30 22.85 2.76
N GLN A 196 -8.03 21.89 3.33
CA GLN A 196 -8.95 21.06 2.56
C GLN A 196 -10.40 21.26 3.01
N TYR A 197 -11.37 21.22 2.08
CA TYR A 197 -12.78 21.30 2.46
C TYR A 197 -13.40 19.90 2.47
N PHE A 198 -14.39 19.65 3.32
CA PHE A 198 -15.03 18.33 3.45
C PHE A 198 -16.51 18.46 3.65
N PHE A 199 -17.28 17.47 3.23
CA PHE A 199 -18.73 17.42 3.45
C PHE A 199 -19.46 18.70 3.06
N LEU A 200 -19.12 19.28 1.90
CA LEU A 200 -19.76 20.50 1.44
C LEU A 200 -21.17 20.18 1.00
N ARG A 201 -22.14 20.82 1.61
CA ARG A 201 -23.55 20.64 1.25
C ARG A 201 -24.20 22.01 1.19
N PRO A 202 -25.00 22.28 0.14
CA PRO A 202 -25.68 23.57 0.06
C PRO A 202 -26.91 23.66 0.95
N TYR A 203 -27.05 24.78 1.63
CA TYR A 203 -28.19 25.06 2.49
C TYR A 203 -29.09 26.08 1.76
N ILE A 204 -30.26 25.62 1.32
CA ILE A 204 -31.18 26.51 0.62
C ILE A 204 -32.35 26.91 1.54
N SER A 205 -32.52 28.22 1.75
CA SER A 205 -33.59 28.78 2.57
C SER A 205 -34.15 30.00 1.85
N LYS A 206 -35.45 29.99 1.57
CA LYS A 206 -36.17 31.10 0.92
C LYS A 206 -35.44 31.63 -0.31
N ASN A 207 -34.94 30.67 -1.14
CA ASN A 207 -34.24 30.87 -2.42
C ASN A 207 -32.84 31.49 -2.32
N ASP A 208 -32.29 31.54 -1.12
CA ASP A 208 -30.96 32.04 -0.89
C ASP A 208 -30.01 30.84 -0.83
N LEU A 209 -28.87 30.92 -1.52
CA LEU A 209 -27.90 29.82 -1.50
C LEU A 209 -26.86 30.07 -0.43
N SER A 210 -26.57 29.04 0.36
CA SER A 210 -25.56 29.05 1.41
C SER A 210 -24.83 27.70 1.39
N PHE A 211 -23.69 27.56 2.09
CA PHE A 211 -23.00 26.27 2.14
C PHE A 211 -22.53 25.92 3.50
N HIS A 212 -22.72 24.67 3.90
CA HIS A 212 -22.19 24.19 5.16
C HIS A 212 -21.10 23.19 4.79
N PHE A 213 -19.90 23.37 5.28
CA PHE A 213 -18.79 22.47 5.00
C PHE A 213 -17.76 22.46 6.12
N TYR A 214 -16.90 21.46 6.15
CA TYR A 214 -15.84 21.36 7.15
C TYR A 214 -14.50 21.83 6.58
N VAL A 215 -13.64 22.40 7.40
CA VAL A 215 -12.35 22.90 6.94
C VAL A 215 -11.26 22.28 7.81
N GLY A 216 -10.25 21.66 7.16
CA GLY A 216 -9.14 21.01 7.84
C GLY A 216 -8.06 20.46 6.92
N VAL A 222 -8.41 17.72 13.62
CA VAL A 222 -9.85 18.04 13.63
C VAL A 222 -10.27 18.94 12.45
N LYS A 223 -11.58 18.96 12.13
CA LYS A 223 -12.13 19.81 11.10
C LYS A 223 -13.14 20.78 11.76
N ASN A 224 -13.25 22.01 11.24
CA ASN A 224 -14.14 23.02 11.81
C ASN A 224 -15.22 23.36 10.83
N VAL A 225 -16.46 23.46 11.29
CA VAL A 225 -17.57 23.83 10.43
C VAL A 225 -17.39 25.26 9.97
N ASN A 226 -17.73 25.52 8.73
CA ASN A 226 -17.72 26.84 8.13
C ASN A 226 -19.09 27.02 7.48
N PHE A 227 -19.58 28.25 7.42
CA PHE A 227 -20.86 28.53 6.81
C PHE A 227 -20.72 29.79 5.99
N ILE A 228 -21.01 29.70 4.69
CA ILE A 228 -20.91 30.87 3.81
C ILE A 228 -22.29 31.30 3.30
N GLU A 229 -22.48 32.58 3.04
CA GLU A 229 -23.74 33.07 2.51
C GLU A 229 -23.49 33.53 1.10
N CYS A 230 -24.26 33.05 0.14
CA CYS A 230 -24.08 33.42 -1.26
C CYS A 230 -25.16 34.35 -1.75
N THR A 231 -24.77 35.20 -2.68
CA THR A 231 -25.69 36.16 -3.28
C THR A 231 -25.57 35.99 -4.81
N HIS A 232 -26.69 35.97 -5.57
CA HIS A 232 -26.59 35.84 -7.03
C HIS A 232 -25.97 37.09 -7.73
N GLU A 233 -24.81 36.91 -8.35
CA GLU A 233 -24.12 37.98 -9.05
C GLU A 233 -24.81 38.28 -10.41
N LYS A 234 -24.57 37.44 -11.44
CA LYS A 234 -25.17 37.52 -12.78
C LYS A 234 -25.14 36.14 -13.43
N ASP A 235 -25.99 35.91 -14.45
CA ASP A 235 -26.08 34.62 -15.18
C ASP A 235 -26.26 33.44 -14.16
N LEU A 236 -25.25 32.57 -13.97
CA LEU A 236 -25.32 31.50 -12.98
C LEU A 236 -24.12 31.60 -12.01
N GLU A 237 -23.68 32.82 -11.70
CA GLU A 237 -22.57 33.07 -10.79
C GLU A 237 -23.10 33.61 -9.47
N PHE A 238 -22.53 33.13 -8.36
CA PHE A 238 -22.91 33.54 -7.01
C PHE A 238 -21.67 33.97 -6.24
N VAL A 239 -21.75 35.04 -5.44
CA VAL A 239 -20.60 35.48 -4.63
C VAL A 239 -20.85 35.18 -3.14
N CYS A 240 -19.95 34.42 -2.53
CA CYS A 240 -20.11 33.99 -1.16
C CYS A 240 -19.11 34.62 -0.21
N SER A 241 -19.49 34.70 1.07
CA SER A 241 -18.69 35.26 2.14
C SER A 241 -18.99 34.51 3.46
N ASN A 242 -17.97 34.39 4.35
CA ASN A 242 -18.15 33.68 5.60
C ASN A 242 -19.14 34.33 6.54
N ARG A 243 -19.90 33.51 7.25
CA ARG A 243 -20.89 33.95 8.18
C ARG A 243 -20.42 33.48 9.54
N ASP A 244 -19.94 34.42 10.37
CA ASP A 244 -19.36 34.10 11.65
C ASP A 244 -20.35 33.67 12.67
N PHE A 245 -20.25 32.43 13.10
CA PHE A 245 -21.09 31.94 14.18
C PHE A 245 -20.26 31.55 15.40
N LEU A 246 -18.92 31.80 15.39
CA LEU A 246 -18.05 31.44 16.49
C LEU A 246 -18.54 31.89 17.87
N LYS A 247 -18.51 30.95 18.80
CA LYS A 247 -18.90 31.16 20.19
C LYS A 247 -17.76 30.63 21.02
N ASP A 248 -17.28 31.43 21.98
CA ASP A 248 -16.16 31.05 22.83
C ASP A 248 -16.58 29.89 23.74
N ASN A 249 -15.72 28.85 23.83
CA ASN A 249 -15.94 27.62 24.61
C ASN A 249 -17.13 26.81 24.11
N LYS A 250 -17.33 26.82 22.78
CA LYS A 250 -18.39 26.12 22.11
C LYS A 250 -17.92 25.80 20.69
N VAL A 251 -18.31 24.64 20.17
CA VAL A 251 -17.88 24.21 18.85
C VAL A 251 -19.03 24.20 17.89
N LEU A 252 -18.96 25.00 16.79
CA LEU A 252 -20.02 25.10 15.79
C LEU A 252 -20.33 23.74 15.21
N GLN A 253 -21.61 23.41 15.11
CA GLN A 253 -22.01 22.10 14.61
C GLN A 253 -22.94 22.22 13.40
N ASP A 254 -24.12 22.85 13.56
CA ASP A 254 -25.07 22.93 12.46
C ASP A 254 -25.86 24.24 12.42
N VAL A 255 -26.31 24.62 11.23
CA VAL A 255 -27.02 25.87 11.02
C VAL A 255 -28.32 25.59 10.30
N SER A 256 -29.39 26.22 10.75
CA SER A 256 -30.69 26.15 10.11
C SER A 256 -31.38 27.52 10.31
N THR A 257 -32.57 27.72 9.73
CA THR A 257 -33.30 28.97 9.90
C THR A 257 -34.71 28.69 10.40
N LEU A 258 -35.11 29.43 11.44
CA LEU A 258 -36.46 29.40 11.99
C LEU A 258 -36.91 30.85 12.23
N ASN A 259 -38.15 31.17 11.86
CA ASN A 259 -38.76 32.48 12.05
C ASN A 259 -37.93 33.57 11.34
N ASP A 260 -37.37 33.24 10.14
CA ASP A 260 -36.56 34.17 9.34
C ASP A 260 -35.27 34.57 10.06
N GLU A 261 -34.81 33.73 11.00
CA GLU A 261 -33.61 33.93 11.82
C GLU A 261 -32.79 32.63 11.87
N TYR A 262 -31.48 32.71 12.13
CA TYR A 262 -30.68 31.49 12.23
C TYR A 262 -30.85 30.79 13.59
N ILE A 263 -30.82 29.47 13.54
CA ILE A 263 -30.80 28.60 14.71
C ILE A 263 -29.52 27.81 14.52
N VAL A 264 -28.65 27.90 15.52
CA VAL A 264 -27.33 27.32 15.41
C VAL A 264 -27.04 26.38 16.56
N SER A 265 -26.46 25.21 16.28
CA SER A 265 -26.15 24.23 17.31
C SER A 265 -24.65 24.16 17.56
N TYR A 266 -24.28 23.86 18.82
CA TYR A 266 -22.88 23.83 19.26
C TYR A 266 -22.59 22.64 20.18
N GLY A 267 -21.35 22.21 20.23
CA GLY A 267 -20.91 21.17 21.13
C GLY A 267 -20.07 21.82 22.22
N ASN A 268 -20.06 21.24 23.43
CA ASN A 268 -19.27 21.81 24.54
C ASN A 268 -17.76 21.84 24.18
N ASP A 269 -17.30 20.74 23.57
CA ASP A 269 -15.95 20.50 23.06
C ASP A 269 -16.11 19.53 21.84
N ASN A 270 -15.00 18.98 21.30
CA ASN A 270 -15.14 18.10 20.13
C ASN A 270 -15.63 16.67 20.48
N ASN A 271 -15.86 16.38 21.78
CA ASN A 271 -16.37 15.09 22.24
C ASN A 271 -17.92 15.02 22.26
N PHE A 272 -18.58 16.21 22.34
CA PHE A 272 -20.02 16.42 22.30
C PHE A 272 -20.80 15.75 23.43
N ALA A 273 -20.43 16.06 24.67
CA ALA A 273 -21.14 15.57 25.85
C ALA A 273 -22.53 16.25 25.92
N GLU A 274 -22.57 17.56 25.60
CA GLU A 274 -23.78 18.39 25.54
C GLU A 274 -23.80 19.21 24.25
N CYS A 275 -24.99 19.58 23.81
CA CYS A 275 -25.23 20.41 22.65
C CYS A 275 -26.09 21.63 23.05
N TYR A 276 -25.78 22.80 22.52
CA TYR A 276 -26.53 24.02 22.83
C TYR A 276 -27.19 24.51 21.54
N ILE A 277 -28.47 24.89 21.59
CA ILE A 277 -29.12 25.44 20.41
C ILE A 277 -29.40 26.89 20.67
N PHE A 278 -28.87 27.78 19.85
CA PHE A 278 -29.07 29.22 20.00
C PHE A 278 -30.07 29.76 19.00
N PHE A 279 -30.98 30.59 19.46
CA PHE A 279 -32.01 31.18 18.63
C PHE A 279 -31.71 32.66 18.47
N ASN A 280 -31.44 33.09 17.21
CA ASN A 280 -31.09 34.46 16.86
C ASN A 280 -29.89 35.02 17.66
N ASN A 281 -29.04 34.10 18.18
CA ASN A 281 -27.87 34.36 19.02
C ASN A 281 -28.28 35.02 20.38
N GLU A 282 -29.50 34.77 20.82
CA GLU A 282 -30.03 35.32 22.04
C GLU A 282 -30.38 34.18 23.00
N ASN A 283 -31.55 33.55 22.84
CA ASN A 283 -31.98 32.49 23.74
C ASN A 283 -31.33 31.18 23.41
N SER A 284 -31.13 30.30 24.41
CA SER A 284 -30.52 29.02 24.16
C SER A 284 -31.15 27.87 24.92
N ILE A 285 -31.11 26.69 24.34
CA ILE A 285 -31.59 25.49 25.00
C ILE A 285 -30.44 24.51 25.12
N LEU A 286 -30.44 23.70 26.19
CA LEU A 286 -29.40 22.70 26.42
C LEU A 286 -29.90 21.27 26.17
N ILE A 287 -29.14 20.52 25.36
CA ILE A 287 -29.34 19.14 24.98
C ILE A 287 -28.24 18.40 25.73
N LYS A 288 -28.64 17.59 26.70
CA LYS A 288 -27.72 16.83 27.52
C LYS A 288 -28.19 15.45 27.16
N PRO A 289 -27.26 14.59 26.77
CA PRO A 289 -27.58 13.22 26.36
C PRO A 289 -27.36 12.33 27.56
N GLU A 290 -28.14 12.57 28.61
CA GLU A 290 -28.03 11.82 29.85
C GLU A 290 -29.44 11.60 30.38
N LYS A 291 -30.16 10.74 29.67
CA LYS A 291 -31.52 10.39 30.00
C LYS A 291 -31.67 8.88 29.92
N TYR A 292 -30.59 8.21 29.52
CA TYR A 292 -30.52 6.77 29.39
C TYR A 292 -29.28 6.35 30.14
N ALA A 297 -22.59 7.80 24.46
CA ALA A 297 -23.70 8.61 24.99
C ALA A 297 -23.52 10.19 24.92
N GLY A 298 -23.55 10.74 23.70
CA GLY A 298 -23.38 12.17 23.43
C GLY A 298 -24.22 12.65 22.27
N CYS A 299 -23.99 13.88 21.80
CA CYS A 299 -24.80 14.45 20.70
C CYS A 299 -23.99 14.65 19.43
N TYR A 300 -22.94 13.84 19.21
CA TYR A 300 -22.09 13.94 18.03
C TYR A 300 -22.92 13.78 16.77
N GLY A 301 -22.68 14.64 15.80
CA GLY A 301 -23.37 14.56 14.54
C GLY A 301 -24.79 15.09 14.56
N GLY A 302 -25.15 15.88 15.57
CA GLY A 302 -26.46 16.51 15.70
C GLY A 302 -26.80 17.33 14.48
N THR A 303 -27.95 17.02 13.88
CA THR A 303 -28.34 17.63 12.64
C THR A 303 -29.76 18.20 12.67
N PHE A 304 -29.95 19.43 12.12
CA PHE A 304 -31.26 20.09 12.03
C PHE A 304 -32.08 19.56 10.86
N VAL A 305 -33.40 19.44 11.03
CA VAL A 305 -34.30 18.99 9.98
C VAL A 305 -35.48 20.00 9.99
N LYS A 306 -35.44 20.98 9.09
CA LYS A 306 -36.46 22.02 9.04
C LYS A 306 -37.79 21.48 8.53
N ILE A 307 -38.87 21.59 9.32
CA ILE A 307 -40.22 21.14 8.91
C ILE A 307 -40.96 22.31 8.25
N ASP A 308 -41.00 23.45 8.94
CA ASP A 308 -41.63 24.65 8.39
C ASP A 308 -40.89 25.91 8.93
N GLU A 309 -41.45 27.12 8.74
CA GLU A 309 -40.79 28.33 9.18
C GLU A 309 -40.72 28.47 10.71
N ASN A 310 -41.54 27.75 11.47
CA ASN A 310 -41.48 27.84 12.93
C ASN A 310 -41.27 26.47 13.64
N ARG A 311 -41.13 25.40 12.87
CA ARG A 311 -40.92 24.05 13.40
C ARG A 311 -39.70 23.43 12.72
N ALA A 312 -38.91 22.70 13.50
CA ALA A 312 -37.71 22.01 13.03
C ALA A 312 -37.31 20.89 14.03
N LEU A 313 -36.39 20.00 13.64
CA LEU A 313 -35.96 18.91 14.52
C LEU A 313 -34.46 18.94 14.73
N PHE A 314 -34.00 18.37 15.83
CA PHE A 314 -32.59 18.26 16.13
C PHE A 314 -32.41 16.78 16.36
N ILE A 315 -31.68 16.11 15.46
CA ILE A 315 -31.55 14.67 15.55
C ILE A 315 -30.11 14.23 15.69
N TYR A 316 -29.89 13.25 16.56
CA TYR A 316 -28.61 12.58 16.78
C TYR A 316 -28.89 11.13 17.24
N SER A 317 -27.87 10.29 17.21
CA SER A 317 -28.02 8.88 17.56
C SER A 317 -27.08 8.56 18.73
N SER A 318 -27.54 8.77 19.98
CA SER A 318 -26.74 8.55 21.19
C SER A 318 -26.09 7.14 21.24
N SER A 319 -26.86 6.11 20.91
CA SER A 319 -26.41 4.72 20.89
C SER A 319 -26.84 4.07 19.56
N GLN A 320 -26.37 2.82 19.32
CA GLN A 320 -26.73 2.12 18.10
C GLN A 320 -28.26 1.88 17.98
N GLY A 321 -28.83 2.45 16.90
CA GLY A 321 -30.24 2.30 16.56
C GLY A 321 -31.23 3.17 17.29
N ILE A 322 -30.76 3.97 18.26
CA ILE A 322 -31.66 4.83 19.03
C ILE A 322 -31.54 6.27 18.58
N TYR A 323 -32.66 6.87 18.16
CA TYR A 323 -32.65 8.23 17.66
C TYR A 323 -33.29 9.25 18.60
N ASN A 324 -32.50 10.19 19.11
CA ASN A 324 -33.03 11.24 19.97
C ASN A 324 -33.47 12.31 19.00
N ILE A 325 -34.78 12.57 18.94
CA ILE A 325 -35.37 13.56 18.06
C ILE A 325 -35.99 14.66 18.91
N HIS A 326 -35.35 15.83 18.91
CA HIS A 326 -35.85 16.97 19.63
C HIS A 326 -36.69 17.77 18.64
N THR A 327 -37.94 18.01 18.97
CA THR A 327 -38.85 18.75 18.11
C THR A 327 -38.87 20.17 18.64
N ILE A 328 -38.47 21.14 17.83
CA ILE A 328 -38.39 22.53 18.27
C ILE A 328 -39.43 23.44 17.61
N TYR A 329 -40.14 24.21 18.44
CA TYR A 329 -41.16 25.19 18.04
C TYR A 329 -40.62 26.53 18.48
N TYR A 330 -40.54 27.49 17.57
CA TYR A 330 -40.01 28.80 17.86
C TYR A 330 -40.74 29.85 17.06
N ALA A 331 -41.19 30.95 17.73
CA ALA A 331 -41.89 32.05 17.07
C ALA A 331 -41.82 33.40 17.85
N ASN A 332 -42.05 34.52 17.12
CA ASN A 332 -42.17 35.90 17.62
C ASN A 332 -43.57 36.41 17.18
N TYR A 333 -44.49 36.71 18.12
CA TYR A 333 -45.84 37.16 17.77
C TYR A 333 -46.12 38.59 18.24
N GLU A 334 -45.24 39.53 17.86
CA GLU A 334 -45.32 40.96 18.19
C GLU A 334 -46.66 41.62 17.80
N ALA B 1 0.53 -4.35 -25.39
CA ALA B 1 0.13 -5.74 -25.54
C ALA B 1 -0.26 -6.33 -24.19
N VAL B 2 -1.55 -6.34 -23.87
CA VAL B 2 -2.03 -6.91 -22.63
C VAL B 2 -1.70 -8.41 -22.59
N THR B 3 -1.14 -8.91 -21.51
CA THR B 3 -0.83 -10.35 -21.38
C THR B 3 -1.30 -10.81 -20.02
N LEU B 4 -1.99 -11.95 -19.98
CA LEU B 4 -2.49 -12.47 -18.71
C LEU B 4 -1.98 -13.91 -18.51
N ASP B 5 -0.82 -14.06 -17.83
CA ASP B 5 -0.24 -15.39 -17.67
C ASP B 5 -0.76 -16.14 -16.43
N GLU B 6 -1.50 -17.23 -16.64
CA GLU B 6 -2.07 -18.00 -15.55
C GLU B 6 -1.18 -19.14 -15.05
N SER B 7 -1.19 -19.40 -13.73
CA SER B 7 -0.39 -20.48 -13.13
C SER B 7 -1.04 -21.06 -11.88
N GLY B 8 -0.52 -22.18 -11.39
CA GLY B 8 -1.00 -22.78 -10.16
C GLY B 8 -2.12 -23.77 -10.28
N GLY B 9 -2.37 -24.26 -11.50
CA GLY B 9 -3.43 -25.22 -11.78
C GLY B 9 -2.93 -26.57 -12.23
N GLY B 10 -3.83 -27.50 -12.45
CA GLY B 10 -3.48 -28.85 -12.87
C GLY B 10 -4.17 -29.87 -12.01
N LEU B 11 -3.50 -30.98 -11.75
CA LEU B 11 -4.08 -32.03 -10.92
C LEU B 11 -4.13 -31.63 -9.44
N GLN B 12 -5.31 -31.74 -8.83
CA GLN B 12 -5.51 -31.39 -7.43
C GLN B 12 -6.18 -32.55 -6.70
N THR B 13 -5.93 -32.63 -5.40
CA THR B 13 -6.53 -33.68 -4.57
C THR B 13 -7.96 -33.28 -4.20
N PRO B 14 -8.96 -34.18 -4.37
CA PRO B 14 -10.32 -33.85 -3.92
C PRO B 14 -10.35 -33.56 -2.41
N GLY B 15 -10.93 -32.43 -2.02
CA GLY B 15 -10.92 -31.98 -0.63
C GLY B 15 -9.80 -31.01 -0.29
N GLY B 16 -8.76 -31.00 -1.13
CA GLY B 16 -7.62 -30.12 -1.00
C GLY B 16 -7.93 -28.72 -1.49
N ALA B 17 -6.87 -27.95 -1.77
CA ALA B 17 -7.05 -26.57 -2.20
C ALA B 17 -6.17 -26.17 -3.39
N LEU B 18 -6.57 -25.12 -4.15
CA LEU B 18 -5.77 -24.62 -5.29
C LEU B 18 -5.43 -23.12 -5.11
N SER B 19 -4.43 -22.63 -5.85
CA SER B 19 -4.01 -21.25 -5.74
C SER B 19 -3.68 -20.71 -7.14
N LEU B 20 -4.70 -20.36 -7.93
CA LEU B 20 -4.48 -19.83 -9.27
C LEU B 20 -3.91 -18.42 -9.20
N VAL B 21 -2.92 -18.12 -10.02
CA VAL B 21 -2.34 -16.81 -10.06
C VAL B 21 -2.32 -16.29 -11.48
N CYS B 22 -2.72 -15.04 -11.71
CA CYS B 22 -2.66 -14.46 -13.03
C CYS B 22 -1.73 -13.27 -13.01
N LYS B 23 -0.56 -13.39 -13.62
CA LYS B 23 0.38 -12.27 -13.70
C LYS B 23 0.01 -11.43 -14.93
N ALA B 24 -0.36 -10.19 -14.71
CA ALA B 24 -0.77 -9.30 -15.79
C ALA B 24 0.36 -8.35 -16.23
N SER B 25 0.24 -7.72 -17.40
CA SER B 25 1.16 -6.69 -17.88
C SER B 25 0.69 -6.05 -19.18
N GLY B 26 1.32 -4.96 -19.59
CA GLY B 26 0.94 -4.26 -20.80
C GLY B 26 -0.23 -3.30 -20.64
N PHE B 27 -0.65 -3.05 -19.38
CA PHE B 27 -1.73 -2.13 -19.00
C PHE B 27 -1.58 -1.67 -17.53
N ASP B 28 -2.42 -0.71 -17.07
CA ASP B 28 -2.35 -0.24 -15.67
C ASP B 28 -3.22 -1.10 -14.81
N PHE B 29 -2.66 -2.18 -14.29
CA PHE B 29 -3.36 -3.15 -13.47
C PHE B 29 -4.24 -2.57 -12.39
N SER B 30 -3.76 -1.51 -11.71
CA SER B 30 -4.47 -0.89 -10.58
C SER B 30 -5.77 -0.21 -10.94
N SER B 31 -6.00 0.09 -12.23
CA SER B 31 -7.20 0.77 -12.70
C SER B 31 -8.42 -0.13 -12.99
N TYR B 32 -8.19 -1.41 -13.31
CA TYR B 32 -9.27 -2.28 -13.75
C TYR B 32 -9.66 -3.40 -12.79
N ALA B 33 -10.90 -3.87 -12.93
CA ALA B 33 -11.40 -5.01 -12.17
C ALA B 33 -10.90 -6.29 -12.90
N MET B 34 -10.47 -7.27 -12.14
CA MET B 34 -9.98 -8.51 -12.67
C MET B 34 -10.89 -9.63 -12.16
N GLY B 35 -10.87 -10.77 -12.82
CA GLY B 35 -11.70 -11.89 -12.40
C GLY B 35 -11.35 -13.21 -13.03
N TRP B 36 -12.00 -14.26 -12.55
CA TRP B 36 -11.79 -15.61 -13.06
C TRP B 36 -13.11 -16.13 -13.60
N VAL B 37 -13.04 -16.76 -14.76
CA VAL B 37 -14.13 -17.38 -15.51
C VAL B 37 -13.69 -18.84 -15.70
N ARG B 38 -14.59 -19.80 -15.56
CA ARG B 38 -14.25 -21.19 -15.80
C ARG B 38 -15.19 -21.84 -16.78
N GLN B 39 -14.75 -22.90 -17.46
CA GLN B 39 -15.60 -23.63 -18.39
C GLN B 39 -15.47 -25.12 -18.11
N ALA B 40 -16.53 -25.74 -17.60
CA ALA B 40 -16.51 -27.17 -17.29
C ALA B 40 -16.54 -27.98 -18.61
N PRO B 41 -16.11 -29.27 -18.58
CA PRO B 41 -16.14 -30.06 -19.81
C PRO B 41 -17.53 -30.16 -20.41
N GLY B 42 -17.68 -29.63 -21.62
CA GLY B 42 -18.97 -29.65 -22.31
C GLY B 42 -19.99 -28.63 -21.83
N LYS B 43 -19.63 -27.84 -20.80
CA LYS B 43 -20.47 -26.77 -20.30
C LYS B 43 -19.98 -25.42 -20.83
N GLY B 44 -20.72 -24.36 -20.56
CA GLY B 44 -20.34 -23.04 -21.03
C GLY B 44 -19.52 -22.26 -20.01
N LEU B 45 -19.45 -20.96 -20.21
CA LEU B 45 -18.74 -20.08 -19.32
C LEU B 45 -19.54 -19.80 -18.07
N GLU B 46 -18.88 -19.90 -16.93
CA GLU B 46 -19.42 -19.55 -15.64
C GLU B 46 -18.41 -18.58 -15.00
N TYR B 47 -18.88 -17.44 -14.48
CA TYR B 47 -18.00 -16.49 -13.81
C TYR B 47 -17.73 -17.00 -12.36
N VAL B 48 -16.45 -17.16 -11.99
CA VAL B 48 -16.05 -17.70 -10.70
C VAL B 48 -15.96 -16.63 -9.59
N ALA B 49 -15.02 -15.66 -9.71
CA ALA B 49 -14.84 -14.65 -8.70
C ALA B 49 -14.35 -13.35 -9.32
N GLY B 50 -14.75 -12.23 -8.74
CA GLY B 50 -14.36 -10.92 -9.23
C GLY B 50 -13.80 -10.02 -8.15
N ILE B 51 -12.93 -9.07 -8.54
CA ILE B 51 -12.34 -8.14 -7.60
C ILE B 51 -12.17 -6.73 -8.21
N ARG B 52 -12.66 -5.71 -7.50
CA ARG B 52 -12.57 -4.28 -7.82
C ARG B 52 -11.13 -3.90 -8.15
N ASN B 53 -10.93 -2.72 -8.79
CA ASN B 53 -9.61 -2.22 -9.14
C ASN B 53 -8.72 -2.09 -7.91
N ASP B 54 -9.29 -1.63 -6.78
CA ASP B 54 -8.56 -1.40 -5.53
C ASP B 54 -8.73 -2.52 -4.49
N GLY B 55 -9.26 -3.67 -4.91
CA GLY B 55 -9.51 -4.84 -4.08
C GLY B 55 -10.48 -4.64 -2.93
N SER B 56 -11.25 -3.53 -2.95
CA SER B 56 -12.19 -3.26 -1.87
C SER B 56 -13.57 -3.89 -2.07
N PHE B 57 -13.79 -4.60 -3.19
CA PHE B 57 -15.05 -5.28 -3.44
C PHE B 57 -14.73 -6.60 -4.14
N THR B 58 -15.34 -7.68 -3.63
CA THR B 58 -15.21 -9.00 -4.20
C THR B 58 -16.60 -9.62 -4.43
N LEU B 59 -16.69 -10.60 -5.34
CA LEU B 59 -17.93 -11.31 -5.66
C LEU B 59 -17.60 -12.75 -5.98
N TYR B 60 -18.52 -13.68 -5.68
CA TYR B 60 -18.26 -15.10 -5.88
C TYR B 60 -19.49 -15.84 -6.42
N THR B 61 -19.29 -16.82 -7.31
CA THR B 61 -20.42 -17.64 -7.79
C THR B 61 -20.92 -18.50 -6.62
N PRO B 62 -22.23 -18.77 -6.56
CA PRO B 62 -22.75 -19.61 -5.47
C PRO B 62 -22.02 -20.96 -5.29
N ALA B 63 -21.56 -21.57 -6.40
CA ALA B 63 -20.85 -22.83 -6.35
C ALA B 63 -19.52 -22.75 -5.59
N VAL B 64 -18.91 -21.54 -5.48
CA VAL B 64 -17.66 -21.39 -4.75
C VAL B 64 -17.80 -20.59 -3.45
N LYS B 65 -18.99 -19.94 -3.23
CA LYS B 65 -19.28 -19.14 -2.05
C LYS B 65 -19.08 -19.97 -0.75
N GLY B 66 -18.14 -19.51 0.06
CA GLY B 66 -17.80 -20.18 1.31
C GLY B 66 -16.42 -20.81 1.27
N ARG B 67 -15.91 -21.14 0.09
CA ARG B 67 -14.60 -21.78 -0.01
C ARG B 67 -13.70 -21.09 -1.01
N ALA B 68 -13.83 -19.77 -1.18
CA ALA B 68 -12.99 -19.06 -2.14
C ALA B 68 -12.55 -17.69 -1.69
N THR B 69 -11.35 -17.27 -2.13
CA THR B 69 -10.83 -15.95 -1.82
C THR B 69 -10.11 -15.34 -3.02
N ILE B 70 -10.66 -14.26 -3.55
CA ILE B 70 -10.01 -13.54 -4.62
C ILE B 70 -9.33 -12.31 -4.02
N SER B 71 -8.02 -12.24 -4.21
CA SER B 71 -7.15 -11.18 -3.69
C SER B 71 -6.32 -10.59 -4.85
N ARG B 72 -5.75 -9.40 -4.68
CA ARG B 72 -4.89 -8.80 -5.70
C ARG B 72 -3.75 -7.96 -5.11
N ASP B 73 -2.65 -7.93 -5.80
CA ASP B 73 -1.48 -7.17 -5.39
C ASP B 73 -1.22 -6.18 -6.52
N ASN B 74 -1.84 -5.00 -6.49
CA ASN B 74 -1.62 -4.01 -7.55
C ASN B 74 -0.14 -3.66 -7.77
N GLY B 75 0.69 -3.87 -6.77
CA GLY B 75 2.12 -3.62 -6.84
C GLY B 75 2.87 -4.67 -7.62
N GLN B 76 2.40 -5.91 -7.57
CA GLN B 76 3.00 -7.01 -8.32
C GLN B 76 2.25 -7.33 -9.62
N SER B 77 1.12 -6.62 -9.91
CA SER B 77 0.27 -6.84 -11.10
C SER B 77 -0.26 -8.29 -11.08
N THR B 78 -0.70 -8.77 -9.91
CA THR B 78 -1.17 -10.14 -9.77
C THR B 78 -2.58 -10.22 -9.18
N VAL B 79 -3.35 -11.24 -9.61
CA VAL B 79 -4.66 -11.56 -9.06
C VAL B 79 -4.64 -13.05 -8.70
N ARG B 80 -5.03 -13.37 -7.47
CA ARG B 80 -5.00 -14.72 -6.94
C ARG B 80 -6.40 -15.28 -6.63
N LEU B 81 -6.60 -16.56 -6.90
CA LEU B 81 -7.84 -17.23 -6.57
C LEU B 81 -7.55 -18.49 -5.78
N GLN B 82 -7.96 -18.49 -4.54
CA GLN B 82 -7.82 -19.64 -3.68
C GLN B 82 -9.15 -20.39 -3.64
N LEU B 83 -9.12 -21.69 -3.81
CA LEU B 83 -10.33 -22.49 -3.82
C LEU B 83 -10.10 -23.68 -2.90
N ASN B 84 -10.61 -23.54 -1.72
CA ASN B 84 -10.52 -24.53 -0.67
C ASN B 84 -11.59 -25.63 -0.89
N ASN B 85 -11.43 -26.79 -0.22
CA ASN B 85 -12.36 -27.93 -0.27
C ASN B 85 -12.88 -28.23 -1.68
N LEU B 86 -11.95 -28.59 -2.58
CA LEU B 86 -12.20 -28.86 -3.99
C LEU B 86 -13.09 -30.05 -4.25
N ARG B 87 -13.95 -29.92 -5.26
CA ARG B 87 -14.93 -30.95 -5.66
C ARG B 87 -14.70 -31.31 -7.13
N ALA B 88 -15.20 -32.48 -7.55
CA ALA B 88 -15.10 -32.90 -8.96
C ALA B 88 -15.83 -31.91 -9.89
N GLU B 89 -16.79 -31.12 -9.36
CA GLU B 89 -17.52 -30.10 -10.11
C GLU B 89 -16.64 -28.87 -10.45
N ASP B 90 -15.50 -28.69 -9.73
CA ASP B 90 -14.54 -27.61 -10.02
C ASP B 90 -13.49 -28.00 -11.09
N THR B 91 -13.60 -29.21 -11.67
CA THR B 91 -12.72 -29.63 -12.74
C THR B 91 -13.16 -28.88 -13.97
N ALA B 92 -12.34 -27.95 -14.45
CA ALA B 92 -12.68 -27.08 -15.56
C ALA B 92 -11.41 -26.36 -16.13
N THR B 93 -11.53 -25.57 -17.25
CA THR B 93 -10.44 -24.74 -17.72
C THR B 93 -10.72 -23.38 -17.06
N TYR B 94 -9.76 -22.77 -16.35
CA TYR B 94 -9.96 -21.48 -15.70
C TYR B 94 -9.26 -20.37 -16.49
N PHE B 95 -9.87 -19.20 -16.64
CA PHE B 95 -9.31 -18.10 -17.41
C PHE B 95 -9.27 -16.83 -16.61
N CYS B 96 -8.12 -16.20 -16.58
CA CYS B 96 -7.97 -14.90 -15.97
C CYS B 96 -8.52 -13.91 -17.02
N THR B 97 -9.25 -12.88 -16.53
CA THR B 97 -9.91 -11.86 -17.37
C THR B 97 -9.72 -10.44 -16.82
N LYS B 98 -9.57 -9.47 -17.74
CA LYS B 98 -9.46 -8.06 -17.38
C LYS B 98 -10.68 -7.30 -17.82
N SER B 99 -11.29 -6.55 -16.92
CA SER B 99 -12.48 -5.78 -17.22
C SER B 99 -12.11 -4.41 -17.78
N ALA B 100 -13.05 -3.78 -18.48
CA ALA B 100 -12.82 -2.47 -19.06
C ALA B 100 -13.28 -1.36 -18.12
N ASP B 101 -13.27 -1.63 -16.82
CA ASP B 101 -13.68 -0.66 -15.87
C ASP B 101 -13.12 -1.06 -14.55
N ASP B 102 -13.47 -0.30 -13.54
CA ASP B 102 -13.01 -0.46 -12.16
C ASP B 102 -13.71 -1.52 -11.31
N GLY B 103 -14.89 -1.97 -11.75
CA GLY B 103 -15.69 -2.92 -10.98
C GLY B 103 -16.69 -2.22 -10.06
N GLY B 104 -16.99 -0.96 -10.34
CA GLY B 104 -17.97 -0.20 -9.57
C GLY B 104 -19.42 -0.55 -9.90
N HIS B 105 -19.61 -1.41 -10.92
CA HIS B 105 -20.89 -1.89 -11.39
C HIS B 105 -20.75 -3.35 -11.74
N TYR B 106 -21.77 -4.17 -11.45
CA TYR B 106 -21.73 -5.61 -11.71
C TYR B 106 -21.51 -5.97 -13.19
N SER B 107 -22.03 -5.14 -14.13
CA SER B 107 -21.85 -5.40 -15.55
C SER B 107 -20.38 -5.17 -16.01
N ASP B 108 -19.54 -4.50 -15.21
CA ASP B 108 -18.12 -4.33 -15.53
C ASP B 108 -17.44 -5.68 -15.53
N PHE B 109 -17.81 -6.57 -14.63
CA PHE B 109 -17.16 -7.86 -14.45
C PHE B 109 -17.32 -8.83 -15.62
N SER B 110 -18.55 -9.03 -16.15
CA SER B 110 -18.75 -9.98 -17.26
C SER B 110 -19.25 -9.37 -18.56
N GLY B 111 -19.56 -8.08 -18.56
CA GLY B 111 -20.01 -7.41 -19.78
C GLY B 111 -19.01 -6.44 -20.36
N GLU B 112 -17.87 -6.29 -19.71
CA GLU B 112 -16.86 -5.38 -20.19
C GLU B 112 -15.47 -5.97 -20.28
N ILE B 113 -15.35 -7.29 -20.36
CA ILE B 113 -14.06 -7.92 -20.44
C ILE B 113 -13.38 -7.64 -21.77
N ASP B 114 -12.19 -7.07 -21.73
CA ASP B 114 -11.48 -6.76 -22.97
C ASP B 114 -10.17 -7.55 -23.17
N ALA B 115 -9.86 -8.47 -22.24
CA ALA B 115 -8.72 -9.33 -22.35
C ALA B 115 -8.95 -10.61 -21.59
N TRP B 116 -8.60 -11.71 -22.28
CA TRP B 116 -8.73 -13.09 -21.84
C TRP B 116 -7.37 -13.80 -21.81
N GLY B 117 -7.14 -14.55 -20.74
CA GLY B 117 -5.94 -15.38 -20.61
C GLY B 117 -6.11 -16.65 -21.43
N HIS B 118 -4.99 -17.37 -21.71
CA HIS B 118 -5.05 -18.59 -22.53
C HIS B 118 -5.75 -19.75 -21.86
N GLY B 119 -5.87 -19.71 -20.55
CA GLY B 119 -6.58 -20.74 -19.80
C GLY B 119 -5.67 -21.73 -19.15
N THR B 120 -6.10 -22.30 -18.04
CA THR B 120 -5.33 -23.28 -17.29
C THR B 120 -6.28 -24.37 -16.86
N GLU B 121 -5.98 -25.60 -17.23
CA GLU B 121 -6.83 -26.70 -16.87
C GLU B 121 -6.64 -27.11 -15.41
N VAL B 122 -7.73 -27.38 -14.72
CA VAL B 122 -7.66 -27.85 -13.34
C VAL B 122 -8.46 -29.13 -13.26
N ILE B 123 -7.81 -30.22 -12.84
CA ILE B 123 -8.47 -31.51 -12.74
C ILE B 123 -8.54 -31.86 -11.27
N VAL B 124 -9.75 -31.96 -10.71
CA VAL B 124 -9.88 -32.35 -9.30
C VAL B 124 -10.12 -33.85 -9.32
N SER B 125 -9.06 -34.64 -9.12
CA SER B 125 -9.18 -36.09 -9.18
C SER B 125 -8.24 -36.81 -8.20
N SER B 126 -8.65 -38.00 -7.77
CA SER B 126 -7.80 -38.81 -6.91
C SER B 126 -6.95 -39.83 -7.70
N ALA B 127 -7.02 -39.80 -9.05
CA ALA B 127 -6.27 -40.71 -9.90
C ALA B 127 -4.81 -40.29 -10.03
N SER B 128 -3.94 -41.26 -10.29
CA SER B 128 -2.52 -41.00 -10.42
C SER B 128 -2.14 -40.52 -11.81
N THR B 129 -1.06 -39.74 -11.88
CA THR B 129 -0.55 -39.24 -13.14
C THR B 129 0.12 -40.37 -13.93
N LYS B 130 -0.22 -40.50 -15.22
CA LYS B 130 0.28 -41.53 -16.12
C LYS B 130 0.83 -40.94 -17.44
N GLY B 131 2.02 -41.36 -17.85
CA GLY B 131 2.61 -40.90 -19.10
C GLY B 131 1.97 -41.59 -20.28
N PRO B 132 1.93 -40.94 -21.44
CA PRO B 132 1.28 -41.55 -22.60
C PRO B 132 2.14 -42.59 -23.31
N SER B 133 1.49 -43.37 -24.18
CA SER B 133 2.18 -44.35 -25.00
C SER B 133 1.99 -43.87 -26.40
N VAL B 134 3.08 -43.54 -27.09
CA VAL B 134 2.99 -43.03 -28.44
C VAL B 134 3.20 -44.16 -29.48
N PHE B 135 2.20 -44.37 -30.33
CA PHE B 135 2.27 -45.35 -31.39
C PHE B 135 2.18 -44.65 -32.73
N PRO B 136 2.89 -45.14 -33.74
CA PRO B 136 2.80 -44.51 -35.07
C PRO B 136 1.52 -44.92 -35.81
N LEU B 137 1.14 -44.09 -36.77
CA LEU B 137 0.00 -44.28 -37.65
C LEU B 137 0.62 -44.20 -39.01
N ALA B 138 0.96 -45.38 -39.57
CA ALA B 138 1.69 -45.49 -40.83
C ALA B 138 0.87 -45.21 -42.10
N PRO B 139 1.49 -44.42 -43.02
CA PRO B 139 0.84 -44.16 -44.31
C PRO B 139 0.95 -45.38 -45.23
N THR B 144 -2.93 -48.44 -49.98
CA THR B 144 -3.48 -47.14 -49.62
C THR B 144 -2.56 -46.03 -50.19
N SER B 145 -2.94 -45.45 -51.36
CA SER B 145 -2.13 -44.40 -52.03
C SER B 145 -2.88 -43.49 -53.07
N GLY B 146 -2.40 -42.24 -53.21
CA GLY B 146 -2.89 -41.18 -54.10
C GLY B 146 -1.84 -40.09 -54.28
N GLY B 147 -2.23 -38.81 -54.28
CA GLY B 147 -1.27 -37.70 -54.41
C GLY B 147 -0.75 -37.16 -53.08
N THR B 148 -1.54 -37.39 -52.04
CA THR B 148 -1.22 -36.95 -50.70
C THR B 148 -1.37 -38.11 -49.74
N ALA B 149 -0.49 -38.19 -48.74
CA ALA B 149 -0.58 -39.25 -47.77
C ALA B 149 -0.71 -38.66 -46.40
N ALA B 150 -1.43 -39.34 -45.54
CA ALA B 150 -1.59 -38.92 -44.15
C ALA B 150 -0.86 -39.90 -43.29
N LEU B 151 -0.13 -39.39 -42.32
CA LEU B 151 0.59 -40.18 -41.31
C LEU B 151 0.40 -39.49 -39.97
N GLY B 152 0.59 -40.22 -38.87
CA GLY B 152 0.39 -39.60 -37.57
C GLY B 152 0.89 -40.35 -36.36
N CYS B 153 0.50 -39.87 -35.18
CA CYS B 153 0.86 -40.42 -33.88
C CYS B 153 -0.39 -40.60 -33.05
N LEU B 154 -0.46 -41.66 -32.28
CA LEU B 154 -1.57 -41.89 -31.38
C LEU B 154 -0.98 -41.84 -30.00
N VAL B 155 -1.38 -40.86 -29.23
CA VAL B 155 -0.92 -40.63 -27.88
C VAL B 155 -1.96 -41.26 -26.93
N LYS B 156 -1.75 -42.53 -26.51
CA LYS B 156 -2.77 -43.25 -25.76
C LYS B 156 -2.50 -43.57 -24.26
N ASP B 157 -3.57 -43.55 -23.46
CA ASP B 157 -3.64 -43.91 -22.04
C ASP B 157 -2.81 -43.01 -21.07
N TYR B 158 -3.09 -41.71 -21.11
CA TYR B 158 -2.41 -40.77 -20.24
C TYR B 158 -3.40 -40.08 -19.31
N PHE B 159 -2.90 -39.42 -18.26
CA PHE B 159 -3.74 -38.71 -17.32
C PHE B 159 -2.84 -37.86 -16.46
N PRO B 160 -3.19 -36.59 -16.19
CA PRO B 160 -4.33 -35.85 -16.71
C PRO B 160 -3.97 -35.07 -17.98
N GLU B 161 -4.89 -34.26 -18.46
CA GLU B 161 -4.63 -33.37 -19.58
C GLU B 161 -3.68 -32.21 -19.09
N PRO B 162 -2.89 -31.58 -19.99
CA PRO B 162 -2.84 -31.78 -21.44
C PRO B 162 -1.55 -32.42 -21.92
N VAL B 163 -1.48 -32.63 -23.23
CA VAL B 163 -0.33 -33.16 -23.90
C VAL B 163 -0.02 -32.18 -25.05
N THR B 164 1.27 -31.91 -25.31
CA THR B 164 1.64 -31.05 -26.43
C THR B 164 2.26 -31.91 -27.51
N VAL B 165 1.80 -31.78 -28.76
CA VAL B 165 2.36 -32.57 -29.85
C VAL B 165 2.83 -31.67 -30.98
N SER B 166 4.10 -31.80 -31.32
CA SER B 166 4.70 -31.07 -32.45
C SER B 166 5.20 -32.08 -33.52
N TRP B 167 5.65 -31.58 -34.69
CA TRP B 167 6.18 -32.46 -35.73
C TRP B 167 7.49 -31.94 -36.22
N ASN B 168 8.49 -32.82 -36.19
CA ASN B 168 9.87 -32.55 -36.60
C ASN B 168 10.50 -31.41 -35.80
N SER B 169 10.15 -31.33 -34.52
CA SER B 169 10.62 -30.31 -33.58
C SER B 169 10.22 -28.91 -34.04
N GLY B 170 8.94 -28.73 -34.31
CA GLY B 170 8.37 -27.46 -34.74
C GLY B 170 8.55 -27.11 -36.20
N ALA B 171 9.37 -27.89 -36.94
CA ALA B 171 9.64 -27.65 -38.37
C ALA B 171 8.42 -27.88 -39.24
N LEU B 172 7.65 -28.91 -38.94
CA LEU B 172 6.45 -29.23 -39.69
C LEU B 172 5.29 -28.51 -39.02
N THR B 173 4.56 -27.68 -39.78
CA THR B 173 3.49 -26.84 -39.26
C THR B 173 2.13 -26.96 -40.03
N SER B 174 2.10 -26.66 -41.34
CA SER B 174 0.86 -26.77 -42.11
C SER B 174 0.50 -28.22 -42.39
N GLY B 175 -0.80 -28.50 -42.41
CA GLY B 175 -1.29 -29.85 -42.62
C GLY B 175 -1.37 -30.68 -41.35
N VAL B 176 -0.80 -30.19 -40.25
CA VAL B 176 -0.87 -30.87 -38.96
C VAL B 176 -2.25 -30.61 -38.33
N HIS B 177 -2.81 -31.63 -37.64
CA HIS B 177 -4.09 -31.56 -36.93
C HIS B 177 -3.94 -32.32 -35.66
N THR B 178 -3.92 -31.63 -34.52
CA THR B 178 -3.89 -32.34 -33.25
C THR B 178 -5.32 -32.36 -32.77
N PHE B 179 -5.92 -33.54 -32.81
CA PHE B 179 -7.31 -33.69 -32.45
C PHE B 179 -7.50 -33.62 -30.93
N PRO B 180 -8.61 -33.03 -30.49
CA PRO B 180 -8.88 -32.99 -29.04
C PRO B 180 -8.90 -34.39 -28.41
N ALA B 181 -8.28 -34.54 -27.25
CA ALA B 181 -8.26 -35.84 -26.59
C ALA B 181 -9.65 -36.29 -26.19
N VAL B 182 -9.85 -37.59 -26.10
CA VAL B 182 -11.12 -38.16 -25.67
C VAL B 182 -10.87 -38.89 -24.37
N LEU B 183 -11.84 -38.83 -23.45
CA LEU B 183 -11.70 -39.51 -22.17
C LEU B 183 -12.26 -40.92 -22.29
N GLN B 184 -11.39 -41.92 -22.13
CA GLN B 184 -11.81 -43.32 -22.24
C GLN B 184 -12.56 -43.78 -21.00
N SER B 185 -13.29 -44.91 -21.12
CA SER B 185 -14.03 -45.53 -20.00
C SER B 185 -13.10 -45.85 -18.81
N SER B 186 -11.83 -46.16 -19.12
CA SER B 186 -10.77 -46.41 -18.13
C SER B 186 -10.44 -45.18 -17.28
N GLY B 187 -10.85 -43.99 -17.72
CA GLY B 187 -10.53 -42.73 -17.09
C GLY B 187 -9.25 -42.10 -17.61
N LEU B 188 -8.66 -42.70 -18.70
CA LEU B 188 -7.44 -42.20 -19.32
C LEU B 188 -7.73 -41.54 -20.66
N TYR B 189 -6.97 -40.50 -21.02
CA TYR B 189 -7.19 -39.80 -22.29
C TYR B 189 -6.40 -40.47 -23.42
N SER B 190 -6.92 -40.36 -24.65
CA SER B 190 -6.30 -40.86 -25.87
C SER B 190 -6.43 -39.76 -26.93
N LEU B 191 -5.35 -39.47 -27.65
CA LEU B 191 -5.26 -38.37 -28.63
C LEU B 191 -4.60 -38.82 -29.91
N SER B 192 -4.85 -38.14 -31.02
CA SER B 192 -4.15 -38.43 -32.26
C SER B 192 -3.74 -37.15 -32.98
N SER B 193 -2.55 -37.14 -33.57
CA SER B 193 -2.09 -35.98 -34.32
C SER B 193 -1.71 -36.48 -35.67
N VAL B 194 -2.32 -35.94 -36.72
CA VAL B 194 -2.05 -36.38 -38.09
C VAL B 194 -1.46 -35.21 -38.87
N VAL B 195 -0.78 -35.54 -39.95
CA VAL B 195 -0.19 -34.55 -40.81
C VAL B 195 -0.27 -35.07 -42.24
N THR B 196 -0.66 -34.18 -43.15
CA THR B 196 -0.73 -34.53 -44.56
C THR B 196 0.57 -34.09 -45.22
N VAL B 197 1.27 -35.08 -45.76
CA VAL B 197 2.55 -34.94 -46.45
C VAL B 197 2.35 -35.37 -47.92
N PRO B 198 3.28 -34.98 -48.84
CA PRO B 198 3.15 -35.45 -50.23
C PRO B 198 3.35 -36.97 -50.33
N SER B 199 2.58 -37.64 -51.21
CA SER B 199 2.69 -39.09 -51.40
C SER B 199 4.11 -39.53 -51.85
N SER B 200 4.91 -38.58 -52.40
CA SER B 200 6.29 -38.79 -52.87
C SER B 200 7.31 -38.63 -51.72
N SER B 201 7.07 -37.70 -50.80
CA SER B 201 7.97 -37.47 -49.67
C SER B 201 8.04 -38.64 -48.65
N LEU B 202 7.29 -39.73 -48.90
CA LEU B 202 7.29 -40.90 -48.03
C LEU B 202 8.51 -41.69 -48.47
N GLY B 203 9.26 -42.16 -47.50
CA GLY B 203 10.46 -42.94 -47.79
C GLY B 203 11.71 -42.12 -48.01
N THR B 204 11.56 -40.80 -48.23
CA THR B 204 12.71 -39.91 -48.42
C THR B 204 12.87 -39.04 -47.18
N GLN B 205 11.78 -38.47 -46.68
CA GLN B 205 11.82 -37.65 -45.48
C GLN B 205 11.52 -38.46 -44.24
N THR B 206 12.13 -38.09 -43.12
CA THR B 206 11.85 -38.74 -41.84
C THR B 206 10.81 -37.89 -41.10
N TYR B 207 9.75 -38.53 -40.58
CA TYR B 207 8.72 -37.80 -39.88
C TYR B 207 8.65 -38.25 -38.45
N ILE B 208 8.81 -37.32 -37.52
CA ILE B 208 8.80 -37.63 -36.09
C ILE B 208 7.87 -36.69 -35.34
N CYS B 209 6.99 -37.24 -34.51
CA CYS B 209 6.13 -36.42 -33.66
C CYS B 209 6.82 -36.26 -32.30
N ASN B 210 6.74 -35.07 -31.70
CA ASN B 210 7.34 -34.82 -30.41
C ASN B 210 6.21 -34.61 -29.45
N VAL B 211 5.99 -35.59 -28.59
CA VAL B 211 4.90 -35.56 -27.62
C VAL B 211 5.47 -35.24 -26.24
N ASN B 212 4.89 -34.27 -25.53
CA ASN B 212 5.34 -33.87 -24.21
C ASN B 212 4.16 -33.76 -23.25
N HIS B 213 4.17 -34.62 -22.24
CA HIS B 213 3.18 -34.67 -21.17
C HIS B 213 3.86 -34.10 -19.92
N LYS B 214 3.66 -32.80 -19.71
CA LYS B 214 4.28 -32.07 -18.59
C LYS B 214 3.88 -32.63 -17.21
N PRO B 215 2.61 -33.00 -16.90
CA PRO B 215 2.31 -33.57 -15.58
C PRO B 215 3.15 -34.79 -15.18
N SER B 216 3.33 -35.80 -16.06
CA SER B 216 4.16 -36.96 -15.71
C SER B 216 5.64 -36.77 -16.02
N ASN B 217 6.02 -35.62 -16.66
CA ASN B 217 7.38 -35.28 -17.08
C ASN B 217 7.86 -36.24 -18.14
N THR B 218 6.95 -36.72 -19.01
CA THR B 218 7.29 -37.67 -20.06
C THR B 218 7.41 -36.96 -21.41
N LYS B 219 8.58 -37.09 -22.02
CA LYS B 219 8.80 -36.52 -23.34
C LYS B 219 9.18 -37.64 -24.26
N VAL B 220 8.32 -37.94 -25.26
CA VAL B 220 8.54 -39.03 -26.19
C VAL B 220 8.52 -38.53 -27.63
N ASP B 221 9.59 -38.81 -28.37
CA ASP B 221 9.68 -38.45 -29.79
C ASP B 221 9.50 -39.77 -30.54
N LYS B 222 8.51 -39.87 -31.44
CA LYS B 222 8.27 -41.12 -32.15
C LYS B 222 8.45 -40.98 -33.65
N LYS B 223 9.26 -41.87 -34.24
CA LYS B 223 9.53 -41.87 -35.68
C LYS B 223 8.49 -42.70 -36.42
N VAL B 224 7.58 -42.05 -37.15
CA VAL B 224 6.58 -42.76 -37.91
C VAL B 224 7.17 -43.05 -39.30
N GLU B 225 7.16 -44.33 -39.72
CA GLU B 225 7.70 -44.76 -41.01
C GLU B 225 6.73 -45.72 -41.67
N PRO B 226 6.58 -45.65 -42.99
CA PRO B 226 5.64 -46.56 -43.69
C PRO B 226 6.18 -48.00 -43.93
N LYS B 227 5.56 -48.71 -44.90
CA LYS B 227 5.88 -50.05 -45.45
C LYS B 227 4.89 -50.40 -46.60
N ALA C 1 -32.15 -14.82 -15.44
CA ALA C 1 -31.15 -15.42 -16.33
C ALA C 1 -30.87 -14.56 -17.58
N LEU C 2 -29.73 -14.78 -18.22
CA LEU C 2 -29.40 -14.12 -19.47
C LEU C 2 -29.77 -15.11 -20.57
N THR C 3 -30.62 -14.69 -21.50
CA THR C 3 -31.17 -15.59 -22.50
C THR C 3 -30.76 -15.24 -23.94
N GLN C 4 -30.19 -16.22 -24.63
CA GLN C 4 -29.82 -16.08 -26.02
C GLN C 4 -30.16 -17.36 -26.76
N PRO C 5 -30.46 -17.28 -28.08
CA PRO C 5 -30.80 -18.49 -28.83
C PRO C 5 -29.73 -19.58 -28.71
N SER C 6 -30.13 -20.87 -28.83
CA SER C 6 -29.15 -21.97 -28.74
C SER C 6 -28.27 -21.96 -29.97
N SER C 7 -28.87 -21.68 -31.13
CA SER C 7 -28.18 -21.63 -32.40
C SER C 7 -28.81 -20.58 -33.32
N VAL C 8 -28.02 -20.13 -34.28
CA VAL C 8 -28.40 -19.20 -35.33
C VAL C 8 -27.61 -19.64 -36.55
N SER C 9 -28.26 -19.69 -37.71
CA SER C 9 -27.60 -20.08 -38.95
C SER C 9 -27.61 -18.90 -39.94
N ALA C 10 -26.61 -18.82 -40.81
CA ALA C 10 -26.54 -17.77 -41.82
C ALA C 10 -25.76 -18.22 -43.03
N ASN C 11 -26.07 -17.64 -44.19
CA ASN C 11 -25.34 -17.88 -45.42
C ASN C 11 -24.30 -16.75 -45.56
N PRO C 12 -23.08 -17.06 -46.01
CA PRO C 12 -22.05 -16.02 -46.12
C PRO C 12 -22.51 -14.79 -46.93
N GLY C 13 -22.30 -13.61 -46.34
CA GLY C 13 -22.69 -12.34 -46.93
C GLY C 13 -23.88 -11.67 -46.26
N GLU C 14 -24.67 -12.46 -45.54
CA GLU C 14 -25.86 -11.98 -44.86
C GLU C 14 -25.54 -11.21 -43.56
N THR C 15 -26.53 -10.46 -43.03
CA THR C 15 -26.38 -9.79 -41.75
C THR C 15 -26.95 -10.76 -40.70
N VAL C 16 -26.23 -10.93 -39.60
CA VAL C 16 -26.64 -11.85 -38.54
C VAL C 16 -27.01 -11.11 -37.29
N LYS C 17 -28.04 -11.56 -36.59
CA LYS C 17 -28.41 -10.96 -35.32
C LYS C 17 -28.60 -11.99 -34.22
N ILE C 18 -27.84 -11.85 -33.15
CA ILE C 18 -27.98 -12.70 -31.97
C ILE C 18 -28.41 -11.77 -30.83
N THR C 19 -29.48 -12.12 -30.14
CA THR C 19 -29.98 -11.28 -29.05
C THR C 19 -29.79 -11.96 -27.70
N CYS C 20 -29.54 -11.14 -26.68
CA CYS C 20 -29.38 -11.62 -25.33
C CYS C 20 -30.23 -10.75 -24.43
N SER C 21 -31.07 -11.35 -23.59
CA SER C 21 -31.95 -10.54 -22.74
C SER C 21 -31.94 -10.96 -21.26
N GLY C 22 -32.43 -10.07 -20.41
CA GLY C 22 -32.49 -10.29 -18.98
C GLY C 22 -31.82 -9.20 -18.15
N SER C 23 -31.12 -8.26 -18.82
CA SER C 23 -30.40 -7.21 -18.15
C SER C 23 -30.59 -5.87 -18.82
N THR C 24 -30.77 -4.88 -17.99
CA THR C 24 -30.90 -3.50 -18.44
C THR C 24 -29.53 -2.79 -18.53
N TYR C 25 -28.44 -3.47 -18.14
CA TYR C 25 -27.08 -2.97 -18.07
C TYR C 25 -26.23 -3.44 -19.26
N ASN C 26 -24.93 -3.12 -19.23
CA ASN C 26 -23.91 -3.35 -20.25
C ASN C 26 -23.65 -4.81 -20.74
N TYR C 27 -23.84 -5.06 -22.05
CA TYR C 27 -23.63 -6.38 -22.67
C TYR C 27 -22.24 -6.55 -23.22
N GLY C 28 -21.74 -7.78 -23.13
CA GLY C 28 -20.45 -8.21 -23.64
C GLY C 28 -20.64 -9.39 -24.58
N TRP C 29 -19.82 -9.51 -25.64
CA TRP C 29 -19.95 -10.60 -26.61
C TRP C 29 -18.62 -11.29 -26.78
N TYR C 30 -18.60 -12.60 -26.54
CA TYR C 30 -17.37 -13.38 -26.55
C TYR C 30 -17.44 -14.56 -27.51
N GLN C 31 -16.51 -14.58 -28.48
CA GLN C 31 -16.48 -15.63 -29.47
C GLN C 31 -15.52 -16.75 -29.06
N GLN C 32 -15.98 -18.00 -29.08
CA GLN C 32 -15.13 -19.13 -28.74
C GLN C 32 -15.31 -20.15 -29.87
N LYS C 33 -14.23 -20.43 -30.60
CA LYS C 33 -14.25 -21.37 -31.70
C LYS C 33 -14.04 -22.82 -31.23
N SER C 34 -13.58 -23.04 -29.99
CA SER C 34 -13.33 -24.38 -29.47
C SER C 34 -13.41 -24.35 -27.98
N PRO C 35 -14.06 -25.33 -27.36
CA PRO C 35 -14.10 -25.38 -25.88
C PRO C 35 -12.68 -25.50 -25.30
N GLY C 36 -12.41 -24.80 -24.20
CA GLY C 36 -11.08 -24.77 -23.61
C GLY C 36 -10.21 -23.71 -24.24
N SER C 37 -10.42 -23.45 -25.57
CA SER C 37 -9.74 -22.42 -26.34
C SER C 37 -10.32 -21.07 -25.80
N ALA C 38 -9.44 -20.11 -25.43
CA ALA C 38 -9.81 -18.82 -24.84
C ALA C 38 -10.77 -17.99 -25.67
N PRO C 39 -11.83 -17.42 -25.04
CA PRO C 39 -12.75 -16.57 -25.81
C PRO C 39 -12.04 -15.33 -26.35
N VAL C 40 -12.67 -14.67 -27.28
CA VAL C 40 -12.16 -13.45 -27.90
C VAL C 40 -13.30 -12.48 -27.77
N THR C 41 -13.07 -11.35 -27.11
CA THR C 41 -14.10 -10.33 -26.98
C THR C 41 -14.33 -9.72 -28.36
N VAL C 42 -15.53 -9.86 -28.94
CA VAL C 42 -15.82 -9.24 -30.24
C VAL C 42 -16.36 -7.82 -30.00
N ILE C 43 -17.26 -7.67 -29.03
CA ILE C 43 -17.81 -6.39 -28.59
C ILE C 43 -17.91 -6.41 -27.07
N TYR C 44 -17.65 -5.27 -26.40
CA TYR C 44 -17.85 -5.13 -24.95
C TYR C 44 -18.52 -3.77 -24.65
N TYR C 45 -19.06 -3.56 -23.44
CA TYR C 45 -19.70 -2.28 -23.09
C TYR C 45 -20.75 -1.82 -24.11
N ASN C 46 -21.67 -2.75 -24.44
CA ASN C 46 -22.78 -2.58 -25.37
C ASN C 46 -22.37 -2.51 -26.85
N ASP C 47 -21.55 -1.52 -27.21
CA ASP C 47 -21.16 -1.27 -28.59
C ASP C 47 -19.70 -0.88 -28.78
N LYS C 48 -18.80 -1.29 -27.89
CA LYS C 48 -17.37 -0.98 -28.06
C LYS C 48 -16.66 -2.16 -28.75
N ARG C 49 -15.97 -1.87 -29.86
CA ARG C 49 -15.27 -2.91 -30.59
C ARG C 49 -13.77 -2.77 -30.47
N PRO C 50 -13.07 -3.81 -29.99
CA PRO C 50 -11.59 -3.78 -29.98
C PRO C 50 -11.03 -3.51 -31.39
N SER C 51 -9.94 -2.74 -31.48
CA SER C 51 -9.37 -2.32 -32.76
C SER C 51 -9.04 -3.47 -33.71
N ASP C 52 -8.60 -4.62 -33.17
CA ASP C 52 -8.23 -5.78 -33.96
C ASP C 52 -9.39 -6.69 -34.42
N ILE C 53 -10.65 -6.32 -34.09
CA ILE C 53 -11.84 -7.07 -34.54
C ILE C 53 -12.39 -6.43 -35.83
N PRO C 54 -12.86 -7.24 -36.80
CA PRO C 54 -13.33 -6.67 -38.07
C PRO C 54 -14.53 -5.76 -37.90
N SER C 55 -14.60 -4.71 -38.71
CA SER C 55 -15.67 -3.71 -38.63
C SER C 55 -17.07 -4.29 -38.86
N ARG C 56 -17.19 -5.53 -39.41
CA ARG C 56 -18.52 -6.12 -39.58
C ARG C 56 -19.22 -6.32 -38.24
N PHE C 57 -18.44 -6.60 -37.18
CA PHE C 57 -18.94 -6.75 -35.83
C PHE C 57 -19.39 -5.43 -35.22
N SER C 58 -20.64 -5.37 -34.78
CA SER C 58 -21.21 -4.21 -34.12
C SER C 58 -22.10 -4.66 -32.96
N GLY C 59 -22.26 -3.79 -31.99
CA GLY C 59 -23.10 -4.07 -30.83
C GLY C 59 -24.15 -3.00 -30.62
N SER C 60 -25.22 -3.36 -29.92
CA SER C 60 -26.34 -2.48 -29.67
C SER C 60 -27.11 -2.94 -28.43
N LYS C 61 -27.83 -2.01 -27.79
CA LYS C 61 -28.65 -2.33 -26.63
C LYS C 61 -29.92 -1.50 -26.70
N SER C 62 -31.08 -2.17 -26.56
CA SER C 62 -32.40 -1.51 -26.54
C SER C 62 -33.18 -2.14 -25.41
N GLY C 63 -33.59 -1.34 -24.45
CA GLY C 63 -34.33 -1.82 -23.30
C GLY C 63 -33.53 -2.78 -22.46
N SER C 64 -34.04 -4.00 -22.30
CA SER C 64 -33.30 -5.01 -21.54
C SER C 64 -32.83 -6.13 -22.48
N THR C 65 -32.32 -5.73 -23.65
CA THR C 65 -31.79 -6.63 -24.66
C THR C 65 -30.59 -6.02 -25.34
N GLY C 66 -29.57 -6.85 -25.54
CA GLY C 66 -28.38 -6.50 -26.28
C GLY C 66 -28.36 -7.33 -27.53
N THR C 67 -27.90 -6.76 -28.64
CA THR C 67 -27.83 -7.48 -29.91
C THR C 67 -26.48 -7.37 -30.60
N LEU C 68 -25.91 -8.54 -30.97
CA LEU C 68 -24.68 -8.62 -31.72
C LEU C 68 -25.05 -8.66 -33.18
N THR C 69 -24.43 -7.80 -34.00
CA THR C 69 -24.74 -7.74 -35.42
C THR C 69 -23.49 -7.91 -36.22
N ILE C 70 -23.46 -8.91 -37.11
CA ILE C 70 -22.33 -9.16 -38.01
C ILE C 70 -22.83 -8.84 -39.41
N THR C 71 -22.34 -7.77 -40.07
CA THR C 71 -22.82 -7.40 -41.40
C THR C 71 -21.91 -7.92 -42.48
N GLY C 72 -22.44 -8.83 -43.29
CA GLY C 72 -21.65 -9.48 -44.33
C GLY C 72 -20.84 -10.53 -43.63
N VAL C 73 -21.55 -11.50 -43.04
CA VAL C 73 -20.96 -12.57 -42.26
C VAL C 73 -20.00 -13.42 -43.11
N GLN C 74 -18.84 -13.75 -42.55
CA GLN C 74 -17.80 -14.55 -43.22
C GLN C 74 -17.83 -15.95 -42.70
N ALA C 75 -17.30 -16.89 -43.50
CA ALA C 75 -17.24 -18.30 -43.11
C ALA C 75 -16.53 -18.49 -41.76
N GLU C 76 -15.44 -17.75 -41.56
CA GLU C 76 -14.66 -17.76 -40.31
C GLU C 76 -15.46 -17.38 -39.02
N ASP C 77 -16.59 -16.67 -39.15
CA ASP C 77 -17.39 -16.28 -37.98
C ASP C 77 -18.16 -17.44 -37.34
N GLU C 78 -18.18 -18.64 -37.97
CA GLU C 78 -18.84 -19.82 -37.40
C GLU C 78 -18.14 -20.17 -36.06
N ALA C 79 -18.84 -19.88 -34.97
CA ALA C 79 -18.33 -20.07 -33.62
C ALA C 79 -19.50 -19.92 -32.63
N VAL C 80 -19.29 -20.35 -31.37
CA VAL C 80 -20.28 -20.17 -30.33
C VAL C 80 -20.00 -18.84 -29.67
N TYR C 81 -21.02 -18.00 -29.58
CA TYR C 81 -20.89 -16.68 -28.97
C TYR C 81 -21.58 -16.68 -27.63
N TYR C 82 -20.98 -16.10 -26.61
CA TYR C 82 -21.59 -16.00 -25.29
C TYR C 82 -21.79 -14.53 -24.98
N CYS C 83 -22.99 -14.17 -24.46
CA CYS C 83 -23.20 -12.80 -23.99
C CYS C 83 -22.81 -12.78 -22.50
N GLY C 84 -22.32 -11.65 -22.06
CA GLY C 84 -21.95 -11.43 -20.67
C GLY C 84 -22.59 -10.17 -20.18
N ASN C 85 -23.03 -10.16 -18.90
CA ASN C 85 -23.71 -9.02 -18.28
C ASN C 85 -24.10 -9.34 -16.82
N SER C 86 -24.59 -8.36 -16.08
CA SER C 86 -25.11 -8.58 -14.74
C SER C 86 -26.56 -9.01 -14.86
N ASP C 87 -27.00 -9.87 -13.96
CA ASP C 87 -28.34 -10.39 -13.89
C ASP C 87 -28.81 -10.23 -12.45
N SER C 88 -29.49 -9.09 -12.15
CA SER C 88 -29.98 -8.74 -10.83
C SER C 88 -28.91 -8.86 -9.77
N ARG C 89 -27.89 -7.99 -9.89
CA ARG C 89 -26.75 -7.91 -8.99
C ARG C 89 -25.90 -9.22 -8.91
N ASN C 90 -25.88 -9.98 -10.03
CA ASN C 90 -25.10 -11.19 -10.15
C ASN C 90 -24.37 -11.12 -11.45
N VAL C 91 -23.06 -11.36 -11.43
CA VAL C 91 -22.25 -11.37 -12.65
C VAL C 91 -22.63 -12.65 -13.42
N ALA C 92 -22.92 -12.54 -14.73
CA ALA C 92 -23.43 -13.69 -15.47
C ALA C 92 -23.03 -13.72 -16.99
N PHE C 93 -23.22 -14.90 -17.62
CA PHE C 93 -23.03 -15.18 -19.02
C PHE C 93 -24.24 -15.98 -19.51
N GLY C 94 -24.63 -15.77 -20.75
CA GLY C 94 -25.67 -16.58 -21.36
C GLY C 94 -25.16 -17.98 -21.68
N ALA C 95 -26.06 -18.88 -22.08
CA ALA C 95 -25.70 -20.27 -22.31
C ALA C 95 -24.82 -20.55 -23.54
N GLY C 96 -24.64 -19.52 -24.38
CA GLY C 96 -23.94 -19.57 -25.66
C GLY C 96 -24.91 -19.72 -26.80
N THR C 97 -24.63 -19.13 -27.96
CA THR C 97 -25.45 -19.28 -29.17
C THR C 97 -24.46 -19.71 -30.20
N THR C 98 -24.56 -20.94 -30.66
CA THR C 98 -23.62 -21.47 -31.64
C THR C 98 -24.06 -21.01 -33.04
N LEU C 99 -23.30 -20.13 -33.68
CA LEU C 99 -23.61 -19.66 -35.03
C LEU C 99 -22.96 -20.55 -36.11
N THR C 100 -23.67 -20.84 -37.23
CA THR C 100 -23.06 -21.59 -38.32
C THR C 100 -23.19 -20.76 -39.59
N VAL C 101 -22.07 -20.54 -40.27
CA VAL C 101 -22.05 -19.78 -41.51
C VAL C 101 -21.89 -20.80 -42.64
N LEU C 102 -22.93 -20.97 -43.42
CA LEU C 102 -22.96 -22.00 -44.44
C LEU C 102 -22.09 -21.75 -45.64
N ARG C 103 -20.81 -22.09 -45.49
CA ARG C 103 -19.90 -22.06 -46.62
C ARG C 103 -20.23 -23.26 -47.52
N THR C 104 -19.66 -23.30 -48.74
CA THR C 104 -19.90 -24.40 -49.68
C THR C 104 -19.55 -25.76 -49.06
N VAL C 105 -20.39 -26.74 -49.34
CA VAL C 105 -20.18 -28.09 -48.84
C VAL C 105 -18.87 -28.68 -49.46
N ALA C 106 -17.99 -29.21 -48.62
CA ALA C 106 -16.73 -29.82 -49.00
C ALA C 106 -16.75 -31.24 -48.45
N ALA C 107 -16.52 -32.26 -49.31
CA ALA C 107 -16.57 -33.64 -48.89
C ALA C 107 -15.25 -34.10 -48.31
N PRO C 108 -15.28 -35.01 -47.30
CA PRO C 108 -14.04 -35.41 -46.64
C PRO C 108 -13.23 -36.43 -47.39
N SER C 109 -11.91 -36.27 -47.43
CA SER C 109 -11.05 -37.32 -47.97
C SER C 109 -10.81 -38.25 -46.75
N VAL C 110 -10.99 -39.56 -46.92
CA VAL C 110 -10.89 -40.50 -45.81
C VAL C 110 -9.59 -41.32 -45.82
N PHE C 111 -8.94 -41.45 -44.66
CA PHE C 111 -7.76 -42.28 -44.53
C PHE C 111 -7.95 -43.29 -43.40
N ILE C 112 -7.38 -44.50 -43.52
CA ILE C 112 -7.47 -45.51 -42.48
C ILE C 112 -6.09 -45.98 -42.05
N PHE C 113 -5.91 -46.15 -40.75
CA PHE C 113 -4.63 -46.53 -40.16
C PHE C 113 -4.71 -47.79 -39.32
N PRO C 114 -3.93 -48.80 -39.70
CA PRO C 114 -3.90 -50.03 -38.91
C PRO C 114 -3.05 -49.86 -37.64
N PRO C 115 -3.34 -50.65 -36.59
CA PRO C 115 -2.53 -50.55 -35.36
C PRO C 115 -1.07 -50.92 -35.61
N SER C 116 -0.15 -50.21 -34.97
CA SER C 116 1.29 -50.46 -35.14
C SER C 116 1.73 -51.77 -34.50
N ASP C 117 2.89 -52.31 -34.93
CA ASP C 117 3.42 -53.54 -34.32
C ASP C 117 3.71 -53.31 -32.84
N GLU C 118 4.26 -52.13 -32.51
CA GLU C 118 4.60 -51.67 -31.18
C GLU C 118 3.37 -51.75 -30.26
N GLN C 119 2.19 -51.35 -30.76
CA GLN C 119 0.96 -51.42 -29.96
C GLN C 119 0.51 -52.87 -29.77
N LEU C 120 0.62 -53.66 -30.83
CA LEU C 120 0.22 -55.05 -30.81
C LEU C 120 1.04 -55.90 -29.83
N LYS C 121 2.36 -55.66 -29.75
CA LYS C 121 3.19 -56.36 -28.77
C LYS C 121 2.80 -55.97 -27.33
N SER C 122 2.32 -54.72 -27.13
CA SER C 122 1.90 -54.22 -25.83
C SER C 122 0.62 -54.90 -25.31
N GLY C 123 -0.25 -55.36 -26.21
CA GLY C 123 -1.47 -56.06 -25.81
C GLY C 123 -2.81 -55.52 -26.30
N THR C 124 -2.85 -54.25 -26.76
CA THR C 124 -4.09 -53.65 -27.26
C THR C 124 -4.03 -53.41 -28.79
N ALA C 125 -5.16 -52.97 -29.41
CA ALA C 125 -5.19 -52.72 -30.86
C ALA C 125 -6.14 -51.56 -31.20
N SER C 126 -5.62 -50.50 -31.82
CA SER C 126 -6.42 -49.34 -32.18
C SER C 126 -6.33 -48.99 -33.65
N VAL C 127 -7.46 -49.09 -34.33
CA VAL C 127 -7.56 -48.75 -35.74
C VAL C 127 -8.10 -47.32 -35.83
N VAL C 128 -7.39 -46.44 -36.52
CA VAL C 128 -7.83 -45.04 -36.61
C VAL C 128 -8.41 -44.73 -37.96
N CYS C 129 -9.42 -43.88 -37.95
CA CYS C 129 -9.94 -43.34 -39.18
C CYS C 129 -9.85 -41.84 -39.18
N LEU C 130 -9.41 -41.28 -40.29
CA LEU C 130 -9.22 -39.85 -40.42
C LEU C 130 -10.09 -39.29 -41.53
N LEU C 131 -10.84 -38.24 -41.24
CA LEU C 131 -11.69 -37.58 -42.23
C LEU C 131 -11.09 -36.21 -42.37
N ASN C 132 -10.71 -35.82 -43.59
CA ASN C 132 -10.00 -34.57 -43.74
C ASN C 132 -10.64 -33.45 -44.55
N ASN C 133 -10.56 -32.21 -44.00
CA ASN C 133 -10.98 -30.95 -44.64
C ASN C 133 -12.37 -30.98 -45.27
N PHE C 134 -13.41 -31.17 -44.43
CA PHE C 134 -14.80 -31.24 -44.88
C PHE C 134 -15.65 -30.12 -44.26
N TYR C 135 -16.84 -29.87 -44.84
CA TYR C 135 -17.83 -28.91 -44.39
C TYR C 135 -19.19 -29.37 -44.93
N PRO C 136 -20.24 -29.43 -44.10
CA PRO C 136 -20.30 -29.02 -42.68
C PRO C 136 -19.74 -30.05 -41.71
N ARG C 137 -19.51 -29.60 -40.47
CA ARG C 137 -18.99 -30.37 -39.34
C ARG C 137 -19.65 -31.74 -39.14
N GLU C 138 -20.92 -31.86 -39.50
CA GLU C 138 -21.70 -33.07 -39.31
C GLU C 138 -21.36 -34.20 -40.26
N ALA C 139 -20.94 -35.35 -39.71
CA ALA C 139 -20.58 -36.56 -40.44
C ALA C 139 -20.81 -37.84 -39.59
N LYS C 140 -20.95 -38.99 -40.25
CA LYS C 140 -21.16 -40.25 -39.57
C LYS C 140 -20.06 -41.26 -39.93
N VAL C 141 -19.28 -41.72 -38.94
CA VAL C 141 -18.28 -42.76 -39.17
C VAL C 141 -18.84 -44.07 -38.63
N GLN C 142 -18.92 -45.12 -39.48
CA GLN C 142 -19.42 -46.41 -39.04
C GLN C 142 -18.31 -47.43 -39.20
N TRP C 143 -17.94 -48.15 -38.13
CA TRP C 143 -16.91 -49.16 -38.22
C TRP C 143 -17.52 -50.54 -38.48
N LYS C 144 -16.85 -51.33 -39.36
CA LYS C 144 -17.24 -52.69 -39.71
C LYS C 144 -16.00 -53.60 -39.64
N VAL C 145 -16.11 -54.72 -38.92
CA VAL C 145 -15.03 -55.69 -38.78
C VAL C 145 -15.52 -56.97 -39.42
N ASP C 146 -14.96 -57.35 -40.56
CA ASP C 146 -15.39 -58.50 -41.38
C ASP C 146 -16.82 -58.26 -41.87
N ASN C 147 -17.16 -57.00 -42.21
CA ASN C 147 -18.49 -56.53 -42.64
C ASN C 147 -19.53 -56.47 -41.47
N ALA C 148 -19.12 -56.83 -40.23
CA ALA C 148 -19.99 -56.77 -39.06
C ALA C 148 -19.95 -55.39 -38.40
N LEU C 149 -21.11 -54.73 -38.33
CA LEU C 149 -21.28 -53.38 -37.78
C LEU C 149 -20.88 -53.29 -36.29
N GLN C 150 -19.83 -52.50 -35.99
CA GLN C 150 -19.33 -52.33 -34.64
C GLN C 150 -20.11 -51.30 -33.85
N SER C 151 -20.26 -51.49 -32.52
CA SER C 151 -20.97 -50.51 -31.68
C SER C 151 -20.45 -50.46 -30.23
N GLY C 152 -20.34 -49.24 -29.70
CA GLY C 152 -19.90 -49.01 -28.34
C GLY C 152 -18.41 -49.17 -28.09
N ASN C 153 -17.63 -49.34 -29.15
CA ASN C 153 -16.18 -49.54 -29.05
C ASN C 153 -15.35 -48.51 -29.80
N SER C 154 -15.95 -47.35 -30.14
CA SER C 154 -15.23 -46.30 -30.84
C SER C 154 -15.50 -44.92 -30.23
N GLN C 155 -14.58 -43.98 -30.44
CA GLN C 155 -14.72 -42.61 -29.95
C GLN C 155 -14.18 -41.68 -31.00
N GLU C 156 -14.90 -40.59 -31.28
CA GLU C 156 -14.42 -39.63 -32.28
C GLU C 156 -14.19 -38.23 -31.71
N SER C 157 -13.47 -37.40 -32.46
CA SER C 157 -13.14 -36.05 -32.03
C SER C 157 -12.93 -35.17 -33.26
N VAL C 158 -13.34 -33.89 -33.20
CA VAL C 158 -13.16 -32.97 -34.34
C VAL C 158 -12.19 -31.87 -33.95
N THR C 159 -11.34 -31.46 -34.88
CA THR C 159 -10.42 -30.33 -34.66
C THR C 159 -11.22 -29.03 -34.69
N GLU C 160 -10.64 -27.92 -34.19
CA GLU C 160 -11.23 -26.60 -34.32
C GLU C 160 -11.36 -26.27 -35.82
N GLN C 161 -12.46 -25.64 -36.24
CA GLN C 161 -12.66 -25.28 -37.65
C GLN C 161 -11.49 -24.43 -38.15
N ASP C 162 -10.81 -24.85 -39.22
CA ASP C 162 -9.62 -24.14 -39.71
C ASP C 162 -9.85 -22.65 -39.94
N SER C 163 -8.92 -21.82 -39.42
CA SER C 163 -9.02 -20.37 -39.50
C SER C 163 -9.03 -19.86 -40.93
N LYS C 164 -8.23 -20.49 -41.79
CA LYS C 164 -8.07 -20.08 -43.17
C LYS C 164 -9.11 -20.62 -44.12
N ASP C 165 -9.38 -21.94 -44.15
CA ASP C 165 -10.36 -22.46 -45.14
C ASP C 165 -11.73 -22.81 -44.56
N SER C 166 -11.89 -22.72 -43.23
CA SER C 166 -13.16 -23.02 -42.54
C SER C 166 -13.65 -24.47 -42.70
N THR C 167 -12.72 -25.44 -42.78
CA THR C 167 -13.05 -26.85 -42.84
C THR C 167 -12.87 -27.52 -41.45
N TYR C 168 -13.21 -28.80 -41.35
CA TYR C 168 -13.07 -29.58 -40.14
C TYR C 168 -12.29 -30.86 -40.47
N SER C 169 -11.87 -31.56 -39.45
CA SER C 169 -11.21 -32.85 -39.59
C SER C 169 -11.64 -33.67 -38.39
N LEU C 170 -12.03 -34.91 -38.63
CA LEU C 170 -12.53 -35.79 -37.57
C LEU C 170 -11.65 -37.02 -37.46
N SER C 171 -11.41 -37.45 -36.23
CA SER C 171 -10.61 -38.63 -35.98
C SER C 171 -11.42 -39.65 -35.16
N SER C 172 -11.74 -40.81 -35.77
CA SER C 172 -12.46 -41.86 -35.04
C SER C 172 -11.49 -42.97 -34.68
N THR C 173 -11.59 -43.50 -33.47
CA THR C 173 -10.67 -44.55 -33.03
C THR C 173 -11.43 -45.79 -32.60
N LEU C 174 -11.15 -46.91 -33.26
CA LEU C 174 -11.77 -48.20 -32.98
C LEU C 174 -10.83 -48.99 -32.09
N THR C 175 -11.26 -49.33 -30.86
CA THR C 175 -10.38 -50.08 -29.96
C THR C 175 -10.86 -51.52 -29.73
N LEU C 176 -9.96 -52.46 -30.00
CA LEU C 176 -10.19 -53.90 -29.84
C LEU C 176 -9.04 -54.52 -29.05
N SER C 177 -9.26 -55.70 -28.45
CA SER C 177 -8.17 -56.40 -27.78
C SER C 177 -7.25 -56.99 -28.89
N LYS C 178 -6.00 -57.34 -28.55
CA LYS C 178 -5.08 -57.94 -29.53
C LYS C 178 -5.65 -59.27 -30.05
N ALA C 179 -6.30 -60.06 -29.15
CA ALA C 179 -6.90 -61.31 -29.52
C ALA C 179 -8.02 -61.09 -30.54
N ASP C 180 -8.97 -60.19 -30.25
CA ASP C 180 -10.08 -59.86 -31.14
C ASP C 180 -9.58 -59.33 -32.48
N TYR C 181 -8.50 -58.53 -32.45
CA TYR C 181 -7.94 -57.99 -33.66
C TYR C 181 -7.45 -59.09 -34.61
N GLU C 182 -6.75 -60.09 -34.06
CA GLU C 182 -6.21 -61.18 -34.87
C GLU C 182 -7.26 -62.18 -35.32
N LYS C 183 -8.43 -62.22 -34.68
CA LYS C 183 -9.49 -63.14 -35.08
C LYS C 183 -10.00 -62.77 -36.51
N HIS C 184 -10.22 -61.48 -36.73
CA HIS C 184 -10.81 -60.95 -37.96
C HIS C 184 -9.78 -60.44 -38.95
N LYS C 185 -10.18 -60.37 -40.24
CA LYS C 185 -9.32 -59.98 -41.36
C LYS C 185 -9.58 -58.57 -41.95
N VAL C 186 -10.80 -58.26 -42.42
CA VAL C 186 -11.05 -56.96 -43.07
C VAL C 186 -11.60 -55.89 -42.09
N TYR C 187 -10.88 -54.77 -41.98
CA TYR C 187 -11.25 -53.65 -41.11
C TYR C 187 -11.66 -52.44 -41.96
N ALA C 188 -12.92 -51.99 -41.81
CA ALA C 188 -13.46 -50.91 -42.63
C ALA C 188 -13.98 -49.73 -41.85
N CYS C 189 -13.93 -48.56 -42.47
CA CYS C 189 -14.37 -47.30 -41.93
C CYS C 189 -15.29 -46.67 -42.97
N GLU C 190 -16.58 -46.57 -42.68
CA GLU C 190 -17.55 -46.02 -43.60
C GLU C 190 -17.96 -44.59 -43.23
N VAL C 191 -17.78 -43.67 -44.17
CA VAL C 191 -18.06 -42.26 -43.95
C VAL C 191 -19.26 -41.73 -44.71
N THR C 192 -20.28 -41.30 -43.96
CA THR C 192 -21.50 -40.67 -44.48
C THR C 192 -21.32 -39.14 -44.24
N HIS C 193 -21.56 -38.32 -45.27
CA HIS C 193 -21.43 -36.85 -45.23
C HIS C 193 -22.28 -36.18 -46.30
N GLN C 194 -22.61 -34.90 -46.11
CA GLN C 194 -23.43 -34.16 -47.06
C GLN C 194 -22.78 -34.05 -48.43
N GLY C 195 -21.48 -33.85 -48.43
CA GLY C 195 -20.69 -33.68 -49.64
C GLY C 195 -20.65 -34.89 -50.52
N LEU C 196 -20.79 -36.08 -49.91
CA LEU C 196 -20.71 -37.34 -50.64
C LEU C 196 -22.05 -37.83 -51.16
N SER C 197 -22.06 -38.46 -52.32
CA SER C 197 -23.27 -39.04 -52.88
C SER C 197 -23.59 -40.39 -52.20
N SER C 198 -22.55 -41.09 -51.72
CA SER C 198 -22.75 -42.38 -51.06
C SER C 198 -21.61 -42.65 -50.11
N PRO C 199 -21.89 -43.35 -48.99
CA PRO C 199 -20.85 -43.61 -47.98
C PRO C 199 -19.55 -44.17 -48.51
N VAL C 200 -18.47 -43.45 -48.25
CA VAL C 200 -17.14 -43.87 -48.69
C VAL C 200 -16.55 -44.83 -47.68
N THR C 201 -16.22 -46.05 -48.13
CA THR C 201 -15.64 -47.04 -47.22
C THR C 201 -14.16 -47.25 -47.51
N LYS C 202 -13.31 -46.91 -46.53
CA LYS C 202 -11.89 -47.16 -46.65
C LYS C 202 -11.59 -48.39 -45.77
N SER C 203 -10.84 -49.34 -46.32
CA SER C 203 -10.62 -50.61 -45.62
C SER C 203 -9.22 -51.16 -45.81
N PHE C 204 -8.89 -52.20 -45.05
CA PHE C 204 -7.62 -52.88 -45.11
C PHE C 204 -7.75 -54.31 -44.57
N ASN C 205 -6.95 -55.24 -45.09
CA ASN C 205 -6.95 -56.61 -44.60
C ASN C 205 -5.74 -56.75 -43.69
N ARG C 206 -5.95 -57.21 -42.47
CA ARG C 206 -4.91 -57.39 -41.46
C ARG C 206 -3.72 -58.20 -42.00
N GLY C 207 -2.50 -57.68 -41.79
CA GLY C 207 -1.26 -58.33 -42.22
C GLY C 207 -0.80 -58.06 -43.63
N GLU C 208 -1.64 -57.38 -44.46
CA GLU C 208 -1.33 -57.10 -45.85
C GLU C 208 -0.23 -56.05 -46.07
N CYS C 209 0.21 -55.88 -47.35
CA CYS C 209 1.19 -54.90 -47.78
C CYS C 209 2.63 -55.34 -47.44
N ARG D 3 -7.77 57.10 51.38
CA ARG D 3 -8.98 56.85 52.14
C ARG D 3 -9.02 55.45 52.75
N HIS D 4 -8.77 54.41 51.94
CA HIS D 4 -8.82 53.03 52.43
C HIS D 4 -7.73 52.15 51.82
N VAL D 5 -7.09 51.32 52.63
CA VAL D 5 -6.12 50.34 52.15
C VAL D 5 -6.42 48.99 52.78
N PHE D 6 -6.38 47.94 51.98
CA PHE D 6 -6.70 46.60 52.44
C PHE D 6 -5.68 45.61 51.93
N ILE D 7 -5.15 44.82 52.85
CA ILE D 7 -4.18 43.78 52.51
C ILE D 7 -4.57 42.53 53.26
N ARG D 8 -4.70 41.43 52.54
CA ARG D 8 -5.04 40.16 53.15
C ARG D 8 -4.20 39.07 52.51
N THR D 9 -3.46 38.31 53.32
CA THR D 9 -2.57 37.28 52.83
C THR D 9 -2.94 35.92 53.42
N GLU D 10 -2.84 34.86 52.63
CA GLU D 10 -3.19 33.51 53.09
C GLU D 10 -2.17 32.50 52.62
N LEU D 11 -1.48 31.84 53.54
CA LEU D 11 -0.49 30.83 53.17
C LEU D 11 -1.14 29.47 53.08
N SER D 12 -0.80 28.70 52.06
CA SER D 12 -1.31 27.35 51.90
C SER D 12 -0.23 26.40 51.34
N PHE D 13 -0.44 25.08 51.43
CA PHE D 13 0.55 24.12 50.95
C PHE D 13 0.03 23.11 49.94
N ILE D 14 0.73 22.95 48.81
CA ILE D 14 0.36 22.02 47.76
C ILE D 14 1.40 20.91 47.64
N LYS D 15 0.97 19.64 47.71
CA LYS D 15 1.87 18.49 47.53
C LYS D 15 2.11 18.25 46.03
N ASN D 16 3.23 17.59 45.67
CA ASN D 16 3.57 17.32 44.28
C ASN D 16 4.26 15.95 44.13
N ASN D 17 3.64 15.00 43.40
CA ASN D 17 4.17 13.64 43.14
C ASN D 17 5.38 13.58 42.20
N VAL D 18 5.69 14.69 41.53
CA VAL D 18 6.79 14.74 40.56
C VAL D 18 7.87 15.74 40.95
N PRO D 19 9.14 15.34 40.90
CA PRO D 19 10.22 16.30 41.23
C PRO D 19 10.61 17.14 40.01
N CYS D 20 9.80 18.16 39.69
CA CYS D 20 10.02 19.05 38.55
C CYS D 20 11.33 19.82 38.65
N ILE D 21 12.13 19.79 37.58
CA ILE D 21 13.37 20.57 37.48
C ILE D 21 12.99 22.06 37.48
N ARG D 22 11.94 22.40 36.74
CA ARG D 22 11.40 23.75 36.65
C ARG D 22 9.89 23.69 36.63
N ASP D 23 9.26 24.68 37.30
CA ASP D 23 7.82 24.89 37.33
C ASP D 23 7.45 26.04 36.38
N MET D 24 6.21 26.10 35.92
CA MET D 24 5.76 27.15 35.00
C MET D 24 4.30 27.31 35.25
N PHE D 25 3.96 28.18 36.18
CA PHE D 25 2.58 28.37 36.61
C PHE D 25 1.79 29.26 35.70
N PHE D 26 0.46 29.01 35.62
CA PHE D 26 -0.45 29.84 34.85
C PHE D 26 -1.90 29.75 35.34
N ILE D 27 -2.66 30.84 35.20
CA ILE D 27 -4.06 30.88 35.60
C ILE D 27 -4.88 30.68 34.35
N TYR D 28 -5.77 29.70 34.35
CA TYR D 28 -6.61 29.42 33.20
C TYR D 28 -7.97 29.13 33.76
N LYS D 29 -9.02 29.86 33.30
CA LYS D 29 -10.39 29.69 33.79
C LYS D 29 -10.44 29.74 35.32
N ARG D 30 -9.80 30.77 35.89
CA ARG D 30 -9.68 31.02 37.32
C ARG D 30 -8.97 29.90 38.13
N GLU D 31 -8.19 29.03 37.48
CA GLU D 31 -7.53 27.92 38.19
C GLU D 31 -6.03 27.88 37.98
N LEU D 32 -5.29 27.36 38.97
CA LEU D 32 -3.83 27.26 38.90
C LEU D 32 -3.36 26.02 38.17
N TYR D 33 -2.43 26.20 37.22
CA TYR D 33 -1.83 25.11 36.48
C TYR D 33 -0.30 25.19 36.56
N ASN D 34 0.41 24.16 36.05
CA ASN D 34 1.87 24.11 36.08
C ASN D 34 2.39 23.25 34.93
N ILE D 35 3.34 23.77 34.14
CA ILE D 35 3.99 22.98 33.10
C ILE D 35 5.27 22.47 33.74
N CYS D 36 5.21 21.24 34.24
CA CYS D 36 6.26 20.56 34.98
C CYS D 36 7.24 19.80 34.09
N LEU D 37 8.53 20.16 34.11
CA LEU D 37 9.54 19.43 33.39
C LEU D 37 10.13 18.40 34.33
N ASP D 38 10.02 17.11 33.99
CA ASP D 38 10.59 16.03 34.79
C ASP D 38 11.72 15.37 34.00
N ASP D 39 12.98 15.71 34.30
CA ASP D 39 14.11 15.08 33.60
C ASP D 39 15.16 14.53 34.54
N LEU D 40 14.94 13.24 34.89
CA LEU D 40 15.69 12.30 35.73
C LEU D 40 17.15 12.12 35.22
N GLU D 46 13.96 8.44 31.82
CA GLU D 46 13.11 9.08 30.83
C GLU D 46 12.55 10.46 31.27
N THR D 47 12.43 11.37 30.29
CA THR D 47 12.02 12.77 30.35
C THR D 47 10.53 12.91 30.10
N HIS D 48 9.85 13.78 30.86
CA HIS D 48 8.41 14.04 30.70
C HIS D 48 8.13 15.52 30.85
N ILE D 49 7.01 15.99 30.28
CA ILE D 49 6.57 17.38 30.42
C ILE D 49 5.09 17.33 30.76
N TYR D 50 4.77 17.46 32.04
CA TYR D 50 3.41 17.31 32.52
C TYR D 50 2.63 18.60 32.65
N VAL D 51 1.39 18.62 32.19
CA VAL D 51 0.52 19.75 32.46
C VAL D 51 -0.20 19.34 33.74
N GLN D 52 -0.06 20.11 34.81
CA GLN D 52 -0.65 19.77 36.10
C GLN D 52 -1.71 20.82 36.49
N LYS D 53 -2.64 20.44 37.38
CA LYS D 53 -3.72 21.33 37.83
C LYS D 53 -3.82 21.30 39.37
N LYS D 54 -4.20 22.44 39.95
CA LYS D 54 -4.29 22.56 41.40
C LYS D 54 -5.61 22.15 41.99
N VAL D 55 -5.69 20.89 42.43
CA VAL D 55 -6.90 20.40 43.09
C VAL D 55 -6.71 20.79 44.55
N LYS D 56 -7.59 20.35 45.44
CA LYS D 56 -7.41 20.69 46.85
C LYS D 56 -6.25 19.93 47.49
N ASP D 57 -5.22 20.68 47.86
CA ASP D 57 -4.02 20.18 48.51
C ASP D 57 -3.15 19.19 47.68
N SER D 58 -3.34 19.19 46.37
CA SER D 58 -2.55 18.28 45.53
C SER D 58 -2.42 18.59 44.04
N TRP D 59 -1.17 18.59 43.56
CA TRP D 59 -0.89 18.82 42.17
C TRP D 59 -1.30 17.58 41.40
N ILE D 60 -2.41 17.66 40.67
CA ILE D 60 -2.88 16.53 39.88
C ILE D 60 -2.31 16.59 38.46
N THR D 61 -1.70 15.49 38.02
CA THR D 61 -1.12 15.45 36.69
C THR D 61 -2.20 15.15 35.67
N LEU D 62 -2.32 15.99 34.65
CA LEU D 62 -3.34 15.80 33.62
C LEU D 62 -2.77 15.10 32.38
N ASN D 63 -1.68 15.64 31.81
CA ASN D 63 -1.10 15.10 30.58
C ASN D 63 0.45 15.00 30.65
N ASP D 64 1.08 14.30 29.68
CA ASP D 64 2.53 14.25 29.49
C ASP D 64 2.67 14.60 28.03
N LEU D 65 2.86 15.88 27.72
CA LEU D 65 2.97 16.36 26.35
C LEU D 65 4.17 15.81 25.64
N PHE D 66 5.25 15.53 26.36
CA PHE D 66 6.48 15.03 25.75
C PHE D 66 6.30 13.71 24.98
N LYS D 67 5.48 12.77 25.52
CA LYS D 67 5.24 11.48 24.88
C LYS D 67 4.61 11.61 23.48
N GLU D 68 3.97 12.74 23.19
CA GLU D 68 3.38 12.99 21.87
C GLU D 68 4.34 13.67 20.90
N THR D 69 5.60 13.91 21.29
CA THR D 69 6.58 14.59 20.43
C THR D 69 7.69 13.64 19.92
N ASP D 70 8.53 14.13 19.00
CA ASP D 70 9.63 13.34 18.50
C ASP D 70 11.00 13.75 19.15
N LEU D 71 11.00 14.76 20.05
CA LEU D 71 12.16 15.28 20.76
C LEU D 71 12.84 14.22 21.60
N THR D 72 14.17 14.27 21.74
CA THR D 72 14.88 13.33 22.60
C THR D 72 15.25 13.91 23.98
N GLY D 73 15.49 15.24 24.03
CA GLY D 73 15.88 15.90 25.28
C GLY D 73 15.11 17.15 25.65
N ARG D 74 15.57 17.90 26.69
CA ARG D 74 14.88 19.09 27.20
C ARG D 74 14.66 20.20 26.19
N PRO D 75 13.39 20.60 25.99
CA PRO D 75 13.10 21.67 25.03
C PRO D 75 12.89 23.05 25.69
N HIS D 76 12.72 24.09 24.87
CA HIS D 76 12.35 25.41 25.36
C HIS D 76 10.84 25.39 25.33
N ILE D 77 10.19 25.71 26.43
CA ILE D 77 8.74 25.72 26.50
C ILE D 77 8.20 27.15 26.43
N PHE D 78 7.35 27.43 25.45
CA PHE D 78 6.71 28.73 25.33
C PHE D 78 5.20 28.51 25.40
N ALA D 79 4.58 28.83 26.55
CA ALA D 79 3.13 28.65 26.75
C ALA D 79 2.42 29.99 26.63
N TYR D 80 1.20 29.96 26.09
CA TYR D 80 0.39 31.15 25.85
C TYR D 80 -1.03 30.91 26.26
N VAL D 81 -1.54 31.78 27.14
CA VAL D 81 -2.89 31.61 27.63
C VAL D 81 -3.74 32.85 27.32
N ASP D 82 -4.62 32.69 26.32
CA ASP D 82 -5.61 33.68 25.92
C ASP D 82 -6.84 33.44 26.87
N VAL D 83 -7.86 34.33 26.85
CA VAL D 83 -9.03 34.20 27.76
C VAL D 83 -9.55 32.74 27.94
N GLU D 84 -9.57 31.92 26.84
CA GLU D 84 -9.99 30.52 26.89
C GLU D 84 -9.13 29.60 26.03
N GLU D 85 -7.87 29.97 25.81
CA GLU D 85 -6.96 29.13 24.99
C GLU D 85 -5.64 28.89 25.71
N ILE D 86 -4.97 27.76 25.40
CA ILE D 86 -3.66 27.43 25.96
C ILE D 86 -2.82 26.81 24.87
N ILE D 87 -1.90 27.57 24.28
CA ILE D 87 -1.01 27.07 23.24
C ILE D 87 0.37 26.81 23.86
N ILE D 88 0.92 25.60 23.72
CA ILE D 88 2.22 25.27 24.30
C ILE D 88 3.16 24.83 23.20
N LEU D 89 4.37 25.41 23.13
CA LEU D 89 5.34 25.02 22.10
C LEU D 89 6.53 24.38 22.76
N LEU D 90 6.98 23.22 22.25
CA LEU D 90 8.15 22.57 22.81
C LEU D 90 9.23 22.63 21.74
N CYS D 91 10.07 23.64 21.80
CA CYS D 91 11.10 23.84 20.80
C CYS D 91 12.42 23.16 21.10
N GLU D 92 12.98 22.51 20.10
CA GLU D 92 14.28 21.83 20.29
C GLU D 92 15.41 22.80 20.67
N ASP D 93 16.04 22.53 21.80
CA ASP D 93 17.14 23.36 22.28
C ASP D 93 18.42 22.99 21.53
N GLU D 94 18.77 23.82 20.56
CA GLU D 94 19.96 23.58 19.74
C GLU D 94 21.11 24.38 20.35
N GLU D 95 22.22 23.72 20.75
CA GLU D 95 23.38 24.39 21.36
C GLU D 95 23.96 25.43 20.40
N PHE D 96 24.36 26.60 20.92
CA PHE D 96 24.80 27.74 20.12
C PHE D 96 25.72 27.39 18.94
N SER D 97 26.79 26.62 19.20
CA SER D 97 27.76 26.23 18.17
C SER D 97 27.11 25.40 17.04
N ASN D 98 26.22 24.48 17.39
CA ASN D 98 25.59 23.60 16.42
C ASN D 98 24.14 24.01 16.09
N ARG D 99 23.89 25.31 15.91
CA ARG D 99 22.53 25.77 15.58
C ARG D 99 22.36 25.77 14.06
N LYS D 100 21.39 24.99 13.56
CA LYS D 100 21.02 24.89 12.14
C LYS D 100 20.06 26.08 11.81
N LYS D 101 19.95 26.48 10.53
CA LYS D 101 19.16 27.66 10.15
C LYS D 101 17.66 27.64 10.46
N ASP D 102 17.02 26.46 10.64
CA ASP D 102 15.57 26.40 10.95
C ASP D 102 15.33 25.91 12.39
N MET D 103 14.18 26.26 13.00
CA MET D 103 13.85 25.76 14.35
C MET D 103 12.62 24.83 14.37
N THR D 104 12.80 23.60 14.87
CA THR D 104 11.70 22.64 14.93
C THR D 104 11.05 22.65 16.32
N CYS D 105 9.75 22.96 16.38
CA CYS D 105 8.96 22.99 17.61
C CYS D 105 7.83 22.01 17.48
N HIS D 106 7.26 21.55 18.59
CA HIS D 106 6.08 20.70 18.60
C HIS D 106 5.02 21.53 19.29
N ARG D 107 4.05 22.03 18.54
CA ARG D 107 2.95 22.86 19.03
C ARG D 107 1.83 22.02 19.62
N PHE D 108 1.13 22.56 20.62
CA PHE D 108 0.00 21.94 21.33
C PHE D 108 -1.09 23.00 21.52
N TYR D 109 -2.36 22.65 21.29
CA TYR D 109 -3.46 23.61 21.43
C TYR D 109 -4.63 23.01 22.22
N SER D 110 -5.12 23.71 23.24
CA SER D 110 -6.25 23.17 23.99
C SER D 110 -7.32 24.22 24.24
N ASN D 111 -8.45 23.76 24.72
CA ASN D 111 -9.53 24.66 25.05
C ASN D 111 -9.95 24.35 26.44
N ASP D 112 -9.65 23.14 26.88
CA ASP D 112 -10.02 22.70 28.21
C ASP D 112 -8.88 22.48 29.21
N GLY D 113 -7.65 22.32 28.76
CA GLY D 113 -6.63 22.09 29.76
C GLY D 113 -6.43 20.63 30.06
N LYS D 114 -7.18 19.79 29.36
CA LYS D 114 -7.09 18.34 29.51
C LYS D 114 -7.00 17.71 28.13
N GLU D 115 -7.31 18.51 27.11
CA GLU D 115 -7.27 18.06 25.72
C GLU D 115 -6.37 18.86 24.87
N TYR D 116 -5.56 18.15 24.12
CA TYR D 116 -4.64 18.89 23.25
C TYR D 116 -4.38 18.22 21.90
N ASN D 117 -4.53 18.97 20.80
CA ASN D 117 -4.25 18.43 19.48
C ASN D 117 -2.84 18.89 19.11
N ASN D 118 -1.89 17.96 18.95
CA ASN D 118 -0.50 18.32 18.70
C ASN D 118 -0.01 18.15 17.29
N ALA D 119 0.88 19.02 16.86
CA ALA D 119 1.46 18.95 15.54
C ALA D 119 2.83 19.61 15.55
N GLU D 120 3.79 19.02 14.84
CA GLU D 120 5.13 19.57 14.73
C GLU D 120 5.12 20.71 13.71
N ILE D 121 5.88 21.78 13.97
CA ILE D 121 6.05 22.96 13.12
C ILE D 121 7.55 23.25 12.94
N THR D 122 7.90 23.96 11.88
CA THR D 122 9.29 24.31 11.61
C THR D 122 9.37 25.76 11.20
N ILE D 123 10.06 26.57 12.03
CA ILE D 123 10.27 27.97 11.74
C ILE D 123 11.54 28.09 10.87
N SER D 124 11.33 28.14 9.55
CA SER D 124 12.44 28.22 8.61
C SER D 124 13.17 29.55 8.68
N ASP D 125 14.51 29.51 8.54
CA ASP D 125 15.41 30.67 8.55
C ASP D 125 15.09 31.61 9.70
N TYR D 126 14.80 31.01 10.87
CA TYR D 126 14.40 31.70 12.09
C TYR D 126 15.40 32.74 12.49
N ILE D 127 14.90 33.92 12.87
CA ILE D 127 15.72 35.09 13.21
C ILE D 127 16.45 34.96 14.55
N LEU D 128 15.93 34.13 15.46
CA LEU D 128 16.52 33.92 16.78
C LEU D 128 17.73 33.00 16.81
N LYS D 129 18.33 32.73 15.64
CA LYS D 129 19.50 31.85 15.51
C LYS D 129 20.66 32.41 16.35
N ASP D 130 20.93 33.72 16.28
CA ASP D 130 22.00 34.33 17.07
C ASP D 130 21.56 34.80 18.48
N LYS D 131 20.47 34.25 19.00
CA LYS D 131 19.96 34.66 20.31
C LYS D 131 19.82 33.45 21.27
N LEU D 132 19.87 33.71 22.58
CA LEU D 132 19.69 32.68 23.60
C LEU D 132 18.24 32.75 24.04
N LEU D 133 17.61 31.58 24.11
CA LEU D 133 16.22 31.52 24.53
C LEU D 133 16.10 30.94 25.95
N SER D 134 15.00 31.25 26.63
CA SER D 134 14.69 30.74 27.96
C SER D 134 13.18 30.50 28.04
N SER D 135 12.73 29.41 28.68
CA SER D 135 11.29 29.11 28.76
C SER D 135 10.45 30.07 29.62
N TYR D 136 9.21 30.36 29.18
CA TYR D 136 8.28 31.20 29.95
C TYR D 136 6.82 31.02 29.52
N VAL D 137 5.88 31.38 30.41
CA VAL D 137 4.46 31.41 30.05
C VAL D 137 4.15 32.86 29.69
N SER D 138 3.21 33.08 28.79
CA SER D 138 2.92 34.41 28.29
C SER D 138 1.46 34.57 27.85
N LEU D 139 1.09 35.80 27.50
CA LEU D 139 -0.27 36.15 27.08
C LEU D 139 -0.16 36.77 25.67
N PRO D 140 -1.29 37.03 24.97
CA PRO D 140 -1.20 37.68 23.65
C PRO D 140 -0.91 39.19 23.80
N LEU D 141 -0.30 39.80 22.78
CA LEU D 141 0.02 41.23 22.82
C LEU D 141 -0.67 41.91 21.64
N LYS D 142 -1.55 42.87 21.91
CA LYS D 142 -2.26 43.56 20.83
C LYS D 142 -1.41 44.72 20.33
N ILE D 143 -1.21 44.83 19.02
CA ILE D 143 -0.41 45.93 18.45
C ILE D 143 -1.15 46.46 17.24
N GLU D 144 -1.97 47.50 17.39
CA GLU D 144 -2.80 47.99 16.29
C GLU D 144 -3.75 46.90 15.77
N ASN D 145 -4.74 46.53 16.61
CA ASN D 145 -5.84 45.62 16.32
C ASN D 145 -5.43 44.24 15.77
N ARG D 146 -4.37 43.65 16.36
CA ARG D 146 -3.91 42.31 16.03
C ARG D 146 -3.23 41.71 17.26
N GLU D 147 -3.52 40.42 17.58
CA GLU D 147 -2.93 39.76 18.74
C GLU D 147 -1.73 38.93 18.33
N TYR D 148 -0.65 38.97 19.11
CA TYR D 148 0.56 38.21 18.77
C TYR D 148 1.11 37.43 19.95
N PHE D 149 1.62 36.22 19.70
CA PHE D 149 2.35 35.46 20.70
C PHE D 149 3.82 35.83 20.45
N LEU D 150 4.64 35.90 21.51
CA LEU D 150 6.02 36.34 21.35
C LEU D 150 7.04 35.36 21.84
N ILE D 151 8.02 35.07 20.99
CA ILE D 151 9.15 34.27 21.40
C ILE D 151 10.36 35.20 21.32
N CYS D 152 10.88 35.60 22.49
CA CYS D 152 11.97 36.57 22.57
C CYS D 152 13.30 35.97 23.02
N GLY D 153 14.37 36.41 22.37
CA GLY D 153 15.72 35.98 22.69
C GLY D 153 16.62 37.13 23.03
N VAL D 154 17.79 36.82 23.56
CA VAL D 154 18.79 37.80 23.98
C VAL D 154 20.17 37.48 23.35
N SER D 155 21.07 38.46 23.22
CA SER D 155 22.40 38.15 22.66
C SER D 155 23.45 37.90 23.78
N PRO D 156 24.50 37.10 23.50
CA PRO D 156 25.54 36.87 24.52
C PRO D 156 26.72 37.87 24.40
N ASP D 166 19.52 44.28 17.21
CA ASP D 166 19.44 44.73 18.59
C ASP D 166 19.59 43.57 19.62
N ASP D 167 19.90 43.91 20.88
CA ASP D 167 20.15 42.95 21.95
C ASP D 167 18.97 42.01 22.15
N ILE D 168 17.77 42.60 22.32
CA ILE D 168 16.54 41.86 22.50
C ILE D 168 15.86 41.78 21.15
N LEU D 169 15.29 40.62 20.84
CA LEU D 169 14.59 40.43 19.58
C LEU D 169 13.47 39.43 19.76
N CYS D 170 12.28 39.76 19.24
CA CYS D 170 11.13 38.89 19.35
C CYS D 170 10.65 38.45 17.99
N MET D 171 10.23 37.20 17.87
CA MET D 171 9.55 36.75 16.68
C MET D 171 8.13 36.47 17.10
N ALA D 172 7.18 36.95 16.33
CA ALA D 172 5.78 36.88 16.70
C ALA D 172 4.91 36.01 15.80
N SER D 173 3.75 35.56 16.31
CA SER D 173 2.76 34.77 15.60
C SER D 173 1.39 35.34 15.83
N HIS D 174 0.73 35.82 14.78
CA HIS D 174 -0.64 36.30 14.90
C HIS D 174 -1.68 35.20 14.62
N ASP D 175 -1.24 33.97 14.23
CA ASP D 175 -2.16 32.90 13.92
C ASP D 175 -2.17 31.80 14.98
N LYS D 176 -2.03 32.17 16.25
CA LYS D 176 -2.11 31.22 17.36
C LYS D 176 -0.95 30.23 17.43
N GLY D 177 0.24 30.66 17.02
CA GLY D 177 1.43 29.84 17.09
C GLY D 177 1.72 28.94 15.91
N GLU D 178 1.01 29.15 14.80
CA GLU D 178 1.21 28.32 13.61
C GLU D 178 2.43 28.77 12.84
N THR D 179 2.58 30.09 12.62
CA THR D 179 3.71 30.66 11.88
C THR D 179 4.33 31.82 12.68
N TRP D 180 5.65 31.86 12.72
CA TRP D 180 6.37 32.86 13.48
C TRP D 180 7.10 33.80 12.55
N GLY D 181 6.36 34.38 11.61
CA GLY D 181 6.90 35.27 10.58
C GLY D 181 7.17 36.69 11.01
N THR D 182 6.34 37.22 11.90
CA THR D 182 6.44 38.59 12.38
C THR D 182 7.75 38.87 13.16
N LYS D 183 8.33 40.09 13.01
CA LYS D 183 9.53 40.45 13.76
C LYS D 183 9.28 41.69 14.60
N ILE D 184 9.27 41.54 15.93
CA ILE D 184 9.05 42.68 16.82
C ILE D 184 10.39 43.17 17.31
N VAL D 185 10.71 44.42 16.97
CA VAL D 185 11.99 45.04 17.32
C VAL D 185 11.93 45.66 18.70
N ILE D 186 12.97 45.45 19.50
CA ILE D 186 13.03 46.02 20.84
C ILE D 186 14.28 46.88 20.95
N LYS D 187 14.08 48.15 21.29
CA LYS D 187 15.17 49.10 21.40
C LYS D 187 15.43 49.47 22.84
N TYR D 188 16.48 48.90 23.43
CA TYR D 188 16.85 49.17 24.82
C TYR D 188 18.33 49.56 24.88
N ASP D 189 18.62 50.88 24.91
CA ASP D 189 20.01 51.34 24.96
C ASP D 189 20.63 51.17 26.34
N ASN D 190 21.40 50.08 26.51
CA ASN D 190 22.17 49.85 27.73
C ASN D 190 23.57 50.21 27.33
N TYR D 191 24.07 51.36 27.78
CA TYR D 191 25.41 51.84 27.42
C TYR D 191 26.54 50.91 27.93
N LYS D 192 26.26 50.07 28.94
CA LYS D 192 27.24 49.14 29.50
C LYS D 192 27.44 47.93 28.62
N LEU D 193 28.38 48.08 27.70
CA LEU D 193 28.84 47.05 26.79
C LEU D 193 29.66 46.06 27.63
N GLY D 194 29.60 44.78 27.28
CA GLY D 194 30.36 43.76 28.00
C GLY D 194 29.63 43.09 29.14
N VAL D 195 28.30 43.22 29.16
CA VAL D 195 27.45 42.57 30.16
C VAL D 195 26.54 41.54 29.49
N GLN D 196 26.07 40.53 30.27
CA GLN D 196 25.22 39.49 29.70
C GLN D 196 23.81 39.48 30.25
N TYR D 197 22.86 39.07 29.40
CA TYR D 197 21.47 38.96 29.85
C TYR D 197 21.09 37.48 29.98
N PHE D 198 20.22 37.16 30.94
CA PHE D 198 19.81 35.78 31.18
C PHE D 198 18.33 35.70 31.50
N PHE D 199 17.67 34.60 31.18
CA PHE D 199 16.26 34.37 31.53
C PHE D 199 15.33 35.54 31.17
N LEU D 200 15.48 36.09 29.97
CA LEU D 200 14.65 37.18 29.51
C LEU D 200 13.26 36.66 29.23
N ARG D 201 12.27 37.21 29.91
CA ARG D 201 10.88 36.83 29.70
C ARG D 201 10.05 38.10 29.65
N PRO D 202 9.13 38.21 28.68
CA PRO D 202 8.27 39.40 28.61
C PRO D 202 7.14 39.39 29.64
N TYR D 203 6.90 40.52 30.28
CA TYR D 203 5.82 40.72 31.23
C TYR D 203 4.74 41.57 30.55
N ILE D 204 3.60 40.95 30.23
CA ILE D 204 2.52 41.67 29.58
C ILE D 204 1.38 41.99 30.57
N SER D 205 1.07 43.29 30.72
CA SER D 205 0.01 43.77 31.62
C SER D 205 -0.77 44.84 30.85
N LYS D 206 -2.10 44.60 30.69
CA LYS D 206 -3.03 45.39 29.86
C LYS D 206 -2.55 45.01 28.42
N ASN D 207 -2.03 45.97 27.64
CA ASN D 207 -1.35 45.66 26.39
C ASN D 207 0.04 46.32 26.37
N ASP D 208 0.66 46.43 27.58
CA ASP D 208 1.93 47.08 27.74
C ASP D 208 3.01 46.02 27.81
N LEU D 209 4.07 46.20 27.04
CA LEU D 209 5.16 45.24 27.02
C LEU D 209 6.25 45.69 27.98
N SER D 210 6.73 44.75 28.78
CA SER D 210 7.80 44.94 29.74
C SER D 210 8.70 43.68 29.70
N PHE D 211 9.91 43.72 30.28
CA PHE D 211 10.76 42.54 30.30
C PHE D 211 11.39 42.33 31.64
N HIS D 212 11.41 41.10 32.10
CA HIS D 212 12.09 40.74 33.31
C HIS D 212 13.25 39.87 32.87
N PHE D 213 14.45 40.23 33.25
CA PHE D 213 15.64 39.47 32.89
C PHE D 213 16.74 39.65 33.91
N TYR D 214 17.74 38.79 33.89
CA TYR D 214 18.87 38.88 34.80
C TYR D 214 20.07 39.50 34.09
N VAL D 215 20.91 40.24 34.81
CA VAL D 215 22.08 40.87 34.22
C VAL D 215 23.33 40.58 35.02
N GLY D 216 24.48 40.69 34.35
CA GLY D 216 25.75 40.68 35.04
C GLY D 216 26.66 39.48 34.97
N ASP D 217 27.31 39.27 33.81
CA ASP D 217 28.35 38.25 33.74
C ASP D 217 29.71 38.92 33.94
N ASN D 218 29.79 39.66 35.04
CA ASN D 218 30.99 40.34 35.48
C ASN D 218 31.49 39.55 36.69
N ILE D 219 30.59 39.23 37.64
CA ILE D 219 30.87 38.52 38.87
C ILE D 219 30.01 37.25 38.92
N VAL D 222 26.93 35.96 40.41
CA VAL D 222 25.50 36.27 40.62
C VAL D 222 24.95 37.29 39.61
N LYS D 223 23.65 37.19 39.33
CA LYS D 223 22.98 38.09 38.42
C LYS D 223 22.05 38.98 39.21
N ASN D 224 21.64 40.10 38.61
CA ASN D 224 20.69 41.03 39.22
C ASN D 224 19.51 41.15 38.32
N VAL D 225 18.32 41.06 38.90
CA VAL D 225 17.09 41.22 38.13
C VAL D 225 17.02 42.64 37.60
N ASN D 226 16.62 42.79 36.36
CA ASN D 226 16.42 44.08 35.75
C ASN D 226 15.02 44.07 35.19
N PHE D 227 14.35 45.22 35.20
CA PHE D 227 13.00 45.30 34.67
C PHE D 227 12.91 46.51 33.79
N ILE D 228 12.51 46.33 32.54
CA ILE D 228 12.38 47.44 31.60
C ILE D 228 10.93 47.67 31.21
N GLU D 229 10.56 48.90 30.90
CA GLU D 229 9.20 49.21 30.48
C GLU D 229 9.27 49.61 29.03
N CYS D 230 8.48 48.98 28.18
CA CYS D 230 8.49 49.30 26.77
C CYS D 230 7.27 50.07 26.33
N THR D 231 7.47 50.93 25.34
CA THR D 231 6.40 51.74 24.79
C THR D 231 6.39 51.51 23.31
N HIS D 232 5.20 51.26 22.73
CA HIS D 232 5.12 51.11 21.29
C HIS D 232 5.25 52.49 20.67
N GLU D 233 6.10 52.61 19.66
CA GLU D 233 6.30 53.89 19.02
C GLU D 233 5.85 53.87 17.56
N LYS D 234 6.22 52.82 16.79
CA LYS D 234 5.86 52.74 15.38
C LYS D 234 6.01 51.32 14.81
N ASP D 235 5.09 50.94 13.88
CA ASP D 235 5.07 49.64 13.21
C ASP D 235 5.14 48.47 14.24
N LEU D 236 6.25 47.71 14.32
CA LEU D 236 6.42 46.66 15.34
C LEU D 236 7.67 46.94 16.17
N GLU D 237 7.99 48.23 16.40
CA GLU D 237 9.15 48.65 17.18
C GLU D 237 8.69 49.18 18.52
N PHE D 238 9.42 48.82 19.58
CA PHE D 238 9.12 49.26 20.94
C PHE D 238 10.37 49.87 21.55
N VAL D 239 10.23 50.95 22.31
CA VAL D 239 11.37 51.57 22.98
C VAL D 239 11.29 51.32 24.50
N CYS D 240 12.33 50.71 25.06
CA CYS D 240 12.36 50.36 26.46
C CYS D 240 13.35 51.14 27.28
N SER D 241 13.07 51.26 28.58
CA SER D 241 13.89 51.96 29.56
C SER D 241 13.81 51.26 30.93
N ASN D 242 14.90 51.30 31.71
CA ASN D 242 14.93 50.63 33.00
C ASN D 242 13.96 51.23 34.02
N ARG D 243 13.40 50.35 34.87
CA ARG D 243 12.49 50.69 35.96
C ARG D 243 13.25 50.38 37.21
N ASP D 244 13.62 51.42 37.93
CA ASP D 244 14.36 51.25 39.16
C ASP D 244 13.49 50.76 40.27
N PHE D 245 13.77 49.54 40.73
CA PHE D 245 13.09 49.01 41.91
C PHE D 245 14.10 48.75 43.04
N LEU D 246 15.38 49.18 42.91
CA LEU D 246 16.39 48.95 43.92
C LEU D 246 16.00 49.39 45.32
N LYS D 247 16.23 48.48 46.26
CA LYS D 247 15.95 48.70 47.68
C LYS D 247 17.24 48.32 48.40
N ASP D 248 17.70 49.20 49.30
CA ASP D 248 18.93 48.99 50.05
C ASP D 248 18.77 47.81 50.99
N ASN D 249 19.75 46.87 50.98
CA ASN D 249 19.74 45.65 51.82
C ASN D 249 18.60 44.70 51.49
N LYS D 250 18.26 44.64 50.21
CA LYS D 250 17.20 43.80 49.68
C LYS D 250 17.55 43.47 48.23
N VAL D 251 17.25 42.25 47.80
CA VAL D 251 17.58 41.80 46.47
C VAL D 251 16.33 41.63 45.62
N LEU D 252 16.22 42.39 44.51
CA LEU D 252 15.06 42.35 43.63
C LEU D 252 14.83 40.94 43.13
N GLN D 253 13.59 40.48 43.17
CA GLN D 253 13.27 39.12 42.76
C GLN D 253 12.21 39.08 41.63
N ASP D 254 11.01 39.61 41.88
CA ASP D 254 9.95 39.54 40.89
C ASP D 254 9.03 40.77 40.87
N VAL D 255 8.43 41.04 39.73
CA VAL D 255 7.58 42.19 39.55
C VAL D 255 6.24 41.75 38.98
N SER D 256 5.16 42.28 39.51
CA SER D 256 3.81 42.07 39.01
C SER D 256 3.01 43.36 39.23
N THR D 257 1.73 43.43 38.85
CA THR D 257 0.93 44.66 39.05
C THR D 257 -0.41 44.41 39.73
N LEU D 258 -0.64 45.04 40.86
CA LEU D 258 -1.92 44.94 41.56
C LEU D 258 -2.46 46.33 41.77
N ASN D 259 -3.77 46.50 41.53
CA ASN D 259 -4.48 47.74 41.76
C ASN D 259 -3.91 48.88 40.91
N ASP D 260 -3.52 48.60 39.64
CA ASP D 260 -2.91 49.59 38.73
C ASP D 260 -1.56 50.13 39.22
N GLU D 261 -0.93 49.45 40.18
CA GLU D 261 0.40 49.79 40.70
C GLU D 261 1.28 48.53 40.67
N TYR D 262 2.60 48.66 40.86
CA TYR D 262 3.48 47.50 40.89
C TYR D 262 3.51 46.85 42.29
N ILE D 263 3.66 45.53 42.30
CA ILE D 263 3.91 44.74 43.48
C ILE D 263 5.25 44.07 43.20
N VAL D 264 6.21 44.30 44.09
CA VAL D 264 7.56 43.84 43.88
C VAL D 264 8.06 42.99 45.04
N SER D 265 8.67 41.84 44.74
CA SER D 265 9.20 40.97 45.79
C SER D 265 10.71 41.09 45.90
N TYR D 266 11.25 40.85 47.10
CA TYR D 266 12.69 40.98 47.39
C TYR D 266 13.17 39.86 48.31
N GLY D 267 14.46 39.55 48.25
CA GLY D 267 15.09 38.60 49.14
C GLY D 267 15.95 39.38 50.12
N ASN D 268 16.14 38.87 51.34
CA ASN D 268 16.96 39.57 52.35
C ASN D 268 18.42 39.72 51.83
N ASP D 269 18.93 38.65 51.21
CA ASP D 269 20.23 38.53 50.56
C ASP D 269 20.06 37.48 49.44
N ASN D 270 21.16 36.99 48.82
CA ASN D 270 21.03 35.99 47.74
C ASN D 270 20.72 34.56 48.23
N ASN D 271 20.63 34.36 49.56
CA ASN D 271 20.28 33.06 50.14
C ASN D 271 18.77 32.86 50.29
N PHE D 272 18.00 33.97 50.36
CA PHE D 272 16.53 34.04 50.43
C PHE D 272 15.93 33.36 51.67
N ALA D 273 16.39 33.76 52.86
CA ALA D 273 15.85 33.26 54.13
C ALA D 273 14.41 33.81 54.29
N GLU D 274 14.21 35.11 53.92
CA GLU D 274 12.91 35.80 53.93
C GLU D 274 12.70 36.56 52.62
N CYS D 275 11.44 36.76 52.28
CA CYS D 275 11.01 37.53 51.13
C CYS D 275 10.07 38.68 51.58
N TYR D 276 10.22 39.85 50.96
CA TYR D 276 9.38 41.01 51.30
C TYR D 276 8.56 41.37 50.07
N ILE D 277 7.25 41.61 50.23
CA ILE D 277 6.44 42.04 49.09
C ILE D 277 6.03 43.47 49.34
N PHE D 278 6.41 44.38 48.43
CA PHE D 278 6.08 45.79 48.55
C PHE D 278 4.95 46.18 47.62
N PHE D 279 4.01 46.96 48.13
CA PHE D 279 2.85 47.40 47.38
C PHE D 279 3.02 48.91 47.13
N ASN D 280 3.16 49.29 45.84
CA ASN D 280 3.37 50.67 45.40
C ASN D 280 4.57 51.37 46.07
N ASN D 281 5.54 50.57 46.55
CA ASN D 281 6.73 50.99 47.30
C ASN D 281 6.39 51.65 48.65
N GLU D 282 5.20 51.31 49.19
CA GLU D 282 4.73 51.87 50.42
C GLU D 282 4.56 50.76 51.47
N ASN D 283 3.46 50.00 51.42
CA ASN D 283 3.20 48.96 52.40
C ASN D 283 3.94 47.68 52.07
N SER D 284 4.29 46.88 53.08
CA SER D 284 5.00 45.64 52.82
C SER D 284 4.55 44.47 53.67
N ILE D 285 4.69 43.27 53.14
CA ILE D 285 4.39 42.05 53.87
C ILE D 285 5.65 41.20 53.91
N LEU D 286 5.81 40.43 54.99
CA LEU D 286 6.96 39.57 55.15
C LEU D 286 6.62 38.10 55.03
N ILE D 287 7.39 37.39 54.19
CA ILE D 287 7.29 35.97 53.99
C ILE D 287 8.49 35.36 54.73
N LYS D 288 8.23 34.64 55.86
CA LYS D 288 9.23 33.97 56.70
C LYS D 288 9.01 32.49 56.50
N PRO D 289 9.61 31.88 55.46
CA PRO D 289 9.38 30.44 55.20
C PRO D 289 10.06 29.53 56.21
N GLU D 290 11.22 29.95 56.74
CA GLU D 290 11.99 29.18 57.73
C GLU D 290 11.54 29.45 59.16
N LYS D 291 10.23 29.66 59.34
CA LYS D 291 9.59 29.86 60.64
C LYS D 291 9.73 28.58 61.54
N TYR D 292 10.18 27.45 60.96
CA TYR D 292 10.43 26.19 61.66
C TYR D 292 11.70 25.46 61.12
N GLY D 293 12.10 25.74 59.86
CA GLY D 293 13.27 25.12 59.26
C GLY D 293 13.08 24.66 57.82
N GLY D 298 13.70 28.19 52.51
CA GLY D 298 13.75 29.57 52.06
C GLY D 298 12.74 29.91 50.98
N CYS D 299 12.81 31.13 50.43
CA CYS D 299 11.85 31.55 49.40
C CYS D 299 12.50 31.77 48.05
N TYR D 300 13.60 31.03 47.75
CA TYR D 300 14.31 31.16 46.48
C TYR D 300 13.38 30.87 45.32
N GLY D 301 13.42 31.71 44.31
CA GLY D 301 12.61 31.52 43.12
C GLY D 301 11.16 31.89 43.27
N GLY D 302 10.85 32.70 44.29
CA GLY D 302 9.49 33.20 44.53
C GLY D 302 8.95 33.92 43.31
N THR D 303 7.79 33.47 42.85
CA THR D 303 7.23 33.99 41.63
C THR D 303 5.77 34.41 41.80
N PHE D 304 5.40 35.57 41.21
CA PHE D 304 4.03 36.09 41.25
C PHE D 304 3.15 35.43 40.19
N VAL D 305 1.88 35.17 40.52
CA VAL D 305 0.92 34.58 39.60
C VAL D 305 -0.36 35.45 39.71
N LYS D 306 -0.52 36.39 38.79
CA LYS D 306 -1.64 37.32 38.82
C LYS D 306 -2.97 36.63 38.50
N ILE D 307 -3.95 36.71 39.40
CA ILE D 307 -5.26 36.13 39.18
C ILE D 307 -6.18 37.20 38.58
N ASP D 308 -6.26 38.37 39.22
CA ASP D 308 -7.03 39.50 38.72
C ASP D 308 -6.35 40.84 39.13
N GLU D 309 -7.05 42.00 38.96
CA GLU D 309 -6.45 43.28 39.27
C GLU D 309 -6.20 43.50 40.76
N ASN D 310 -6.86 42.76 41.65
CA ASN D 310 -6.65 42.93 43.09
C ASN D 310 -6.25 41.61 43.81
N ARG D 311 -6.11 40.50 43.06
CA ARG D 311 -5.72 39.20 43.60
C ARG D 311 -4.53 38.66 42.81
N ALA D 312 -3.60 38.01 43.51
CA ALA D 312 -2.40 37.43 42.92
C ALA D 312 -1.80 36.39 43.90
N LEU D 313 -0.86 35.57 43.45
CA LEU D 313 -0.23 34.55 44.29
C LEU D 313 1.27 34.75 44.34
N PHE D 314 1.89 34.28 45.40
CA PHE D 314 3.31 34.33 45.55
C PHE D 314 3.67 32.89 45.80
N ILE D 315 4.38 32.24 44.85
CA ILE D 315 4.66 30.83 44.97
C ILE D 315 6.13 30.55 44.99
N TYR D 316 6.55 29.63 45.85
CA TYR D 316 7.90 29.11 45.96
C TYR D 316 7.85 27.66 46.49
N SER D 317 8.95 26.92 46.40
CA SER D 317 9.01 25.53 46.84
C SER D 317 10.08 25.38 47.93
N SER D 318 9.70 25.61 49.21
CA SER D 318 10.62 25.54 50.35
C SER D 318 11.42 24.21 50.41
N SER D 319 10.74 23.08 50.24
CA SER D 319 11.32 21.73 50.23
C SER D 319 10.86 20.98 48.98
N GLN D 320 11.44 19.80 48.70
CA GLN D 320 11.04 18.99 47.55
C GLN D 320 9.56 18.61 47.61
N GLY D 321 8.83 19.00 46.57
CA GLY D 321 7.43 18.69 46.38
C GLY D 321 6.41 19.50 47.17
N ILE D 322 6.88 20.39 48.05
CA ILE D 322 5.97 21.20 48.85
C ILE D 322 5.90 22.62 48.30
N TYR D 323 4.70 23.08 47.97
CA TYR D 323 4.51 24.41 47.38
C TYR D 323 3.83 25.38 48.34
N ASN D 324 4.54 26.43 48.76
CA ASN D 324 3.98 27.45 49.61
C ASN D 324 3.33 28.43 48.66
N ILE D 325 2.03 28.55 48.73
CA ILE D 325 1.27 29.46 47.89
C ILE D 325 0.60 30.52 48.76
N HIS D 326 1.11 31.75 48.68
CA HIS D 326 0.56 32.87 49.41
C HIS D 326 -0.45 33.53 48.50
N THR D 327 -1.68 33.65 48.94
CA THR D 327 -2.73 34.28 48.16
C THR D 327 -2.85 35.69 48.67
N ILE D 328 -2.62 36.68 47.80
CA ILE D 328 -2.62 38.08 48.20
C ILE D 328 -3.80 38.86 47.64
N TYR D 329 -4.49 39.60 48.52
CA TYR D 329 -5.61 40.48 48.19
C TYR D 329 -5.14 41.86 48.53
N TYR D 330 -5.00 42.74 47.54
CA TYR D 330 -4.57 44.12 47.80
C TYR D 330 -5.49 45.09 47.12
N ALA D 331 -5.90 46.13 47.85
CA ALA D 331 -6.75 47.19 47.31
C ALA D 331 -6.42 48.51 48.02
N ASN D 332 -6.43 49.61 47.29
CA ASN D 332 -6.08 50.92 47.83
C ASN D 332 -6.94 51.96 47.17
N TYR D 333 -8.14 52.15 47.71
CA TYR D 333 -9.10 53.13 47.25
C TYR D 333 -8.60 54.55 47.66
N GLU D 334 -8.78 55.55 46.74
CA GLU D 334 -8.42 56.98 46.84
C GLU D 334 -7.14 57.29 47.64
N ALA E 1 35.25 13.47 1.81
CA ALA E 1 34.75 12.11 1.61
C ALA E 1 34.58 11.44 2.96
N VAL E 2 33.33 11.27 3.38
CA VAL E 2 33.01 10.63 4.65
C VAL E 2 33.48 9.20 4.65
N THR E 3 34.13 8.77 5.73
CA THR E 3 34.59 7.39 5.79
C THR E 3 34.34 6.88 7.22
N LEU E 4 33.66 5.73 7.33
CA LEU E 4 33.31 5.15 8.63
C LEU E 4 33.91 3.76 8.75
N ASP E 5 35.13 3.66 9.30
CA ASP E 5 35.82 2.36 9.42
C ASP E 5 35.45 1.58 10.68
N GLU E 6 34.81 0.42 10.52
CA GLU E 6 34.41 -0.39 11.67
C GLU E 6 35.46 -1.43 12.09
N SER E 7 35.57 -1.70 13.39
CA SER E 7 36.53 -2.69 13.92
C SER E 7 36.06 -3.33 15.22
N GLY E 8 36.72 -4.38 15.66
CA GLY E 8 36.40 -5.02 16.93
C GLY E 8 35.36 -6.12 16.89
N GLY E 9 35.10 -6.63 15.70
CA GLY E 9 34.14 -7.69 15.50
C GLY E 9 34.74 -8.99 14.99
N GLY E 10 33.89 -10.01 14.88
CA GLY E 10 34.33 -11.32 14.44
C GLY E 10 33.81 -12.37 15.38
N LEU E 11 34.59 -13.45 15.56
CA LEU E 11 34.19 -14.54 16.45
C LEU E 11 34.26 -14.15 17.92
N GLN E 12 33.11 -14.20 18.60
CA GLN E 12 32.99 -13.86 20.02
C GLN E 12 32.36 -15.02 20.79
N THR E 13 32.90 -15.31 21.97
CA THR E 13 32.46 -16.39 22.84
C THR E 13 31.05 -16.14 23.37
N PRO E 14 30.13 -17.11 23.28
CA PRO E 14 28.79 -16.91 23.87
C PRO E 14 28.88 -16.65 25.36
N GLY E 15 28.22 -15.61 25.83
CA GLY E 15 28.30 -15.19 27.24
C GLY E 15 29.31 -14.08 27.47
N GLY E 16 30.19 -13.87 26.48
CA GLY E 16 31.24 -12.87 26.51
C GLY E 16 30.80 -11.49 26.05
N ALA E 17 31.78 -10.61 25.78
CA ALA E 17 31.45 -9.26 25.36
C ALA E 17 32.22 -8.80 24.11
N LEU E 18 31.64 -7.87 23.38
CA LEU E 18 32.29 -7.31 22.20
C LEU E 18 32.49 -5.79 22.35
N SER E 19 33.34 -5.20 21.51
CA SER E 19 33.63 -3.78 21.57
C SER E 19 33.79 -3.22 20.17
N LEU E 20 32.69 -2.96 19.50
CA LEU E 20 32.74 -2.41 18.14
C LEU E 20 33.16 -0.96 18.15
N VAL E 21 34.04 -0.58 17.25
CA VAL E 21 34.50 0.80 17.17
C VAL E 21 34.35 1.30 15.76
N CYS E 22 33.81 2.50 15.58
CA CYS E 22 33.71 3.09 14.24
CA CYS E 22 33.71 3.09 14.24
C CYS E 22 34.53 4.36 14.21
N LYS E 23 35.65 4.33 13.52
CA LYS E 23 36.51 5.52 13.38
C LYS E 23 36.01 6.32 12.19
N ALA E 24 35.54 7.52 12.44
CA ALA E 24 34.99 8.38 11.41
C ALA E 24 35.97 9.43 10.92
N SER E 25 35.72 10.02 9.74
CA SER E 25 36.53 11.09 9.18
C SER E 25 35.90 11.68 7.92
N GLY E 26 36.41 12.83 7.49
CA GLY E 26 35.90 13.50 6.31
C GLY E 26 34.69 14.37 6.58
N PHE E 27 34.33 14.56 7.86
CA PHE E 27 33.20 15.38 8.27
C PHE E 27 33.42 15.87 9.74
N ASP E 28 32.51 16.75 10.24
CA ASP E 28 32.60 17.22 11.61
C ASP E 28 31.84 16.26 12.52
N PHE E 29 32.53 15.24 13.01
CA PHE E 29 31.98 14.21 13.87
C PHE E 29 31.15 14.71 15.02
N SER E 30 31.59 15.83 15.65
CA SER E 30 30.92 16.39 16.82
C SER E 30 29.52 16.93 16.57
N SER E 31 29.18 17.20 15.31
CA SER E 31 27.87 17.77 14.94
C SER E 31 26.74 16.76 14.74
N TYR E 32 27.06 15.51 14.41
CA TYR E 32 26.03 14.54 14.05
C TYR E 32 25.82 13.40 15.05
N ALA E 33 24.62 12.82 15.01
CA ALA E 33 24.29 11.66 15.81
C ALA E 33 24.82 10.42 15.04
N MET E 34 25.37 9.49 15.77
CA MET E 34 25.93 8.28 15.23
C MET E 34 25.18 7.12 15.80
N GLY E 35 25.25 5.97 15.15
CA GLY E 35 24.56 4.79 15.63
C GLY E 35 24.96 3.50 14.98
N TRP E 36 24.47 2.40 15.52
CA TRP E 36 24.75 1.08 14.98
C TRP E 36 23.44 0.44 14.55
N VAL E 37 23.48 -0.22 13.39
CA VAL E 37 22.39 -0.93 12.73
C VAL E 37 22.94 -2.33 12.49
N ARG E 38 22.14 -3.37 12.71
CA ARG E 38 22.61 -4.73 12.45
C ARG E 38 21.63 -5.47 11.54
N GLN E 39 22.15 -6.48 10.82
CA GLN E 39 21.30 -7.29 9.96
C GLN E 39 21.60 -8.75 10.23
N ALA E 40 20.65 -9.49 10.83
CA ALA E 40 20.84 -10.91 11.10
C ALA E 40 20.82 -11.72 9.78
N PRO E 41 21.42 -12.93 9.74
CA PRO E 41 21.38 -13.70 8.48
C PRO E 41 19.94 -14.01 8.06
N GLY E 42 19.61 -13.52 6.87
CA GLY E 42 18.29 -13.68 6.27
C GLY E 42 17.23 -12.75 6.82
N LYS E 43 17.58 -11.93 7.82
CA LYS E 43 16.65 -10.96 8.38
C LYS E 43 16.96 -9.55 7.82
N GLY E 44 16.15 -8.56 8.16
CA GLY E 44 16.35 -7.20 7.69
C GLY E 44 17.15 -6.35 8.65
N LEU E 45 17.05 -5.03 8.46
CA LEU E 45 17.74 -4.10 9.30
C LEU E 45 17.02 -3.88 10.61
N GLU E 46 17.78 -3.86 11.70
CA GLU E 46 17.32 -3.56 13.02
C GLU E 46 18.28 -2.50 13.59
N TYR E 47 17.76 -1.40 14.15
CA TYR E 47 18.61 -0.38 14.74
C TYR E 47 19.05 -0.84 16.17
N VAL E 48 20.37 -0.87 16.42
CA VAL E 48 20.93 -1.36 17.67
C VAL E 48 21.01 -0.27 18.79
N ALA E 49 21.84 0.77 18.58
CA ALA E 49 22.01 1.80 19.59
C ALA E 49 22.32 3.13 18.92
N GLY E 50 21.87 4.21 19.55
CA GLY E 50 22.10 5.55 19.02
C GLY E 50 22.65 6.51 20.05
N ILE E 51 23.39 7.52 19.59
CA ILE E 51 23.96 8.51 20.48
C ILE E 51 23.95 9.94 19.84
N ARG E 52 23.39 10.95 20.58
CA ARG E 52 23.35 12.38 20.26
C ARG E 52 24.75 12.87 19.84
N ASN E 53 24.82 14.01 19.13
CA ASN E 53 26.06 14.62 18.68
C ASN E 53 27.05 14.85 19.83
N ASP E 54 26.54 15.28 21.00
CA ASP E 54 27.35 15.55 22.18
C ASP E 54 27.35 14.43 23.23
N GLY E 55 26.89 13.25 22.85
CA GLY E 55 26.81 12.09 23.72
C GLY E 55 25.93 12.22 24.95
N SER E 56 25.06 13.24 24.98
CA SER E 56 24.17 13.45 26.11
C SER E 56 22.85 12.70 26.02
N PHE E 57 22.62 11.93 24.96
CA PHE E 57 21.42 11.13 24.83
C PHE E 57 21.78 9.82 24.14
N THR E 58 21.32 8.70 24.72
CA THR E 58 21.52 7.39 24.14
C THR E 58 20.17 6.63 24.02
N LEU E 59 20.10 5.66 23.10
CA LEU E 59 18.90 4.84 22.89
C LEU E 59 19.34 3.44 22.53
N TYR E 60 18.54 2.42 22.93
CA TYR E 60 18.92 1.03 22.70
C TYR E 60 17.72 0.17 22.27
N THR E 61 17.94 -0.80 21.35
CA THR E 61 16.87 -1.71 20.97
C THR E 61 16.55 -2.61 22.16
N PRO E 62 15.28 -3.01 22.35
CA PRO E 62 14.95 -3.89 23.49
C PRO E 62 15.81 -5.16 23.58
N ALA E 63 16.24 -5.71 22.43
CA ALA E 63 17.08 -6.91 22.41
C ALA E 63 18.44 -6.70 23.07
N VAL E 64 18.93 -5.46 23.14
CA VAL E 64 20.22 -5.17 23.77
C VAL E 64 20.10 -4.37 25.08
N LYS E 65 18.89 -3.84 25.39
CA LYS E 65 18.62 -3.05 26.59
C LYS E 65 19.02 -3.81 27.87
N GLY E 66 19.96 -3.23 28.60
CA GLY E 66 20.48 -3.82 29.82
C GLY E 66 21.91 -4.32 29.70
N ARG E 67 22.28 -4.79 28.50
CA ARG E 67 23.64 -5.27 28.27
C ARG E 67 24.33 -4.56 27.10
N ALA E 68 24.19 -3.22 27.02
CA ALA E 68 24.87 -2.45 25.96
C ALA E 68 25.21 -1.04 26.38
N THR E 69 26.29 -0.49 25.80
CA THR E 69 26.71 0.87 26.07
C THR E 69 27.26 1.52 24.82
N ILE E 70 26.56 2.57 24.36
CA ILE E 70 27.05 3.34 23.24
C ILE E 70 27.65 4.62 23.78
N SER E 71 28.93 4.81 23.49
CA SER E 71 29.73 5.95 23.93
C SER E 71 30.39 6.62 22.71
N ARG E 72 30.85 7.86 22.86
CA ARG E 72 31.56 8.54 21.77
C ARG E 72 32.61 9.49 22.27
N ASP E 73 33.68 9.60 21.50
CA ASP E 73 34.77 10.48 21.83
C ASP E 73 34.89 11.44 20.66
N ASN E 74 34.19 12.59 20.70
CA ASN E 74 34.25 13.56 19.59
C ASN E 74 35.69 14.00 19.25
N GLY E 75 36.61 13.90 20.21
CA GLY E 75 38.01 14.25 20.03
C GLY E 75 38.79 13.21 19.26
N GLN E 76 38.41 11.94 19.40
CA GLN E 76 39.06 10.87 18.66
C GLN E 76 38.25 10.49 17.39
N SER E 77 37.05 11.09 17.17
CA SER E 77 36.14 10.78 16.07
C SER E 77 35.81 9.32 16.11
N THR E 78 35.37 8.86 17.27
CA THR E 78 35.06 7.46 17.48
C THR E 78 33.71 7.27 18.15
N VAL E 79 33.02 6.21 17.77
CA VAL E 79 31.79 5.76 18.41
C VAL E 79 31.99 4.30 18.75
N ARG E 80 31.75 3.94 19.99
CA ARG E 80 31.95 2.58 20.45
C ARG E 80 30.61 1.91 20.78
N LEU E 81 30.53 0.60 20.60
CA LEU E 81 29.37 -0.17 20.99
C LEU E 81 29.81 -1.41 21.78
N GLN E 82 29.54 -1.42 23.09
CA GLN E 82 29.87 -2.56 23.95
C GLN E 82 28.65 -3.42 24.10
N LEU E 83 28.82 -4.72 23.90
CA LEU E 83 27.71 -5.66 24.03
C LEU E 83 28.05 -6.78 25.04
N ASN E 84 27.59 -6.66 26.28
CA ASN E 84 27.88 -7.68 27.30
C ASN E 84 27.01 -8.91 27.04
N ASN E 85 27.44 -10.07 27.55
CA ASN E 85 26.67 -11.30 27.53
C ASN E 85 26.10 -11.63 26.15
N LEU E 86 26.98 -11.96 25.22
CA LEU E 86 26.59 -12.22 23.84
C LEU E 86 25.76 -13.47 23.65
N ARG E 87 24.69 -13.37 22.83
CA ARG E 87 23.78 -14.48 22.52
C ARG E 87 23.92 -14.86 21.05
N ALA E 88 23.50 -16.07 20.67
CA ALA E 88 23.53 -16.47 19.25
C ALA E 88 22.65 -15.56 18.36
N GLU E 89 21.66 -14.86 18.97
CA GLU E 89 20.79 -13.90 18.31
C GLU E 89 21.51 -12.60 17.92
N ASP E 90 22.66 -12.31 18.55
CA ASP E 90 23.46 -11.15 18.21
C ASP E 90 24.43 -11.42 17.04
N THR E 91 24.44 -12.66 16.46
CA THR E 91 25.28 -13.00 15.32
C THR E 91 24.64 -12.29 14.14
N ALA E 92 25.32 -11.26 13.61
CA ALA E 92 24.79 -10.43 12.53
C ALA E 92 25.93 -9.61 11.85
N THR E 93 25.64 -8.86 10.77
CA THR E 93 26.60 -7.93 10.19
C THR E 93 26.22 -6.59 10.88
N TYR E 94 27.18 -5.90 11.51
CA TYR E 94 26.90 -4.62 12.17
C TYR E 94 27.44 -3.45 11.32
N PHE E 95 26.68 -2.36 11.23
CA PHE E 95 27.08 -1.20 10.42
C PHE E 95 27.06 0.06 11.22
N CYS E 96 28.15 0.79 11.17
CA CYS E 96 28.22 2.10 11.76
C CYS E 96 27.50 3.04 10.76
N THR E 97 26.73 3.99 11.31
CA THR E 97 25.90 4.93 10.53
C THR E 97 26.00 6.36 11.07
N LYS E 98 25.99 7.34 10.15
CA LYS E 98 26.05 8.76 10.49
C LYS E 98 24.73 9.39 10.12
N SER E 99 24.14 10.14 11.06
CA SER E 99 22.88 10.83 10.81
C SER E 99 23.19 12.22 10.24
N ALA E 100 22.22 12.80 9.53
CA ALA E 100 22.40 14.12 8.93
C ALA E 100 21.96 15.25 9.88
N ASP E 101 21.77 14.89 11.14
CA ASP E 101 21.35 15.78 12.20
C ASP E 101 22.02 15.39 13.54
N ASP E 102 21.72 16.16 14.62
CA ASP E 102 22.30 16.07 15.94
C ASP E 102 21.78 14.94 16.85
N GLY E 103 20.62 14.40 16.53
CA GLY E 103 19.97 13.40 17.38
C GLY E 103 19.01 14.01 18.39
N GLY E 104 18.58 15.25 18.15
CA GLY E 104 17.61 15.92 19.01
C GLY E 104 16.18 15.45 18.79
N HIS E 105 15.98 14.56 17.79
CA HIS E 105 14.70 13.99 17.42
C HIS E 105 14.93 12.52 17.07
N TYR E 106 14.01 11.64 17.46
CA TYR E 106 14.15 10.20 17.19
C TYR E 106 14.25 9.85 15.69
N SER E 107 13.60 10.64 14.81
CA SER E 107 13.69 10.38 13.37
C SER E 107 15.08 10.71 12.78
N ASP E 108 15.92 11.45 13.50
CA ASP E 108 17.29 11.74 13.06
C ASP E 108 18.09 10.45 12.99
N PHE E 109 17.88 9.53 13.94
CA PHE E 109 18.63 8.29 14.06
C PHE E 109 18.44 7.32 12.92
N SER E 110 17.19 7.01 12.50
CA SER E 110 16.98 6.04 11.42
C SER E 110 16.32 6.60 10.17
N GLY E 111 15.91 7.85 10.17
CA GLY E 111 15.31 8.47 9.01
C GLY E 111 16.19 9.52 8.33
N GLU E 112 17.36 9.77 8.88
CA GLU E 112 18.26 10.77 8.33
C GLU E 112 19.67 10.27 8.08
N ILE E 113 19.87 8.95 8.02
CA ILE E 113 21.20 8.41 7.80
C ILE E 113 21.74 8.77 6.42
N ASP E 114 22.87 9.48 6.36
CA ASP E 114 23.46 9.84 5.04
C ASP E 114 24.81 9.15 4.75
N ALA E 115 25.27 8.27 5.66
CA ALA E 115 26.49 7.51 5.45
C ALA E 115 26.42 6.22 6.24
N TRP E 116 26.79 5.15 5.55
CA TRP E 116 26.81 3.78 5.99
C TRP E 116 28.20 3.19 5.85
N GLY E 117 28.63 2.51 6.89
CA GLY E 117 29.90 1.82 6.88
C GLY E 117 29.78 0.56 6.06
N HIS E 118 30.94 -0.04 5.74
CA HIS E 118 31.04 -1.27 4.98
C HIS E 118 30.33 -2.43 5.68
N GLY E 119 30.43 -2.49 6.99
CA GLY E 119 29.85 -3.58 7.78
C GLY E 119 30.91 -4.47 8.37
N THR E 120 30.62 -5.09 9.51
CA THR E 120 31.56 -5.97 10.19
C THR E 120 30.76 -7.14 10.71
N GLU E 121 31.15 -8.32 10.32
CA GLU E 121 30.44 -9.51 10.73
C GLU E 121 30.80 -9.88 12.19
N VAL E 122 29.80 -10.26 12.97
CA VAL E 122 30.02 -10.73 14.32
C VAL E 122 29.39 -12.10 14.43
N ILE E 123 30.19 -13.09 14.79
CA ILE E 123 29.70 -14.46 14.93
C ILE E 123 29.76 -14.79 16.41
N VAL E 124 28.62 -15.01 17.07
CA VAL E 124 28.63 -15.41 18.49
C VAL E 124 28.53 -16.92 18.48
N SER E 125 29.69 -17.60 18.58
CA SER E 125 29.71 -19.06 18.51
C SER E 125 30.76 -19.69 19.40
N SER E 126 30.47 -20.89 19.87
CA SER E 126 31.41 -21.65 20.70
C SER E 126 32.30 -22.61 19.87
N ALA E 127 32.14 -22.59 18.53
CA ALA E 127 32.90 -23.46 17.63
C ALA E 127 34.33 -22.97 17.45
N SER E 128 35.23 -23.90 17.13
CA SER E 128 36.64 -23.59 16.94
C SER E 128 36.93 -23.07 15.55
N THR E 129 37.96 -22.24 15.45
CA THR E 129 38.39 -21.68 14.19
C THR E 129 39.10 -22.75 13.35
N LYS E 130 38.75 -22.84 12.06
CA LYS E 130 39.35 -23.82 11.15
C LYS E 130 39.78 -23.15 9.85
N GLY E 131 40.88 -23.63 9.31
CA GLY E 131 41.38 -23.15 8.03
C GLY E 131 40.70 -23.86 6.89
N PRO E 132 40.60 -23.20 5.73
CA PRO E 132 39.92 -23.82 4.58
C PRO E 132 40.79 -24.82 3.83
N SER E 133 40.14 -25.60 2.98
CA SER E 133 40.80 -26.56 2.11
C SER E 133 40.52 -26.05 0.72
N VAL E 134 41.58 -25.69 0.00
CA VAL E 134 41.43 -25.18 -1.36
C VAL E 134 41.62 -26.28 -2.42
N PHE E 135 40.61 -26.51 -3.23
CA PHE E 135 40.66 -27.48 -4.31
C PHE E 135 40.48 -26.75 -5.63
N PRO E 136 41.17 -27.19 -6.68
CA PRO E 136 40.99 -26.52 -7.99
C PRO E 136 39.70 -26.96 -8.68
N LEU E 137 39.25 -26.12 -9.60
CA LEU E 137 38.09 -26.34 -10.45
C LEU E 137 38.67 -26.21 -11.84
N ALA E 138 39.05 -27.35 -12.42
CA ALA E 138 39.74 -27.43 -13.69
C ALA E 138 38.90 -27.13 -14.93
N PRO E 139 39.46 -26.30 -15.84
CA PRO E 139 38.76 -26.02 -17.11
C PRO E 139 38.83 -27.22 -18.03
N SER E 140 37.71 -27.50 -18.67
CA SER E 140 37.57 -28.65 -19.54
C SER E 140 36.66 -28.25 -20.71
N SER E 141 36.30 -29.24 -21.56
CA SER E 141 35.35 -29.11 -22.66
C SER E 141 34.00 -28.67 -22.07
N LYS E 142 33.67 -29.19 -20.83
CA LYS E 142 32.46 -28.95 -20.04
C LYS E 142 32.41 -27.52 -19.43
N SER E 143 33.57 -26.86 -19.31
CA SER E 143 33.72 -25.52 -18.71
C SER E 143 34.05 -24.40 -19.75
N THR E 144 34.17 -24.76 -21.04
CA THR E 144 34.59 -23.87 -22.11
C THR E 144 33.43 -23.35 -22.93
N SER E 145 33.30 -22.03 -23.02
CA SER E 145 32.27 -21.39 -23.85
C SER E 145 32.89 -21.08 -25.20
N GLY E 146 33.40 -22.11 -25.84
CA GLY E 146 34.06 -21.99 -27.14
C GLY E 146 35.39 -21.27 -27.10
N GLY E 147 35.32 -19.94 -27.17
CA GLY E 147 36.48 -19.06 -27.18
C GLY E 147 37.00 -18.67 -25.81
N THR E 148 36.25 -18.95 -24.76
CA THR E 148 36.68 -18.69 -23.40
C THR E 148 36.53 -19.96 -22.57
N ALA E 149 37.18 -20.01 -21.43
CA ALA E 149 37.10 -21.11 -20.50
C ALA E 149 36.98 -20.56 -19.10
N ALA E 150 36.27 -21.28 -18.24
CA ALA E 150 36.14 -20.89 -16.85
C ALA E 150 36.94 -21.86 -16.01
N LEU E 151 37.67 -21.35 -15.04
CA LEU E 151 38.41 -22.14 -14.07
C LEU E 151 38.22 -21.48 -12.70
N GLY E 152 38.41 -22.22 -11.61
CA GLY E 152 38.23 -21.66 -10.28
C GLY E 152 38.83 -22.40 -9.12
N CYS E 153 38.46 -21.96 -7.90
CA CYS E 153 38.90 -22.54 -6.64
C CYS E 153 37.73 -22.82 -5.75
N LEU E 154 37.79 -23.92 -5.01
CA LEU E 154 36.74 -24.29 -4.07
C LEU E 154 37.35 -24.21 -2.68
N VAL E 155 36.92 -23.20 -1.93
CA VAL E 155 37.37 -22.93 -0.57
C VAL E 155 36.39 -23.64 0.38
N LYS E 156 36.66 -24.91 0.64
CA LYS E 156 35.77 -25.74 1.44
C LYS E 156 36.16 -25.81 2.92
N ASP E 157 35.18 -26.07 3.78
CA ASP E 157 35.29 -26.36 5.22
C ASP E 157 36.15 -25.41 6.08
N TYR E 158 35.63 -24.21 6.33
CA TYR E 158 36.31 -23.23 7.16
C TYR E 158 35.33 -22.58 8.13
N PHE E 159 35.84 -21.91 9.17
CA PHE E 159 35.00 -21.24 10.15
C PHE E 159 35.88 -20.35 11.01
N PRO E 160 35.48 -19.11 11.31
CA PRO E 160 34.26 -18.42 10.84
C PRO E 160 34.52 -17.62 9.56
N GLU E 161 33.53 -16.84 9.12
CA GLU E 161 33.72 -15.97 7.98
C GLU E 161 34.55 -14.75 8.42
N PRO E 162 35.30 -14.11 7.51
CA PRO E 162 35.35 -14.29 6.06
C PRO E 162 36.69 -14.86 5.54
N VAL E 163 36.75 -15.12 4.23
CA VAL E 163 37.98 -15.49 3.55
C VAL E 163 38.12 -14.57 2.37
N THR E 164 39.34 -14.15 2.08
CA THR E 164 39.60 -13.27 0.94
C THR E 164 40.20 -14.12 -0.18
N VAL E 165 39.64 -14.03 -1.39
CA VAL E 165 40.17 -14.79 -2.53
C VAL E 165 40.55 -13.86 -3.67
N SER E 166 41.83 -13.90 -4.04
CA SER E 166 42.37 -13.12 -5.15
C SER E 166 42.88 -14.08 -6.25
N TRP E 167 43.26 -13.54 -7.43
CA TRP E 167 43.78 -14.37 -8.50
C TRP E 167 45.06 -13.78 -9.04
N ASN E 168 46.11 -14.60 -9.08
CA ASN E 168 47.44 -14.24 -9.54
C ASN E 168 48.05 -13.09 -8.74
N SER E 169 47.75 -13.06 -7.44
CA SER E 169 48.21 -12.04 -6.50
C SER E 169 47.71 -10.65 -6.91
N GLY E 170 46.41 -10.55 -7.10
CA GLY E 170 45.74 -9.30 -7.46
C GLY E 170 45.81 -8.90 -8.91
N ALA E 171 46.64 -9.60 -9.72
CA ALA E 171 46.82 -9.30 -11.15
C ALA E 171 45.55 -9.57 -11.96
N LEU E 172 44.88 -10.68 -11.67
CA LEU E 172 43.66 -11.04 -12.37
C LEU E 172 42.48 -10.43 -11.61
N THR E 173 41.66 -9.62 -12.30
CA THR E 173 40.56 -8.90 -11.63
C THR E 173 39.18 -9.05 -12.34
N SER E 174 39.04 -8.64 -13.61
CA SER E 174 37.75 -8.74 -14.30
C SER E 174 37.45 -10.18 -14.69
N GLY E 175 36.17 -10.53 -14.69
CA GLY E 175 35.77 -11.90 -15.01
C GLY E 175 35.75 -12.82 -13.79
N VAL E 176 36.35 -12.38 -12.67
CA VAL E 176 36.37 -13.17 -11.44
C VAL E 176 35.01 -13.00 -10.73
N HIS E 177 34.52 -14.08 -10.08
CA HIS E 177 33.28 -14.08 -9.32
C HIS E 177 33.52 -14.87 -8.08
N THR E 178 33.56 -14.20 -6.92
CA THR E 178 33.68 -14.92 -5.66
C THR E 178 32.25 -15.01 -5.14
N PHE E 179 31.70 -16.22 -5.17
CA PHE E 179 30.34 -16.46 -4.75
C PHE E 179 30.20 -16.40 -3.24
N PRO E 180 29.06 -15.87 -2.75
CA PRO E 180 28.84 -15.82 -1.29
C PRO E 180 28.95 -17.20 -0.65
N ALA E 181 29.65 -17.30 0.49
CA ALA E 181 29.79 -18.61 1.15
C ALA E 181 28.45 -19.16 1.62
N VAL E 182 28.36 -20.47 1.71
CA VAL E 182 27.16 -21.12 2.21
C VAL E 182 27.53 -21.85 3.50
N LEU E 183 26.62 -21.87 4.46
CA LEU E 183 26.88 -22.53 5.74
C LEU E 183 26.40 -23.98 5.64
N GLN E 184 27.32 -24.93 5.72
CA GLN E 184 26.97 -26.35 5.64
C GLN E 184 26.33 -26.85 6.95
N SER E 185 25.62 -27.99 6.89
CA SER E 185 24.99 -28.61 8.07
C SER E 185 26.01 -28.89 9.18
N SER E 186 27.26 -29.21 8.76
CA SER E 186 28.42 -29.42 9.66
C SER E 186 28.78 -28.15 10.49
N GLY E 187 28.32 -27.00 10.07
CA GLY E 187 28.62 -25.74 10.71
C GLY E 187 29.82 -25.04 10.09
N LEU E 188 30.34 -25.55 8.95
CA LEU E 188 31.46 -24.89 8.28
C LEU E 188 31.00 -24.23 7.00
N TYR E 189 31.72 -23.19 6.58
CA TYR E 189 31.40 -22.50 5.34
C TYR E 189 32.16 -23.12 4.18
N SER E 190 31.56 -23.03 2.98
CA SER E 190 32.13 -23.50 1.72
C SER E 190 31.87 -22.41 0.68
N LEU E 191 32.89 -22.04 -0.08
CA LEU E 191 32.85 -20.95 -1.05
C LEU E 191 33.54 -21.37 -2.36
N SER E 192 33.20 -20.71 -3.46
CA SER E 192 33.85 -20.97 -4.72
C SER E 192 34.11 -19.68 -5.45
N SER E 193 35.30 -19.54 -6.05
CA SER E 193 35.64 -18.35 -6.80
C SER E 193 36.01 -18.75 -8.21
N VAL E 194 35.24 -18.31 -9.22
CA VAL E 194 35.52 -18.68 -10.61
C VAL E 194 36.06 -17.48 -11.41
N VAL E 195 36.64 -17.71 -12.59
CA VAL E 195 37.16 -16.64 -13.43
C VAL E 195 37.16 -17.08 -14.87
N THR E 196 36.82 -16.15 -15.78
CA THR E 196 36.83 -16.46 -17.20
C THR E 196 38.15 -15.99 -17.81
N VAL E 197 38.86 -16.95 -18.41
CA VAL E 197 40.14 -16.78 -19.09
C VAL E 197 39.98 -17.16 -20.57
N PRO E 198 40.92 -16.77 -21.46
CA PRO E 198 40.81 -17.20 -22.86
C PRO E 198 41.00 -18.71 -23.02
N SER E 199 40.22 -19.34 -23.91
CA SER E 199 40.31 -20.79 -24.17
C SER E 199 41.73 -21.21 -24.67
N SER E 200 42.50 -20.25 -25.23
CA SER E 200 43.86 -20.45 -25.75
C SER E 200 44.92 -20.32 -24.64
N SER E 201 44.71 -19.38 -23.70
CA SER E 201 45.63 -19.15 -22.58
C SER E 201 45.70 -20.32 -21.58
N LEU E 202 44.99 -21.44 -21.83
CA LEU E 202 44.93 -22.53 -20.88
C LEU E 202 46.28 -23.18 -20.53
N GLY E 203 46.94 -23.94 -21.40
CA GLY E 203 48.20 -24.59 -21.04
C GLY E 203 49.45 -23.72 -21.18
N THR E 204 49.27 -22.41 -21.34
CA THR E 204 50.40 -21.50 -21.49
C THR E 204 50.56 -20.67 -20.22
N GLN E 205 49.45 -20.13 -19.70
CA GLN E 205 49.48 -19.32 -18.49
C GLN E 205 49.20 -20.14 -17.26
N THR E 206 49.81 -19.74 -16.16
CA THR E 206 49.61 -20.37 -14.87
C THR E 206 48.57 -19.53 -14.12
N TYR E 207 47.54 -20.19 -13.59
CA TYR E 207 46.49 -19.50 -12.84
C TYR E 207 46.48 -19.98 -11.43
N ILE E 208 46.64 -19.05 -10.48
CA ILE E 208 46.66 -19.39 -9.07
C ILE E 208 45.73 -18.50 -8.27
N CYS E 209 44.90 -19.11 -7.41
CA CYS E 209 44.04 -18.35 -6.52
C CYS E 209 44.76 -18.19 -5.19
N ASN E 210 44.64 -17.02 -4.59
CA ASN E 210 45.29 -16.76 -3.31
C ASN E 210 44.16 -16.61 -2.31
N VAL E 211 44.03 -17.62 -1.45
CA VAL E 211 42.99 -17.65 -0.44
C VAL E 211 43.62 -17.32 0.91
N ASN E 212 43.02 -16.37 1.63
CA ASN E 212 43.52 -15.97 2.94
C ASN E 212 42.37 -15.94 3.95
N HIS E 213 42.47 -16.80 4.96
CA HIS E 213 41.54 -16.90 6.07
C HIS E 213 42.24 -16.31 7.29
N LYS E 214 42.01 -15.02 7.53
CA LYS E 214 42.63 -14.28 8.62
C LYS E 214 42.32 -14.87 10.02
N PRO E 215 41.08 -15.29 10.36
CA PRO E 215 40.87 -15.88 11.70
C PRO E 215 41.77 -17.08 12.02
N SER E 216 41.92 -18.01 11.06
CA SER E 216 42.77 -19.19 11.25
C SER E 216 44.25 -18.99 10.91
N ASN E 217 44.61 -17.78 10.41
CA ASN E 217 45.93 -17.40 9.93
C ASN E 217 46.42 -18.35 8.84
N THR E 218 45.48 -18.82 7.98
CA THR E 218 45.73 -19.76 6.89
C THR E 218 45.82 -19.05 5.56
N LYS E 219 47.00 -19.06 4.94
CA LYS E 219 47.16 -18.45 3.62
C LYS E 219 47.53 -19.57 2.67
N VAL E 220 46.65 -19.89 1.73
CA VAL E 220 46.86 -20.97 0.76
C VAL E 220 46.75 -20.44 -0.66
N ASP E 221 47.80 -20.67 -1.46
CA ASP E 221 47.82 -20.29 -2.87
C ASP E 221 47.67 -21.60 -3.63
N LYS E 222 46.63 -21.74 -4.47
CA LYS E 222 46.43 -22.99 -5.21
C LYS E 222 46.53 -22.81 -6.71
N LYS E 223 47.34 -23.65 -7.35
CA LYS E 223 47.57 -23.61 -8.79
C LYS E 223 46.54 -24.45 -9.54
N VAL E 224 45.67 -23.77 -10.28
CA VAL E 224 44.63 -24.39 -11.08
C VAL E 224 45.22 -24.75 -12.45
N GLU E 225 45.07 -26.02 -12.85
CA GLU E 225 45.64 -26.53 -14.09
C GLU E 225 44.66 -27.54 -14.77
N PRO E 226 44.53 -27.52 -16.11
CA PRO E 226 43.56 -28.42 -16.76
C PRO E 226 44.11 -29.83 -17.00
N LEU F 2 6.44 0.27 11.37
CA LEU F 2 6.61 0.89 10.07
C LEU F 2 6.23 -0.13 9.02
N THR F 3 5.28 0.22 8.15
CA THR F 3 4.75 -0.74 7.19
C THR F 3 5.01 -0.37 5.73
N GLN F 4 5.63 -1.31 5.00
CA GLN F 4 5.88 -1.15 3.58
C GLN F 4 5.60 -2.47 2.88
N PRO F 5 5.22 -2.43 1.60
CA PRO F 5 4.95 -3.70 0.88
C PRO F 5 6.11 -4.69 0.94
N SER F 6 5.80 -5.98 0.87
CA SER F 6 6.81 -7.04 0.89
C SER F 6 7.62 -7.01 -0.39
N SER F 7 6.93 -6.77 -1.52
CA SER F 7 7.53 -6.68 -2.82
C SER F 7 6.73 -5.73 -3.72
N VAL F 8 7.41 -5.21 -4.74
CA VAL F 8 6.86 -4.34 -5.76
C VAL F 8 7.63 -4.72 -7.04
N SER F 9 6.95 -4.88 -8.15
CA SER F 9 7.64 -5.14 -9.42
C SER F 9 7.41 -3.96 -10.40
N ALA F 10 8.24 -3.88 -11.42
CA ALA F 10 8.14 -2.84 -12.43
C ALA F 10 8.88 -3.22 -13.70
N ASN F 11 8.41 -2.68 -14.82
CA ASN F 11 9.06 -2.85 -16.11
C ASN F 11 9.97 -1.64 -16.33
N PRO F 12 11.17 -1.82 -16.88
CA PRO F 12 12.07 -0.68 -17.09
C PRO F 12 11.43 0.48 -17.86
N GLY F 13 11.56 1.68 -17.31
CA GLY F 13 10.99 2.89 -17.88
C GLY F 13 9.79 3.45 -17.12
N GLU F 14 9.15 2.59 -16.31
CA GLU F 14 7.97 2.96 -15.54
C GLU F 14 8.32 3.78 -14.27
N THR F 15 7.31 4.44 -13.67
CA THR F 15 7.49 5.14 -12.41
C THR F 15 7.10 4.15 -11.31
N VAL F 16 7.91 4.06 -10.26
CA VAL F 16 7.67 3.11 -9.17
C VAL F 16 7.35 3.85 -7.90
N LYS F 17 6.43 3.32 -7.10
CA LYS F 17 6.09 3.90 -5.82
C LYS F 17 6.08 2.87 -4.69
N ILE F 18 6.90 3.12 -3.69
CA ILE F 18 6.96 2.29 -2.50
C ILE F 18 6.54 3.18 -1.34
N THR F 19 5.53 2.76 -0.56
CA THR F 19 5.05 3.55 0.55
C THR F 19 5.42 2.93 1.88
N CYS F 20 5.65 3.78 2.88
CA CYS F 20 5.96 3.34 4.22
C CYS F 20 5.10 4.14 5.16
N SER F 21 4.40 3.48 6.09
CA SER F 21 3.53 4.22 7.00
C SER F 21 3.71 3.83 8.47
N GLY F 22 3.24 4.69 9.35
CA GLY F 22 3.31 4.48 10.80
C GLY F 22 3.92 5.63 11.55
N SER F 23 4.48 6.60 10.81
CA SER F 23 5.16 7.73 11.42
C SER F 23 4.78 9.03 10.77
N THR F 24 4.59 10.03 11.60
CA THR F 24 4.30 11.39 11.15
C THR F 24 5.59 12.21 10.96
N TYR F 25 6.77 11.63 11.27
CA TYR F 25 8.07 12.24 11.23
C TYR F 25 8.86 11.85 9.98
N ASN F 26 10.13 12.29 9.89
CA ASN F 26 11.02 12.16 8.74
C ASN F 26 11.40 10.74 8.29
N TYR F 27 11.14 10.42 7.00
CA TYR F 27 11.42 9.11 6.38
C TYR F 27 12.78 9.06 5.72
N GLY F 28 13.40 7.88 5.78
CA GLY F 28 14.67 7.57 5.17
C GLY F 28 14.52 6.37 4.24
N TRP F 29 15.25 6.32 3.12
CA TRP F 29 15.13 5.20 2.16
C TRP F 29 16.49 4.64 1.87
N TYR F 30 16.66 3.32 2.12
CA TYR F 30 17.94 2.66 1.99
C TYR F 30 17.91 1.46 1.05
N GLN F 31 18.75 1.52 0.02
CA GLN F 31 18.81 0.47 -0.99
C GLN F 31 19.91 -0.54 -0.64
N GLN F 32 19.56 -1.82 -0.64
CA GLN F 32 20.52 -2.89 -0.36
C GLN F 32 20.36 -3.92 -1.46
N LYS F 33 21.41 -4.10 -2.26
CA LYS F 33 21.42 -5.04 -3.37
C LYS F 33 21.81 -6.47 -2.92
N SER F 34 22.36 -6.62 -1.70
CA SER F 34 22.80 -7.93 -1.22
C SER F 34 22.80 -7.89 0.29
N PRO F 35 22.27 -8.93 0.94
CA PRO F 35 22.31 -8.96 2.43
C PRO F 35 23.75 -8.97 2.93
N GLY F 36 24.02 -8.24 4.01
CA GLY F 36 25.37 -8.10 4.52
C GLY F 36 26.12 -6.96 3.85
N SER F 37 25.81 -6.73 2.54
CA SER F 37 26.37 -5.65 1.72
C SER F 37 25.70 -4.35 2.27
N ALA F 38 26.51 -3.32 2.59
CA ALA F 38 26.04 -2.06 3.18
C ALA F 38 24.96 -1.33 2.39
N PRO F 39 23.91 -0.86 3.06
CA PRO F 39 22.87 -0.10 2.36
C PRO F 39 23.45 1.20 1.75
N VAL F 40 22.69 1.81 0.89
CA VAL F 40 23.04 3.06 0.25
C VAL F 40 21.81 3.93 0.48
N THR F 41 21.99 5.08 1.11
CA THR F 41 20.88 5.99 1.33
C THR F 41 20.48 6.58 -0.04
N VAL F 42 19.27 6.31 -0.51
CA VAL F 42 18.83 6.88 -1.79
C VAL F 42 18.19 8.25 -1.53
N ILE F 43 17.35 8.33 -0.50
CA ILE F 43 16.69 9.55 -0.05
C ILE F 43 16.73 9.55 1.51
N TYR F 44 16.95 10.71 2.15
CA TYR F 44 16.87 10.86 3.62
C TYR F 44 16.10 12.16 3.95
N TYR F 45 15.63 12.34 5.21
CA TYR F 45 14.90 13.56 5.60
C TYR F 45 13.74 13.88 4.67
N ASN F 46 12.89 12.86 4.43
CA ASN F 46 11.69 12.92 3.58
C ASN F 46 11.98 13.00 2.06
N ASP F 47 12.68 14.07 1.63
CA ASP F 47 12.92 14.35 0.23
C ASP F 47 14.32 14.86 -0.08
N LYS F 48 15.32 14.55 0.74
CA LYS F 48 16.68 14.98 0.44
C LYS F 48 17.45 13.88 -0.31
N ARG F 49 18.00 14.20 -1.48
CA ARG F 49 18.74 13.23 -2.26
C ARG F 49 20.23 13.52 -2.27
N PRO F 50 21.07 12.56 -1.83
CA PRO F 50 22.52 12.75 -1.92
C PRO F 50 22.95 13.03 -3.38
N SER F 51 23.94 13.92 -3.56
CA SER F 51 24.42 14.33 -4.87
C SER F 51 24.79 13.18 -5.83
N ASP F 52 25.37 12.11 -5.30
CA ASP F 52 25.81 10.90 -6.00
C ASP F 52 24.64 9.97 -6.48
N ILE F 53 23.38 10.25 -6.06
CA ILE F 53 22.23 9.41 -6.39
C ILE F 53 21.49 9.92 -7.64
N PRO F 54 21.06 9.04 -8.57
CA PRO F 54 20.44 9.54 -9.81
C PRO F 54 19.18 10.35 -9.57
N SER F 55 18.94 11.37 -10.40
CA SER F 55 17.79 12.26 -10.23
C SER F 55 16.43 11.54 -10.32
N ARG F 56 16.38 10.29 -10.84
CA ARG F 56 15.10 9.57 -10.89
C ARG F 56 14.54 9.33 -9.51
N PHE F 57 15.43 9.15 -8.51
CA PHE F 57 15.05 8.97 -7.12
C PHE F 57 14.54 10.25 -6.48
N SER F 58 13.31 10.21 -5.97
CA SER F 58 12.68 11.32 -5.28
C SER F 58 11.93 10.81 -4.05
N GLY F 59 11.75 11.69 -3.07
CA GLY F 59 11.07 11.34 -1.85
C GLY F 59 9.95 12.31 -1.56
N SER F 60 8.98 11.87 -0.75
CA SER F 60 7.80 12.65 -0.42
C SER F 60 7.18 12.15 0.89
N LYS F 61 6.44 13.02 1.58
CA LYS F 61 5.76 12.64 2.80
C LYS F 61 4.43 13.36 2.85
N SER F 62 3.34 12.62 3.10
CA SER F 62 2.00 13.18 3.25
C SER F 62 1.37 12.49 4.43
N GLY F 63 0.99 13.27 5.44
CA GLY F 63 0.37 12.73 6.63
C GLY F 63 1.31 11.82 7.38
N SER F 64 0.93 10.56 7.58
CA SER F 64 1.80 9.61 8.27
C SER F 64 2.28 8.54 7.31
N THR F 65 2.66 8.97 6.09
CA THR F 65 3.18 8.10 5.05
C THR F 65 4.26 8.80 4.26
N GLY F 66 5.31 8.07 3.99
CA GLY F 66 6.41 8.52 3.16
C GLY F 66 6.41 7.66 1.91
N THR F 67 6.72 8.27 0.76
CA THR F 67 6.75 7.54 -0.50
C THR F 67 8.03 7.75 -1.30
N LEU F 68 8.68 6.64 -1.70
CA LEU F 68 9.85 6.66 -2.55
C LEU F 68 9.36 6.56 -3.98
N THR F 69 9.84 7.45 -4.85
CA THR F 69 9.42 7.45 -6.24
C THR F 69 10.62 7.38 -7.15
N ILE F 70 10.65 6.39 -8.03
CA ILE F 70 11.73 6.22 -9.02
C ILE F 70 11.10 6.47 -10.38
N THR F 71 11.43 7.57 -11.08
CA THR F 71 10.81 7.88 -12.37
C THR F 71 11.67 7.42 -13.52
N GLY F 72 11.18 6.45 -14.26
CA GLY F 72 11.93 5.88 -15.36
C GLY F 72 12.90 4.91 -14.72
N VAL F 73 12.33 3.89 -14.07
CA VAL F 73 13.09 2.90 -13.34
C VAL F 73 14.05 2.14 -14.26
N GLN F 74 15.30 1.93 -13.79
CA GLN F 74 16.33 1.24 -14.55
C GLN F 74 16.50 -0.15 -14.02
N ALA F 75 17.05 -1.04 -14.84
CA ALA F 75 17.29 -2.42 -14.46
C ALA F 75 18.15 -2.52 -13.18
N GLU F 76 19.17 -1.66 -13.08
CA GLU F 76 20.04 -1.59 -11.91
C GLU F 76 19.31 -1.28 -10.55
N ASP F 77 18.10 -0.69 -10.58
CA ASP F 77 17.38 -0.36 -9.35
C ASP F 77 16.79 -1.58 -8.65
N GLU F 78 16.84 -2.79 -9.29
CA GLU F 78 16.36 -4.03 -8.66
C GLU F 78 17.20 -4.30 -7.36
N ALA F 79 16.56 -4.12 -6.21
CA ALA F 79 17.20 -4.21 -4.90
C ALA F 79 16.08 -4.29 -3.81
N VAL F 80 16.39 -4.29 -2.50
CA VAL F 80 15.36 -4.20 -1.48
C VAL F 80 15.52 -2.82 -0.81
N TYR F 81 14.40 -2.13 -0.66
CA TYR F 81 14.39 -0.80 -0.09
C TYR F 81 13.82 -0.87 1.32
N TYR F 82 14.59 -0.38 2.27
CA TYR F 82 14.10 -0.30 3.65
C TYR F 82 13.79 1.15 3.96
N CYS F 83 12.61 1.40 4.57
CA CYS F 83 12.32 2.76 5.05
C CYS F 83 12.81 2.82 6.50
N GLY F 84 13.25 3.99 6.90
CA GLY F 84 13.71 4.25 8.25
C GLY F 84 13.00 5.44 8.80
N ASN F 85 12.64 5.40 10.10
CA ASN F 85 11.93 6.49 10.76
C ASN F 85 11.70 6.16 12.24
N SER F 86 11.19 7.11 13.02
CA SER F 86 10.80 6.87 14.41
C SER F 86 9.39 6.32 14.42
N ASP F 87 9.11 5.45 15.37
CA ASP F 87 7.81 4.83 15.55
C ASP F 87 7.47 4.97 17.04
N SER F 88 6.74 6.05 17.39
CA SER F 88 6.33 6.39 18.76
C SER F 88 7.52 6.35 19.72
N ARG F 89 8.46 7.28 19.49
CA ARG F 89 9.67 7.46 20.28
C ARG F 89 10.59 6.21 20.27
N ASN F 90 10.55 5.45 19.16
CA ASN F 90 11.41 4.28 18.98
C ASN F 90 12.03 4.38 17.62
N VAL F 91 13.34 4.26 17.54
CA VAL F 91 14.04 4.30 16.26
C VAL F 91 13.70 3.00 15.53
N ALA F 92 13.28 3.08 14.25
CA ALA F 92 12.81 1.90 13.55
C ALA F 92 13.09 1.88 12.01
N PHE F 93 12.97 0.70 11.39
CA PHE F 93 13.08 0.42 9.98
C PHE F 93 11.90 -0.46 9.60
N GLY F 94 11.39 -0.31 8.39
CA GLY F 94 10.38 -1.22 7.88
C GLY F 94 11.00 -2.58 7.52
N ALA F 95 10.15 -3.57 7.21
CA ALA F 95 10.64 -4.92 6.94
C ALA F 95 11.40 -5.09 5.60
N GLY F 96 11.38 -4.05 4.77
CA GLY F 96 12.00 -3.99 3.46
C GLY F 96 11.11 -4.42 2.33
N THR F 97 11.09 -3.65 1.21
CA THR F 97 10.31 -3.92 -0.01
C THR F 97 11.26 -4.33 -1.09
N THR F 98 11.10 -5.55 -1.63
CA THR F 98 11.95 -6.05 -2.73
C THR F 98 11.45 -5.56 -4.10
N LEU F 99 12.12 -4.55 -4.68
CA LEU F 99 11.75 -4.06 -6.01
C LEU F 99 12.35 -4.96 -7.09
N THR F 100 11.55 -5.39 -8.06
CA THR F 100 12.04 -6.21 -9.17
C THR F 100 11.88 -5.37 -10.44
N VAL F 101 12.96 -5.15 -11.21
CA VAL F 101 12.83 -4.39 -12.46
C VAL F 101 13.01 -5.37 -13.62
N LEU F 102 11.94 -5.67 -14.32
CA LEU F 102 11.94 -6.70 -15.34
C LEU F 102 12.69 -6.36 -16.61
N ARG F 103 14.03 -6.47 -16.57
CA ARG F 103 14.80 -6.34 -17.79
C ARG F 103 14.59 -7.64 -18.63
N THR F 104 15.08 -7.64 -19.87
CA THR F 104 15.00 -8.77 -20.79
C THR F 104 15.40 -10.10 -20.15
N VAL F 105 14.63 -11.15 -20.39
CA VAL F 105 14.99 -12.48 -19.89
C VAL F 105 16.28 -12.95 -20.61
N ALA F 106 17.26 -13.40 -19.83
CA ALA F 106 18.54 -13.89 -20.33
C ALA F 106 18.71 -15.30 -19.78
N ALA F 107 18.95 -16.30 -20.65
CA ALA F 107 19.08 -17.69 -20.20
C ALA F 107 20.50 -18.01 -19.75
N PRO F 108 20.65 -18.88 -18.75
CA PRO F 108 21.99 -19.16 -18.22
C PRO F 108 22.81 -20.14 -19.04
N SER F 109 24.11 -19.87 -19.21
CA SER F 109 25.00 -20.87 -19.81
C SER F 109 25.42 -21.75 -18.62
N VAL F 110 25.33 -23.07 -18.75
CA VAL F 110 25.62 -23.98 -17.63
C VAL F 110 26.96 -24.70 -17.73
N PHE F 111 27.76 -24.73 -16.66
CA PHE F 111 29.02 -25.44 -16.66
C PHE F 111 29.06 -26.44 -15.49
N ILE F 112 29.71 -27.59 -15.67
CA ILE F 112 29.81 -28.59 -14.60
C ILE F 112 31.28 -28.94 -14.33
N PHE F 113 31.59 -29.08 -13.04
CA PHE F 113 32.94 -29.34 -12.56
C PHE F 113 33.03 -30.59 -11.70
N PRO F 114 33.85 -31.57 -12.11
CA PRO F 114 34.03 -32.77 -11.30
C PRO F 114 34.98 -32.52 -10.12
N PRO F 115 34.85 -33.31 -9.03
CA PRO F 115 35.75 -33.14 -7.89
C PRO F 115 37.20 -33.42 -8.25
N SER F 116 38.13 -32.64 -7.68
CA SER F 116 39.55 -32.78 -7.95
C SER F 116 40.15 -34.07 -7.36
N ASP F 117 41.30 -34.52 -7.88
CA ASP F 117 41.99 -35.69 -7.35
C ASP F 117 42.37 -35.46 -5.88
N GLU F 118 42.84 -34.22 -5.58
CA GLU F 118 43.23 -33.74 -4.26
C GLU F 118 42.11 -33.94 -3.26
N GLN F 119 40.87 -33.62 -3.66
CA GLN F 119 39.74 -33.77 -2.77
C GLN F 119 39.38 -35.22 -2.55
N LEU F 120 39.41 -36.03 -3.63
CA LEU F 120 39.07 -37.43 -3.52
C LEU F 120 40.01 -38.16 -2.58
N LYS F 121 41.33 -37.93 -2.73
CA LYS F 121 42.29 -38.58 -1.83
C LYS F 121 42.07 -38.22 -0.39
N SER F 122 41.51 -37.03 -0.12
CA SER F 122 41.19 -36.56 1.23
C SER F 122 40.01 -37.33 1.86
N GLY F 123 39.06 -37.77 1.03
CA GLY F 123 37.92 -38.54 1.51
C GLY F 123 36.54 -38.07 1.11
N THR F 124 36.40 -36.77 0.78
CA THR F 124 35.10 -36.22 0.38
C THR F 124 35.01 -36.01 -1.16
N ALA F 125 33.83 -35.65 -1.68
CA ALA F 125 33.64 -35.43 -3.12
C ALA F 125 32.60 -34.32 -3.41
N SER F 126 33.00 -33.24 -4.08
CA SER F 126 32.09 -32.14 -4.39
C SER F 126 32.03 -31.82 -5.88
N VAL F 127 30.85 -31.99 -6.45
CA VAL F 127 30.60 -31.69 -7.84
C VAL F 127 29.96 -30.30 -7.90
N VAL F 128 30.59 -29.37 -8.63
CA VAL F 128 30.17 -27.97 -8.71
C VAL F 128 29.44 -27.59 -10.01
N CYS F 129 28.22 -27.03 -9.92
CA CYS F 129 27.52 -26.55 -11.10
C CYS F 129 27.50 -25.04 -11.12
N LEU F 130 27.75 -24.47 -12.28
CA LEU F 130 27.81 -23.03 -12.45
C LEU F 130 26.79 -22.56 -13.49
N LEU F 131 25.98 -21.57 -13.14
CA LEU F 131 24.98 -20.99 -14.05
C LEU F 131 25.42 -19.57 -14.27
N ASN F 132 25.61 -19.13 -15.52
CA ASN F 132 26.14 -17.78 -15.76
C ASN F 132 25.17 -16.79 -16.32
N ASN F 133 25.36 -15.54 -15.96
CA ASN F 133 24.73 -14.35 -16.54
C ASN F 133 23.29 -14.53 -17.02
N PHE F 134 22.38 -14.84 -16.09
CA PHE F 134 20.96 -15.04 -16.40
C PHE F 134 20.07 -14.01 -15.71
N TYR F 135 18.82 -13.90 -16.18
CA TYR F 135 17.77 -13.03 -15.64
C TYR F 135 16.42 -13.64 -16.07
N PRO F 136 15.46 -13.79 -15.15
CA PRO F 136 15.50 -13.37 -13.75
C PRO F 136 16.24 -14.32 -12.82
N ARG F 137 16.52 -13.82 -11.60
CA ARG F 137 17.20 -14.50 -10.50
C ARG F 137 16.71 -15.93 -10.26
N GLU F 138 15.42 -16.18 -10.50
CA GLU F 138 14.79 -17.46 -10.24
C GLU F 138 15.17 -18.55 -11.19
N ALA F 139 15.75 -19.62 -10.66
CA ALA F 139 16.16 -20.79 -11.42
C ALA F 139 16.14 -22.05 -10.54
N LYS F 140 15.98 -23.22 -11.15
CA LYS F 140 15.95 -24.48 -10.43
C LYS F 140 17.10 -25.39 -10.87
N VAL F 141 18.02 -25.75 -9.95
CA VAL F 141 19.10 -26.67 -10.26
C VAL F 141 18.73 -27.99 -9.64
N GLN F 142 18.65 -29.06 -10.44
CA GLN F 142 18.30 -30.38 -9.94
C GLN F 142 19.48 -31.29 -10.20
N TRP F 143 19.99 -31.96 -9.16
CA TRP F 143 21.11 -32.88 -9.36
C TRP F 143 20.59 -34.31 -9.56
N LYS F 144 21.21 -35.05 -10.50
CA LYS F 144 20.87 -36.44 -10.79
C LYS F 144 22.16 -37.25 -10.82
N VAL F 145 22.19 -38.35 -10.06
CA VAL F 145 23.35 -39.24 -10.00
C VAL F 145 22.88 -40.57 -10.59
N ASP F 146 23.38 -40.94 -11.78
CA ASP F 146 22.96 -42.13 -12.51
C ASP F 146 21.46 -42.02 -12.86
N ASN F 147 21.00 -40.79 -13.20
CA ASN F 147 19.61 -40.44 -13.51
C ASN F 147 18.69 -40.43 -12.26
N ALA F 148 19.23 -40.70 -11.05
CA ALA F 148 18.46 -40.68 -9.82
C ALA F 148 18.47 -39.29 -9.20
N LEU F 149 17.28 -38.69 -9.02
CA LEU F 149 17.12 -37.36 -8.44
C LEU F 149 17.64 -37.22 -7.00
N GLN F 150 18.64 -36.36 -6.79
CA GLN F 150 19.23 -36.11 -5.49
C GLN F 150 18.49 -35.05 -4.71
N SER F 151 18.43 -35.21 -3.39
CA SER F 151 17.74 -34.28 -2.51
C SER F 151 18.41 -34.17 -1.15
N GLY F 152 18.49 -32.93 -0.64
CA GLY F 152 19.05 -32.64 0.68
C GLY F 152 20.57 -32.73 0.79
N ASN F 153 21.25 -32.87 -0.34
CA ASN F 153 22.70 -32.99 -0.39
C ASN F 153 23.38 -31.90 -1.22
N SER F 154 22.68 -30.81 -1.52
CA SER F 154 23.24 -29.72 -2.30
C SER F 154 22.92 -28.35 -1.69
N GLN F 155 23.74 -27.37 -1.99
CA GLN F 155 23.55 -26.01 -1.49
C GLN F 155 23.93 -25.06 -2.60
N GLU F 156 23.11 -24.03 -2.82
CA GLU F 156 23.39 -23.06 -3.88
C GLU F 156 23.55 -21.64 -3.34
N SER F 157 24.12 -20.78 -4.16
CA SER F 157 24.39 -19.39 -3.79
C SER F 157 24.40 -18.53 -5.04
N VAL F 158 23.85 -17.33 -4.95
CA VAL F 158 23.80 -16.42 -6.10
C VAL F 158 24.63 -15.19 -5.80
N THR F 159 25.38 -14.72 -6.80
CA THR F 159 26.19 -13.50 -6.66
C THR F 159 25.26 -12.28 -6.62
N GLU F 160 25.73 -11.12 -6.14
CA GLU F 160 24.94 -9.90 -6.22
C GLU F 160 24.66 -9.58 -7.71
N GLN F 161 23.45 -9.11 -8.04
CA GLN F 161 23.10 -8.78 -9.42
C GLN F 161 24.13 -7.81 -10.02
N ASP F 162 24.76 -8.16 -11.14
CA ASP F 162 25.80 -7.31 -11.74
C ASP F 162 25.37 -5.85 -11.96
N SER F 163 26.22 -4.91 -11.53
CA SER F 163 25.92 -3.49 -11.62
C SER F 163 25.75 -3.01 -13.04
N LYS F 164 26.55 -3.56 -13.96
CA LYS F 164 26.55 -3.16 -15.36
C LYS F 164 25.49 -3.84 -16.22
N ASP F 165 25.38 -5.19 -16.22
CA ASP F 165 24.39 -5.83 -17.10
C ASP F 165 23.13 -6.32 -16.40
N SER F 166 23.07 -6.23 -15.06
CA SER F 166 21.92 -6.66 -14.26
C SER F 166 21.59 -8.15 -14.36
N THR F 167 22.62 -9.02 -14.51
CA THR F 167 22.43 -10.46 -14.55
C THR F 167 22.81 -11.08 -13.18
N TYR F 168 22.62 -12.40 -13.04
CA TYR F 168 22.96 -13.14 -11.86
C TYR F 168 23.83 -14.32 -12.27
N SER F 169 24.44 -14.96 -11.29
CA SER F 169 25.22 -16.17 -11.50
C SER F 169 25.02 -17.03 -10.26
N LEU F 170 24.75 -18.30 -10.46
CA LEU F 170 24.44 -19.21 -9.35
C LEU F 170 25.44 -20.34 -9.31
N SER F 171 25.82 -20.73 -8.10
CA SER F 171 26.75 -21.83 -7.92
C SER F 171 26.10 -22.90 -7.02
N SER F 172 25.83 -24.09 -7.58
CA SER F 172 25.26 -25.18 -6.79
C SER F 172 26.34 -26.20 -6.50
N THR F 173 26.41 -26.71 -5.28
CA THR F 173 27.44 -27.68 -4.92
C THR F 173 26.82 -28.96 -4.41
N LEU F 174 27.14 -30.07 -5.06
CA LEU F 174 26.64 -31.41 -4.72
C LEU F 174 27.71 -32.10 -3.91
N THR F 175 27.42 -32.46 -2.65
CA THR F 175 28.42 -33.12 -1.81
C THR F 175 28.06 -34.57 -1.51
N LEU F 176 28.98 -35.48 -1.85
CA LEU F 176 28.87 -36.92 -1.63
C LEU F 176 30.13 -37.44 -0.94
N SER F 177 30.04 -38.62 -0.30
CA SER F 177 31.24 -39.24 0.27
C SER F 177 32.07 -39.80 -0.91
N LYS F 178 33.37 -40.06 -0.69
CA LYS F 178 34.22 -40.63 -1.74
C LYS F 178 33.69 -42.01 -2.17
N ALA F 179 33.20 -42.80 -1.20
CA ALA F 179 32.64 -44.12 -1.50
C ALA F 179 31.40 -43.98 -2.40
N ASP F 180 30.43 -43.12 -2.02
CA ASP F 180 29.23 -42.88 -2.81
C ASP F 180 29.57 -42.33 -4.20
N TYR F 181 30.59 -41.48 -4.28
CA TYR F 181 31.02 -40.92 -5.56
C TYR F 181 31.48 -42.01 -6.52
N GLU F 182 32.28 -42.96 -6.03
CA GLU F 182 32.79 -44.03 -6.87
C GLU F 182 31.74 -45.12 -7.17
N LYS F 183 30.63 -45.18 -6.40
CA LYS F 183 29.54 -46.15 -6.62
C LYS F 183 28.68 -45.85 -7.86
N HIS F 184 28.72 -44.60 -8.35
CA HIS F 184 27.96 -44.14 -9.52
C HIS F 184 28.87 -43.60 -10.60
N LYS F 185 28.36 -43.58 -11.86
CA LYS F 185 29.10 -43.16 -13.05
C LYS F 185 28.69 -41.79 -13.64
N VAL F 186 27.41 -41.57 -13.99
CA VAL F 186 27.01 -40.30 -14.62
C VAL F 186 26.48 -39.27 -13.62
N TYR F 187 27.13 -38.09 -13.60
CA TYR F 187 26.76 -36.98 -12.71
C TYR F 187 26.19 -35.83 -13.54
N ALA F 188 24.93 -35.48 -13.28
CA ALA F 188 24.24 -34.46 -14.07
C ALA F 188 23.71 -33.30 -13.25
N CYS F 189 23.62 -32.15 -13.89
CA CYS F 189 23.14 -30.92 -13.32
C CYS F 189 22.06 -30.38 -14.27
N GLU F 190 20.80 -30.39 -13.83
CA GLU F 190 19.69 -29.96 -14.67
C GLU F 190 19.21 -28.57 -14.29
N VAL F 191 19.21 -27.66 -15.26
CA VAL F 191 18.83 -26.29 -15.04
C VAL F 191 17.50 -25.88 -15.69
N THR F 192 16.53 -25.55 -14.86
CA THR F 192 15.22 -25.03 -15.28
C THR F 192 15.27 -23.48 -15.09
N HIS F 193 14.85 -22.70 -16.14
CA HIS F 193 14.85 -21.23 -16.14
C HIS F 193 13.88 -20.67 -17.17
N GLN F 194 13.32 -19.48 -16.90
CA GLN F 194 12.40 -18.79 -17.79
C GLN F 194 12.96 -18.61 -19.19
N GLY F 195 14.24 -18.32 -19.28
CA GLY F 195 14.91 -18.11 -20.56
C GLY F 195 14.98 -19.35 -21.42
N LEU F 196 15.00 -20.53 -20.79
CA LEU F 196 15.10 -21.81 -21.49
C LEU F 196 13.75 -22.43 -21.78
N SER F 197 13.63 -23.07 -22.95
CA SER F 197 12.40 -23.76 -23.32
C SER F 197 12.29 -25.12 -22.61
N SER F 198 13.41 -25.72 -22.24
CA SER F 198 13.43 -27.01 -21.57
C SER F 198 14.69 -27.18 -20.77
N PRO F 199 14.61 -27.90 -19.65
CA PRO F 199 15.76 -28.00 -18.75
C PRO F 199 17.06 -28.44 -19.40
N VAL F 200 18.08 -27.62 -19.26
CA VAL F 200 19.39 -27.93 -19.81
C VAL F 200 20.16 -28.82 -18.85
N THR F 201 20.56 -30.02 -19.31
CA THR F 201 21.31 -30.93 -18.45
C THR F 201 22.76 -31.02 -18.88
N LYS F 202 23.68 -30.58 -18.01
CA LYS F 202 25.11 -30.71 -18.26
C LYS F 202 25.58 -31.88 -17.41
N SER F 203 26.33 -32.81 -18.02
CA SER F 203 26.74 -34.02 -17.31
C SER F 203 28.15 -34.48 -17.62
N PHE F 204 28.63 -35.46 -16.88
CA PHE F 204 29.94 -36.05 -17.06
C PHE F 204 29.97 -37.47 -16.47
N ASN F 205 30.77 -38.35 -17.05
CA ASN F 205 30.92 -39.71 -16.55
C ASN F 205 32.24 -39.73 -15.77
N ARG F 206 32.22 -40.09 -14.47
CA ARG F 206 33.44 -40.06 -13.67
C ARG F 206 34.56 -40.96 -14.25
N GLY F 207 35.77 -40.40 -14.25
CA GLY F 207 36.94 -41.08 -14.78
C GLY F 207 37.24 -40.78 -16.23
N GLU F 208 36.80 -39.61 -16.72
CA GLU F 208 37.04 -39.22 -18.11
C GLU F 208 37.61 -37.81 -18.17
#